data_2UUU
#
_entry.id   2UUU
#
_cell.length_a   103.499
_cell.length_b   108.913
_cell.length_c   216.492
_cell.angle_alpha   90.00
_cell.angle_beta   90.00
_cell.angle_gamma   90.00
#
_symmetry.space_group_name_H-M   'P 21 21 21'
#
loop_
_entity.id
_entity.type
_entity.pdbx_description
1 polymer 'ALKYLDIHYDROXYACETONEPHOSPHATE SYNTHASE'
2 non-polymer 'FLAVIN-ADENINE DINUCLEOTIDE'
3 non-polymer HEXADECAN-1-OL
4 water water
#
_entity_poly.entity_id   1
_entity_poly.type   'polypeptide(L)'
_entity_poly.pdbx_seq_one_letter_code
;GAMGSPKEHIDLYQQIKWNGWGDTRKFLHQLKPSGTIAMTTPEVSSVPLPSLRGFIKKELTLPGEEDKPFVLDETPALQI
ENIHVDPPKQYPEFVRELKAFFLPDQLKDDKLARITHTFGKSLRDLIRVRIGQVKNAPDLIVLPHSHEEVERLVQLAHKY
NVVIIPMGGGSNIVGAIEPVSNERFTVSIDMRRMNKVLWVDRREMTACIQVGIMGPELEKQLHKQGVSLGHDPDSFEFST
LGGWLATCSSGHQSDKYGDIEDMAVSFRTVTPTGTLELRNGARSGAGINYKHIILGSEGTLGIITEAVMKVHAVPQAVEY
YGFLFPTFAHAVSALQQIRSSEVIPTMIRVYDPEETQLSFAWKPSKGAVSEFTSAMVKKYLHYIRSFDFKNVCLSIIGFE
GPKKVVDFHRTSVFDILSKNAAFGLGSAPGKTWAEKRYDLPYIRDFLLDHNMWVDVAETTVSYANLQTLWKDAKQTFVKH
FKDQGIPAWICAHISHTYTNGVCLYFIFASKQNENKDMAQYIEAKKLMTDIIFKYGGSLSHHHGVGYEHVPWMTRYATRG
WINVYRSLKETIDPKDICNPRKLI
;
_entity_poly.pdbx_strand_id   A,B,C,D
#
loop_
_chem_comp.id
_chem_comp.type
_chem_comp.name
_chem_comp.formula
FAD non-polymer 'FLAVIN-ADENINE DINUCLEOTIDE' 'C27 H33 N9 O15 P2'
PL3 non-polymer HEXADECAN-1-OL 'C16 H34 O'
#
# COMPACT_ATOMS: atom_id res chain seq x y z
N MET A 3 -37.20 58.09 -35.54
CA MET A 3 -36.40 57.54 -36.69
C MET A 3 -35.07 58.25 -36.92
N GLY A 4 -35.03 59.55 -36.61
CA GLY A 4 -33.78 60.30 -36.68
C GLY A 4 -32.93 59.97 -35.47
N SER A 5 -31.61 60.14 -35.61
CA SER A 5 -30.72 60.17 -34.46
C SER A 5 -31.19 61.33 -33.57
N PRO A 6 -31.07 61.19 -32.23
CA PRO A 6 -31.55 62.24 -31.30
C PRO A 6 -30.82 63.56 -31.49
N LYS A 7 -31.42 64.66 -31.04
CA LYS A 7 -30.79 65.97 -31.18
C LYS A 7 -29.39 65.99 -30.53
N GLU A 8 -28.44 66.57 -31.26
CA GLU A 8 -27.03 66.73 -30.82
C GLU A 8 -26.14 65.48 -30.88
N HIS A 9 -26.69 64.36 -31.37
CA HIS A 9 -25.91 63.15 -31.61
C HIS A 9 -24.74 63.40 -32.59
N ILE A 10 -23.54 62.91 -32.22
CA ILE A 10 -22.34 62.85 -33.09
C ILE A 10 -21.88 61.40 -33.19
N ASP A 11 -21.41 60.97 -34.37
CA ASP A 11 -21.07 59.54 -34.54
C ASP A 11 -19.71 59.17 -33.96
N LEU A 12 -19.55 57.89 -33.64
CA LEU A 12 -18.32 57.40 -33.04
C LEU A 12 -17.10 57.52 -33.95
N TYR A 13 -17.30 57.46 -35.27
CA TYR A 13 -16.17 57.62 -36.22
C TYR A 13 -15.56 59.04 -36.13
N GLN A 14 -16.32 59.99 -35.60
CA GLN A 14 -15.84 61.34 -35.37
C GLN A 14 -15.25 61.55 -33.98
N GLN A 15 -15.47 60.59 -33.09
CA GLN A 15 -14.98 60.70 -31.71
C GLN A 15 -13.72 59.85 -31.43
N ILE A 16 -13.40 58.97 -32.38
CA ILE A 16 -12.23 58.10 -32.34
C ILE A 16 -11.20 58.62 -33.36
N LYS A 17 -9.92 58.64 -33.01
CA LYS A 17 -8.89 59.27 -33.88
C LYS A 17 -8.86 58.59 -35.24
N TRP A 18 -8.75 59.39 -36.30
CA TRP A 18 -8.79 58.84 -37.64
C TRP A 18 -7.38 58.42 -38.08
N ASN A 19 -6.36 58.82 -37.35
CA ASN A 19 -5.01 58.41 -37.71
C ASN A 19 -4.24 57.93 -36.48
N GLY A 20 -5.00 57.49 -35.48
CA GLY A 20 -4.41 57.06 -34.21
C GLY A 20 -5.42 56.15 -33.46
N TRP A 21 -5.20 56.01 -32.16
CA TRP A 21 -6.03 55.08 -31.33
C TRP A 21 -7.02 55.90 -30.47
N GLY A 22 -8.25 55.43 -30.34
CA GLY A 22 -9.06 55.82 -29.18
C GLY A 22 -9.64 57.22 -29.21
N ASP A 23 -9.95 57.75 -28.02
CA ASP A 23 -10.67 59.03 -27.88
C ASP A 23 -9.83 60.20 -28.48
N THR A 24 -10.45 60.99 -29.38
CA THR A 24 -9.76 62.19 -29.92
C THR A 24 -9.28 63.17 -28.83
N ARG A 25 -9.96 63.17 -27.66
CA ARG A 25 -9.66 64.06 -26.53
C ARG A 25 -8.57 63.54 -25.56
N LYS A 26 -8.05 62.34 -25.84
CA LYS A 26 -7.10 61.70 -24.93
C LYS A 26 -5.81 61.39 -25.64
N PHE A 27 -4.69 61.80 -25.05
CA PHE A 27 -3.41 61.66 -25.75
C PHE A 27 -2.22 62.02 -24.87
N LEU A 28 -1.05 61.44 -25.18
CA LEU A 28 0.21 61.86 -24.57
C LEU A 28 0.81 63.03 -25.37
N HIS A 29 1.55 63.92 -24.71
CA HIS A 29 2.13 65.08 -25.39
C HIS A 29 3.34 65.58 -24.61
N GLN A 30 4.22 66.29 -25.31
CA GLN A 30 5.41 66.83 -24.70
C GLN A 30 5.13 68.24 -24.22
N LEU A 31 5.25 68.50 -22.92
CA LEU A 31 5.13 69.87 -22.43
C LEU A 31 6.40 70.65 -22.86
N LYS A 32 6.23 71.92 -23.22
CA LYS A 32 7.36 72.76 -23.65
C LYS A 32 7.36 74.05 -22.84
N PRO A 33 8.54 74.54 -22.41
CA PRO A 33 9.93 74.11 -22.69
C PRO A 33 10.49 72.99 -21.80
N SER A 34 9.72 72.49 -20.82
CA SER A 34 10.29 71.49 -19.87
C SER A 34 10.69 70.15 -20.50
N GLY A 35 9.99 69.73 -21.57
CA GLY A 35 10.22 68.44 -22.21
C GLY A 35 9.49 67.29 -21.51
N THR A 36 8.75 67.61 -20.46
CA THR A 36 8.08 66.60 -19.66
C THR A 36 6.92 65.99 -20.46
N ILE A 37 6.81 64.67 -20.43
CA ILE A 37 5.69 64.00 -21.07
C ILE A 37 4.50 63.99 -20.13
N ALA A 38 3.31 64.25 -20.70
CA ALA A 38 2.10 64.41 -19.95
C ALA A 38 0.95 63.66 -20.66
N MET A 39 -0.04 63.26 -19.87
CA MET A 39 -1.26 62.67 -20.42
C MET A 39 -2.44 63.63 -20.25
N THR A 40 -3.17 63.88 -21.34
CA THR A 40 -4.44 64.60 -21.30
C THR A 40 -5.56 63.59 -21.55
N THR A 41 -6.65 63.75 -20.80
CA THR A 41 -7.90 63.02 -21.02
C THR A 41 -9.03 64.09 -21.04
N PRO A 42 -10.23 63.74 -21.54
CA PRO A 42 -11.35 64.70 -21.45
C PRO A 42 -11.69 65.09 -19.99
N GLU A 43 -11.33 64.25 -19.02
CA GLU A 43 -11.59 64.62 -17.62
C GLU A 43 -10.53 65.45 -16.88
N VAL A 44 -9.26 65.32 -17.28
CA VAL A 44 -8.21 66.18 -16.76
C VAL A 44 -7.08 66.39 -17.76
N SER A 45 -6.69 67.64 -17.92
CA SER A 45 -5.64 67.99 -18.87
C SER A 45 -4.20 67.95 -18.28
N SER A 46 -3.25 67.57 -19.14
CA SER A 46 -1.78 67.67 -18.89
C SER A 46 -1.30 67.20 -17.52
N VAL A 47 -1.58 65.95 -17.17
CA VAL A 47 -1.00 65.36 -15.97
C VAL A 47 0.42 64.86 -16.30
N PRO A 48 1.46 65.45 -15.67
CA PRO A 48 2.83 65.00 -15.93
C PRO A 48 3.07 63.52 -15.64
N LEU A 49 3.89 62.90 -16.47
CA LEU A 49 4.39 61.54 -16.26
C LEU A 49 5.91 61.73 -16.13
N PRO A 50 6.37 62.19 -14.94
CA PRO A 50 7.73 62.75 -14.87
C PRO A 50 8.88 61.77 -15.15
N SER A 51 8.60 60.47 -15.05
CA SER A 51 9.64 59.45 -15.29
C SER A 51 9.71 58.95 -16.74
N LEU A 52 8.72 59.32 -17.54
CA LEU A 52 8.56 58.67 -18.85
C LEU A 52 9.62 59.15 -19.86
N ARG A 53 9.94 60.43 -19.85
CA ARG A 53 10.94 60.92 -20.79
C ARG A 53 12.27 60.23 -20.57
N GLY A 54 12.66 60.07 -19.30
CA GLY A 54 13.97 59.49 -18.94
C GLY A 54 14.03 58.01 -19.32
N PHE A 55 12.88 57.33 -19.27
CA PHE A 55 12.83 55.92 -19.69
C PHE A 55 13.10 55.79 -21.20
N ILE A 56 12.39 56.57 -22.00
CA ILE A 56 12.60 56.60 -23.45
C ILE A 56 14.04 57.02 -23.78
N LYS A 57 14.53 58.04 -23.10
CA LYS A 57 15.96 58.49 -23.30
C LYS A 57 16.91 57.30 -23.11
N LYS A 58 16.78 56.60 -21.97
CA LYS A 58 17.68 55.49 -21.60
C LYS A 58 17.65 54.35 -22.62
N GLU A 59 16.44 53.97 -23.03
CA GLU A 59 16.19 52.79 -23.87
C GLU A 59 16.46 52.99 -25.36
N LEU A 60 16.17 54.18 -25.85
CA LEU A 60 16.29 54.42 -27.28
C LEU A 60 17.21 55.60 -27.56
N THR A 61 18.46 55.48 -27.07
CA THR A 61 19.53 56.35 -27.54
C THR A 61 20.75 55.54 -27.98
N LYS A 68 25.29 64.23 -24.05
CA LYS A 68 24.51 64.91 -25.07
C LYS A 68 23.03 65.05 -24.69
N PRO A 69 22.49 66.29 -24.74
CA PRO A 69 21.06 66.57 -24.54
C PRO A 69 20.11 65.75 -25.43
N PHE A 70 19.14 65.08 -24.78
CA PHE A 70 18.14 64.27 -25.47
C PHE A 70 16.99 65.11 -26.05
N VAL A 71 16.73 64.96 -27.34
CA VAL A 71 15.67 65.68 -28.02
C VAL A 71 14.74 64.67 -28.69
N LEU A 72 13.44 64.86 -28.52
CA LEU A 72 12.45 64.11 -29.27
C LEU A 72 12.28 64.80 -30.62
N ASP A 73 12.65 64.11 -31.69
CA ASP A 73 12.51 64.64 -33.03
C ASP A 73 11.07 64.47 -33.55
N GLU A 74 10.42 65.56 -33.92
CA GLU A 74 8.98 65.54 -34.23
C GLU A 74 8.68 65.08 -35.65
N THR A 75 7.81 64.08 -35.79
CA THR A 75 7.40 63.55 -37.10
C THR A 75 5.87 63.53 -37.22
N PRO A 76 5.25 64.70 -37.45
CA PRO A 76 3.78 64.76 -37.42
C PRO A 76 3.09 64.04 -38.60
N ALA A 77 1.89 63.51 -38.37
CA ALA A 77 1.05 62.98 -39.45
C ALA A 77 0.55 64.12 -40.36
N LEU A 78 0.21 63.80 -41.62
CA LEU A 78 -0.35 64.81 -42.52
C LEU A 78 -1.73 65.19 -41.98
N GLN A 79 -2.10 66.47 -42.14
CA GLN A 79 -3.45 66.94 -41.84
C GLN A 79 -4.44 66.36 -42.86
N ILE A 80 -5.68 66.17 -42.44
CA ILE A 80 -6.70 65.55 -43.28
C ILE A 80 -6.98 66.28 -44.60
N GLU A 81 -6.97 67.61 -44.58
CA GLU A 81 -7.27 68.34 -45.80
C GLU A 81 -6.12 68.24 -46.84
N ASN A 82 -4.95 67.80 -46.39
CA ASN A 82 -3.82 67.50 -47.28
C ASN A 82 -3.73 66.04 -47.82
N ILE A 83 -4.73 65.22 -47.54
CA ILE A 83 -4.72 63.85 -48.03
C ILE A 83 -5.57 63.68 -49.30
N HIS A 84 -5.01 63.04 -50.32
CA HIS A 84 -5.77 62.74 -51.54
C HIS A 84 -6.55 61.44 -51.43
N VAL A 85 -7.81 61.51 -51.85
CA VAL A 85 -8.66 60.31 -51.95
C VAL A 85 -9.38 60.45 -53.28
N ASP A 86 -9.28 59.40 -54.10
CA ASP A 86 -9.94 59.42 -55.40
C ASP A 86 -11.42 59.68 -55.18
N PRO A 87 -12.08 60.43 -56.10
CA PRO A 87 -13.53 60.58 -55.95
C PRO A 87 -14.26 59.23 -55.83
N PRO A 88 -15.36 59.21 -55.07
CA PRO A 88 -16.16 57.98 -54.97
C PRO A 88 -16.89 57.63 -56.26
N LYS A 89 -17.16 56.35 -56.46
CA LYS A 89 -17.99 55.89 -57.55
C LYS A 89 -19.42 56.39 -57.40
N GLN A 90 -20.16 56.37 -58.51
CA GLN A 90 -21.55 56.81 -58.51
C GLN A 90 -22.38 55.61 -58.89
N TYR A 91 -23.51 55.43 -58.21
CA TYR A 91 -24.49 54.40 -58.54
C TYR A 91 -25.85 55.03 -58.28
N PRO A 92 -26.29 55.97 -59.14
CA PRO A 92 -27.46 56.79 -58.87
C PRO A 92 -28.72 55.96 -58.51
N GLU A 93 -28.99 54.90 -59.26
CA GLU A 93 -30.19 54.09 -59.01
C GLU A 93 -30.17 53.37 -57.67
N PHE A 94 -28.98 52.90 -57.25
CA PHE A 94 -28.84 52.26 -55.95
C PHE A 94 -29.02 53.26 -54.82
N VAL A 95 -28.31 54.39 -54.90
CA VAL A 95 -28.42 55.45 -53.90
C VAL A 95 -29.84 56.04 -53.76
N ARG A 96 -30.55 56.15 -54.86
CA ARG A 96 -31.91 56.69 -54.80
C ARG A 96 -32.85 55.72 -54.09
N GLU A 97 -32.64 54.42 -54.24
CA GLU A 97 -33.42 53.44 -53.49
C GLU A 97 -33.17 53.57 -52.00
N LEU A 98 -31.90 53.69 -51.63
CA LEU A 98 -31.51 53.94 -50.23
C LEU A 98 -32.28 55.12 -49.63
N LYS A 99 -32.46 56.17 -50.41
CA LYS A 99 -33.10 57.38 -49.86
C LYS A 99 -34.61 57.27 -49.63
N ALA A 100 -35.23 56.22 -50.16
CA ALA A 100 -36.62 55.95 -49.88
C ALA A 100 -36.84 55.28 -48.51
N PHE A 101 -35.76 54.78 -47.91
CA PHE A 101 -35.83 54.07 -46.63
C PHE A 101 -34.89 54.63 -45.57
N PHE A 102 -33.81 55.28 -45.99
CA PHE A 102 -32.81 55.81 -45.06
C PHE A 102 -32.81 57.32 -45.04
N LEU A 103 -32.53 57.90 -43.88
CA LEU A 103 -32.47 59.34 -43.73
C LEU A 103 -31.12 59.83 -44.24
N PRO A 104 -31.07 61.09 -44.73
CA PRO A 104 -29.78 61.70 -45.10
C PRO A 104 -28.71 61.61 -44.02
N ASP A 105 -29.07 61.72 -42.74
CA ASP A 105 -28.02 61.67 -41.74
C ASP A 105 -27.42 60.24 -41.56
N GLN A 106 -28.08 59.24 -42.13
CA GLN A 106 -27.56 57.86 -42.09
C GLN A 106 -26.60 57.55 -43.23
N LEU A 107 -26.44 58.49 -44.16
CA LEU A 107 -25.62 58.27 -45.36
C LEU A 107 -24.47 59.29 -45.42
N LYS A 108 -23.23 58.82 -45.48
CA LYS A 108 -22.06 59.73 -45.46
C LYS A 108 -21.06 59.35 -46.56
N ASP A 109 -20.51 60.36 -47.24
CA ASP A 109 -19.50 60.09 -48.26
C ASP A 109 -18.40 61.14 -48.37
N ASP A 110 -18.20 61.93 -47.31
CA ASP A 110 -17.12 62.94 -47.24
C ASP A 110 -15.79 62.26 -46.93
N LYS A 111 -14.70 63.02 -47.03
CA LYS A 111 -13.38 62.46 -46.82
C LYS A 111 -13.17 61.79 -45.45
N LEU A 112 -13.65 62.41 -44.37
CA LEU A 112 -13.44 61.89 -43.04
C LEU A 112 -14.12 60.53 -42.93
N ALA A 113 -15.40 60.46 -43.32
CA ALA A 113 -16.15 59.18 -43.29
C ALA A 113 -15.43 58.10 -44.10
N ARG A 114 -14.98 58.45 -45.30
CA ARG A 114 -14.33 57.48 -46.19
C ARG A 114 -13.02 56.93 -45.60
N ILE A 115 -12.14 57.81 -45.12
CA ILE A 115 -10.87 57.38 -44.50
C ILE A 115 -11.06 56.53 -43.23
N THR A 116 -11.94 56.96 -42.31
CA THR A 116 -12.22 56.22 -41.06
C THR A 116 -12.94 54.88 -41.28
N HIS A 117 -13.36 54.61 -42.52
CA HIS A 117 -13.99 53.29 -42.86
C HIS A 117 -13.14 52.53 -43.89
N THR A 118 -11.85 52.89 -43.95
CA THR A 118 -10.89 52.23 -44.86
C THR A 118 -9.90 51.39 -44.06
N PHE A 119 -9.43 51.95 -42.96
CA PHE A 119 -8.32 51.45 -42.17
C PHE A 119 -8.72 50.90 -40.80
N GLY A 120 -8.09 49.80 -40.42
CA GLY A 120 -8.08 49.40 -39.01
C GLY A 120 -6.93 50.04 -38.21
N LYS A 121 -6.44 49.33 -37.18
CA LYS A 121 -5.48 49.93 -36.28
C LYS A 121 -4.16 49.21 -36.18
N SER A 122 -3.73 48.53 -37.25
CA SER A 122 -2.42 47.90 -37.27
C SER A 122 -1.40 48.99 -37.49
N LEU A 123 -0.13 48.69 -37.21
CA LEU A 123 0.98 49.62 -37.52
C LEU A 123 0.95 50.02 -39.00
N ARG A 124 0.78 49.04 -39.88
CA ARG A 124 0.79 49.29 -41.34
C ARG A 124 -0.36 50.26 -41.72
N ASP A 125 -1.53 50.08 -41.10
CA ASP A 125 -2.68 51.00 -41.24
C ASP A 125 -2.30 52.45 -40.82
N LEU A 126 -1.79 52.60 -39.59
CA LEU A 126 -1.37 53.92 -39.06
C LEU A 126 -0.31 54.55 -39.91
N ILE A 127 0.69 53.75 -40.33
CA ILE A 127 1.79 54.31 -41.16
C ILE A 127 1.19 54.91 -42.45
N ARG A 128 0.30 54.15 -43.11
CA ARG A 128 -0.28 54.58 -44.37
C ARG A 128 -1.21 55.80 -44.25
N VAL A 129 -2.07 55.84 -43.24
CA VAL A 129 -2.99 56.97 -43.10
C VAL A 129 -2.20 58.26 -42.73
N ARG A 130 -1.16 58.10 -41.92
CA ARG A 130 -0.34 59.20 -41.48
C ARG A 130 0.42 59.89 -42.62
N ILE A 131 0.65 59.15 -43.71
CA ILE A 131 1.29 59.70 -44.91
C ILE A 131 0.30 59.93 -46.07
N GLY A 132 -0.99 59.73 -45.84
CA GLY A 132 -2.00 60.04 -46.85
C GLY A 132 -2.09 59.05 -48.00
N GLN A 133 -1.70 57.81 -47.73
CA GLN A 133 -1.74 56.73 -48.72
C GLN A 133 -3.08 56.00 -48.63
N VAL A 134 -4.03 56.37 -49.49
CA VAL A 134 -5.44 55.86 -49.37
C VAL A 134 -5.89 55.35 -50.73
N LYS A 135 -5.64 54.07 -51.00
CA LYS A 135 -5.84 53.52 -52.36
C LYS A 135 -7.22 52.92 -52.62
N ASN A 136 -7.88 52.38 -51.60
CA ASN A 136 -9.18 51.72 -51.79
C ASN A 136 -10.19 52.08 -50.70
N ALA A 137 -10.72 53.30 -50.75
CA ALA A 137 -11.75 53.72 -49.83
C ALA A 137 -13.12 53.21 -50.27
N PRO A 138 -14.04 52.98 -49.29
CA PRO A 138 -15.42 52.69 -49.70
C PRO A 138 -16.04 53.95 -50.37
N ASP A 139 -17.12 53.75 -51.11
CA ASP A 139 -17.76 54.85 -51.83
C ASP A 139 -18.82 55.55 -50.98
N LEU A 140 -19.37 54.80 -50.01
CA LEU A 140 -20.47 55.28 -49.18
C LEU A 140 -20.45 54.57 -47.82
N ILE A 141 -20.77 55.31 -46.76
CA ILE A 141 -20.93 54.76 -45.42
C ILE A 141 -22.43 54.84 -45.10
N VAL A 142 -23.00 53.71 -44.68
CA VAL A 142 -24.38 53.66 -44.17
C VAL A 142 -24.35 53.26 -42.69
N LEU A 143 -25.13 53.99 -41.89
CA LEU A 143 -25.26 53.77 -40.46
C LEU A 143 -26.71 53.38 -40.12
N PRO A 144 -27.04 52.08 -40.25
CA PRO A 144 -28.39 51.59 -39.92
C PRO A 144 -28.76 51.69 -38.41
N HIS A 145 -30.05 51.76 -38.15
CA HIS A 145 -30.56 51.98 -36.79
C HIS A 145 -31.21 50.74 -36.19
N SER A 146 -31.41 49.69 -36.99
CA SER A 146 -32.13 48.51 -36.51
C SER A 146 -31.89 47.31 -37.38
N HIS A 147 -32.21 46.14 -36.84
CA HIS A 147 -32.14 44.87 -37.60
C HIS A 147 -32.89 44.95 -38.93
N GLU A 148 -34.12 45.48 -38.89
CA GLU A 148 -34.93 45.61 -40.11
C GLU A 148 -34.26 46.44 -41.22
N GLU A 149 -33.60 47.52 -40.81
CA GLU A 149 -32.88 48.39 -41.75
C GLU A 149 -31.65 47.69 -42.38
N VAL A 150 -31.00 46.83 -41.60
CA VAL A 150 -29.86 46.03 -42.16
C VAL A 150 -30.40 45.05 -43.21
N GLU A 151 -31.55 44.43 -42.91
CA GLU A 151 -32.20 43.55 -43.86
C GLU A 151 -32.49 44.28 -45.17
N ARG A 152 -33.08 45.49 -45.09
CA ARG A 152 -33.37 46.30 -46.27
C ARG A 152 -32.06 46.59 -47.06
N LEU A 153 -31.03 47.04 -46.35
CA LEU A 153 -29.73 47.39 -46.95
C LEU A 153 -29.09 46.19 -47.66
N VAL A 154 -29.08 45.05 -47.00
CA VAL A 154 -28.48 43.86 -47.60
C VAL A 154 -29.30 43.38 -48.81
N GLN A 155 -30.64 43.37 -48.71
CA GLN A 155 -31.49 43.04 -49.89
C GLN A 155 -31.17 43.93 -51.10
N LEU A 156 -31.15 45.25 -50.88
CA LEU A 156 -30.78 46.20 -51.92
C LEU A 156 -29.37 45.99 -52.50
N ALA A 157 -28.38 45.76 -51.63
CA ALA A 157 -26.99 45.50 -52.09
C ALA A 157 -26.92 44.25 -52.96
N HIS A 158 -27.64 43.20 -52.57
CA HIS A 158 -27.70 41.99 -53.40
C HIS A 158 -28.36 42.27 -54.76
N LYS A 159 -29.52 42.94 -54.76
CA LYS A 159 -30.23 43.28 -55.99
C LYS A 159 -29.36 44.11 -56.93
N TYR A 160 -28.64 45.10 -56.39
CA TYR A 160 -27.88 46.04 -57.22
C TYR A 160 -26.41 45.62 -57.44
N ASN A 161 -26.01 44.48 -56.87
CA ASN A 161 -24.63 43.96 -56.89
C ASN A 161 -23.61 44.93 -56.30
N VAL A 162 -23.86 45.33 -55.05
CA VAL A 162 -23.01 46.30 -54.34
C VAL A 162 -22.23 45.64 -53.20
N VAL A 163 -20.92 45.86 -53.16
CA VAL A 163 -20.07 45.30 -52.07
C VAL A 163 -20.43 45.93 -50.70
N ILE A 164 -20.59 45.08 -49.69
CA ILE A 164 -20.92 45.52 -48.33
C ILE A 164 -19.88 45.00 -47.34
N ILE A 165 -19.35 45.91 -46.50
CA ILE A 165 -18.35 45.51 -45.49
C ILE A 165 -18.76 46.06 -44.13
N PRO A 166 -19.17 45.17 -43.18
CA PRO A 166 -19.57 45.73 -41.87
C PRO A 166 -18.35 46.17 -41.04
N MET A 167 -18.51 47.23 -40.25
CA MET A 167 -17.48 47.65 -39.30
C MET A 167 -18.09 47.91 -37.93
N GLY A 168 -17.32 47.54 -36.91
CA GLY A 168 -17.62 47.92 -35.55
C GLY A 168 -16.67 49.03 -35.14
N GLY A 169 -15.66 48.69 -34.35
CA GLY A 169 -14.71 49.67 -33.89
C GLY A 169 -13.61 49.96 -34.91
N GLY A 170 -13.46 49.12 -35.93
CA GLY A 170 -12.32 49.23 -36.84
C GLY A 170 -10.96 49.06 -36.14
N SER A 171 -10.96 48.28 -35.06
CA SER A 171 -9.78 47.97 -34.23
C SER A 171 -8.93 46.74 -34.67
N ASN A 172 -9.43 45.94 -35.59
CA ASN A 172 -8.69 44.79 -36.11
C ASN A 172 -7.32 45.22 -36.70
N ILE A 173 -6.37 44.29 -36.65
CA ILE A 173 -5.02 44.59 -37.08
C ILE A 173 -4.62 43.71 -38.27
N VAL A 174 -5.61 43.12 -38.94
CA VAL A 174 -5.34 42.18 -40.05
C VAL A 174 -5.85 42.64 -41.42
N GLY A 175 -6.35 43.87 -41.49
CA GLY A 175 -6.92 44.44 -42.71
C GLY A 175 -8.31 43.97 -43.05
N ALA A 176 -9.06 43.50 -42.04
CA ALA A 176 -10.34 42.83 -42.31
C ALA A 176 -11.49 43.72 -42.83
N ILE A 177 -11.39 45.03 -42.62
CA ILE A 177 -12.42 45.93 -43.19
C ILE A 177 -11.97 46.72 -44.45
N GLU A 178 -10.69 46.58 -44.79
CA GLU A 178 -10.17 47.34 -45.92
C GLU A 178 -10.59 46.74 -47.25
N PRO A 179 -11.30 47.54 -48.10
CA PRO A 179 -11.77 47.03 -49.39
C PRO A 179 -10.61 46.48 -50.23
N VAL A 180 -10.83 45.33 -50.85
CA VAL A 180 -9.74 44.59 -51.52
C VAL A 180 -9.64 44.97 -52.99
N SER A 181 -10.75 45.43 -53.56
CA SER A 181 -10.76 45.88 -54.95
C SER A 181 -11.73 47.04 -55.12
N ASN A 182 -11.70 47.63 -56.31
CA ASN A 182 -12.60 48.73 -56.66
C ASN A 182 -13.46 48.46 -57.90
N GLU A 183 -13.74 47.18 -58.20
CA GLU A 183 -14.53 46.88 -59.41
C GLU A 183 -15.97 47.39 -59.26
N ARG A 184 -16.57 47.11 -58.10
CA ARG A 184 -17.96 47.39 -57.85
C ARG A 184 -18.11 48.55 -56.85
N PHE A 185 -19.29 49.17 -56.87
CA PHE A 185 -19.65 50.17 -55.86
C PHE A 185 -19.60 49.55 -54.44
N THR A 186 -18.94 50.25 -53.52
CA THR A 186 -18.73 49.69 -52.17
C THR A 186 -19.18 50.50 -50.96
N VAL A 187 -19.95 49.81 -50.12
CA VAL A 187 -20.56 50.39 -48.94
C VAL A 187 -19.94 49.78 -47.66
N SER A 188 -19.50 50.67 -46.77
CA SER A 188 -19.14 50.34 -45.39
C SER A 188 -20.41 50.48 -44.56
N ILE A 189 -20.75 49.42 -43.85
CA ILE A 189 -21.91 49.43 -42.94
C ILE A 189 -21.39 49.57 -41.52
N ASP A 190 -21.42 50.80 -41.05
CA ASP A 190 -21.00 51.15 -39.70
C ASP A 190 -22.14 50.77 -38.73
N MET A 191 -21.89 49.76 -37.89
CA MET A 191 -22.94 49.22 -37.01
C MET A 191 -23.20 49.99 -35.70
N ARG A 192 -22.41 51.03 -35.47
CA ARG A 192 -22.31 51.66 -34.16
C ARG A 192 -23.49 52.49 -33.65
N ARG A 193 -24.45 52.77 -34.50
CA ARG A 193 -25.71 53.37 -34.00
C ARG A 193 -26.65 52.29 -33.44
N MET A 194 -26.35 51.01 -33.74
CA MET A 194 -27.12 49.90 -33.14
C MET A 194 -26.43 49.47 -31.87
N ASN A 195 -26.70 50.20 -30.78
CA ASN A 195 -25.80 50.18 -29.63
C ASN A 195 -26.53 50.05 -28.31
N LYS A 196 -27.70 49.42 -28.31
CA LYS A 196 -28.51 49.26 -27.10
C LYS A 196 -28.58 47.81 -26.64
N VAL A 197 -28.57 47.63 -25.33
CA VAL A 197 -29.04 46.36 -24.72
C VAL A 197 -30.58 46.34 -24.86
N LEU A 198 -31.11 45.32 -25.53
CA LEU A 198 -32.57 45.26 -25.84
C LEU A 198 -33.36 44.68 -24.70
N TRP A 199 -32.81 43.66 -24.05
CA TRP A 199 -33.36 43.12 -22.80
C TRP A 199 -32.37 42.31 -21.99
N VAL A 200 -32.65 42.20 -20.70
CA VAL A 200 -31.85 41.33 -19.81
C VAL A 200 -32.84 40.39 -19.13
N ASP A 201 -32.50 39.10 -19.08
CA ASP A 201 -33.33 38.14 -18.35
C ASP A 201 -32.51 37.59 -17.19
N ARG A 202 -32.78 38.08 -15.97
CA ARG A 202 -31.92 37.72 -14.84
C ARG A 202 -32.15 36.30 -14.35
N ARG A 203 -33.31 35.73 -14.67
CA ARG A 203 -33.57 34.36 -14.31
C ARG A 203 -32.79 33.38 -15.16
N GLU A 204 -32.74 33.62 -16.46
CA GLU A 204 -32.02 32.76 -17.42
C GLU A 204 -30.54 33.17 -17.50
N MET A 205 -30.23 34.34 -16.93
CA MET A 205 -28.89 34.99 -17.09
C MET A 205 -28.47 35.08 -18.55
N THR A 206 -29.31 35.75 -19.34
CA THR A 206 -29.03 36.03 -20.76
C THR A 206 -29.38 37.49 -21.03
N ALA A 207 -28.76 38.07 -22.05
CA ALA A 207 -29.17 39.43 -22.49
C ALA A 207 -29.11 39.52 -24.01
N CYS A 208 -30.04 40.26 -24.57
CA CYS A 208 -30.09 40.47 -25.99
C CYS A 208 -29.55 41.87 -26.25
N ILE A 209 -28.51 41.89 -27.07
CA ILE A 209 -27.71 43.11 -27.26
C ILE A 209 -27.55 43.40 -28.77
N GLN A 210 -27.80 44.65 -29.20
CA GLN A 210 -27.41 45.08 -30.53
C GLN A 210 -25.86 45.13 -30.62
N VAL A 211 -25.29 44.50 -31.64
CA VAL A 211 -23.89 44.17 -31.60
C VAL A 211 -22.95 45.31 -32.02
N GLY A 212 -23.51 46.43 -32.49
CA GLY A 212 -22.72 47.68 -32.73
C GLY A 212 -22.26 48.40 -31.45
N ILE A 213 -22.72 47.94 -30.30
CA ILE A 213 -22.37 48.53 -28.98
C ILE A 213 -20.86 48.39 -28.68
N MET A 214 -20.26 49.45 -28.14
CA MET A 214 -18.82 49.41 -27.74
C MET A 214 -18.67 48.80 -26.35
N GLY A 215 -17.48 48.22 -26.07
CA GLY A 215 -17.22 47.53 -24.81
C GLY A 215 -17.72 48.24 -23.54
N PRO A 216 -17.23 49.48 -23.28
CA PRO A 216 -17.58 50.13 -22.01
C PRO A 216 -19.08 50.44 -21.88
N GLU A 217 -19.72 50.77 -23.00
CA GLU A 217 -21.16 51.03 -23.04
C GLU A 217 -21.94 49.76 -22.75
N LEU A 218 -21.47 48.63 -23.31
CA LEU A 218 -22.08 47.34 -22.99
C LEU A 218 -22.02 47.05 -21.49
N GLU A 219 -20.82 47.15 -20.90
CA GLU A 219 -20.70 46.79 -19.49
C GLU A 219 -21.50 47.76 -18.58
N LYS A 220 -21.50 49.04 -18.97
CA LYS A 220 -22.28 50.08 -18.28
C LYS A 220 -23.78 49.76 -18.30
N GLN A 221 -24.33 49.51 -19.50
CA GLN A 221 -25.77 49.20 -19.67
CA GLN A 221 -25.76 49.22 -19.62
C GLN A 221 -26.16 47.91 -18.94
N LEU A 222 -25.33 46.87 -19.04
CA LEU A 222 -25.60 45.60 -18.33
C LEU A 222 -25.55 45.75 -16.82
N HIS A 223 -24.59 46.51 -16.32
CA HIS A 223 -24.45 46.79 -14.88
C HIS A 223 -25.70 47.43 -14.28
N LYS A 224 -26.33 48.33 -15.03
CA LYS A 224 -27.59 48.95 -14.61
C LYS A 224 -28.68 47.89 -14.29
N GLN A 225 -28.61 46.74 -14.95
CA GLN A 225 -29.55 45.65 -14.78
C GLN A 225 -28.96 44.54 -13.90
N GLY A 226 -27.83 44.84 -13.26
CA GLY A 226 -27.24 43.97 -12.24
C GLY A 226 -26.41 42.82 -12.81
N VAL A 227 -26.00 42.93 -14.08
CA VAL A 227 -25.27 41.80 -14.73
C VAL A 227 -24.03 42.30 -15.47
N SER A 228 -23.21 41.35 -15.93
CA SER A 228 -21.98 41.66 -16.64
C SER A 228 -21.67 40.55 -17.69
N LEU A 229 -20.97 40.89 -18.77
CA LEU A 229 -20.58 39.87 -19.75
C LEU A 229 -19.20 39.28 -19.48
N GLY A 230 -18.20 40.15 -19.31
CA GLY A 230 -16.87 39.74 -18.84
C GLY A 230 -15.90 39.41 -19.97
N HIS A 231 -16.21 39.83 -21.18
CA HIS A 231 -15.26 39.66 -22.29
C HIS A 231 -14.34 40.89 -22.35
N ASP A 232 -13.05 40.67 -22.21
CA ASP A 232 -12.11 41.79 -22.00
C ASP A 232 -10.82 41.63 -22.84
N PRO A 233 -10.94 41.84 -24.16
CA PRO A 233 -9.69 41.97 -24.96
C PRO A 233 -8.97 43.26 -24.59
N ASP A 234 -7.68 43.37 -24.95
CA ASP A 234 -6.93 44.58 -24.61
C ASP A 234 -7.51 45.82 -25.34
N SER A 235 -8.30 45.56 -26.38
CA SER A 235 -8.95 46.62 -27.20
C SER A 235 -10.40 46.84 -26.73
N PHE A 236 -10.72 46.31 -25.57
CA PHE A 236 -12.10 46.40 -24.99
C PHE A 236 -12.73 47.81 -25.16
N GLU A 237 -11.92 48.87 -24.97
CA GLU A 237 -12.54 50.20 -24.92
C GLU A 237 -13.06 50.67 -26.28
N PHE A 238 -12.47 50.17 -27.37
CA PHE A 238 -12.73 50.74 -28.69
C PHE A 238 -13.00 49.65 -29.73
N SER A 239 -13.67 48.59 -29.25
CA SER A 239 -14.12 47.51 -30.11
C SER A 239 -15.59 47.19 -29.73
N THR A 240 -16.25 46.39 -30.57
CA THR A 240 -17.69 46.17 -30.43
C THR A 240 -17.98 44.67 -30.24
N LEU A 241 -19.15 44.38 -29.68
CA LEU A 241 -19.61 43.02 -29.54
C LEU A 241 -19.61 42.31 -30.88
N GLY A 242 -20.20 42.95 -31.90
CA GLY A 242 -20.27 42.39 -33.27
C GLY A 242 -18.91 41.98 -33.80
N GLY A 243 -17.94 42.88 -33.60
CA GLY A 243 -16.56 42.54 -33.98
C GLY A 243 -15.99 41.40 -33.18
N TRP A 244 -16.22 41.35 -31.89
CA TRP A 244 -15.77 40.20 -31.02
C TRP A 244 -16.29 38.86 -31.55
N LEU A 245 -17.57 38.85 -31.93
CA LEU A 245 -18.21 37.61 -32.49
C LEU A 245 -17.65 37.24 -33.86
N ALA A 246 -17.51 38.24 -34.74
CA ALA A 246 -17.03 38.01 -36.08
C ALA A 246 -15.56 37.66 -36.13
N THR A 247 -14.81 37.92 -35.06
CA THR A 247 -13.33 37.65 -35.05
C THR A 247 -12.96 36.53 -34.04
N CYS A 248 -13.93 36.06 -33.22
CA CYS A 248 -13.61 35.22 -32.07
C CYS A 248 -12.43 35.77 -31.22
N SER A 249 -12.50 37.04 -30.83
CA SER A 249 -11.37 37.64 -30.13
C SER A 249 -11.16 37.01 -28.76
N SER A 250 -9.90 37.02 -28.31
CA SER A 250 -9.56 36.58 -26.95
C SER A 250 -9.95 37.60 -25.88
N GLY A 251 -10.24 37.13 -24.68
CA GLY A 251 -10.53 38.02 -23.56
C GLY A 251 -9.78 37.63 -22.30
N HIS A 252 -9.40 38.61 -21.49
CA HIS A 252 -8.44 38.35 -20.42
C HIS A 252 -9.07 38.06 -19.05
N GLN A 253 -10.36 37.73 -19.07
CA GLN A 253 -10.99 37.05 -17.93
C GLN A 253 -11.59 35.70 -18.38
N SER A 254 -11.09 35.17 -19.50
CA SER A 254 -11.68 33.98 -20.09
C SER A 254 -11.46 32.75 -19.24
N ASP A 255 -10.44 32.80 -18.36
CA ASP A 255 -10.19 31.72 -17.39
C ASP A 255 -11.40 31.50 -16.44
N LYS A 256 -12.22 32.54 -16.22
CA LYS A 256 -13.42 32.44 -15.39
C LYS A 256 -14.67 32.33 -16.27
N TYR A 257 -14.82 33.26 -17.23
CA TYR A 257 -16.10 33.43 -17.96
C TYR A 257 -16.21 32.69 -19.31
N GLY A 258 -15.13 32.10 -19.76
CA GLY A 258 -15.09 31.34 -21.01
C GLY A 258 -14.74 32.21 -22.20
N ASP A 259 -14.68 31.61 -23.38
CA ASP A 259 -14.36 32.31 -24.62
C ASP A 259 -15.69 32.92 -25.17
N ILE A 260 -15.55 33.88 -26.09
CA ILE A 260 -16.72 34.57 -26.71
C ILE A 260 -17.68 33.55 -27.38
N GLU A 261 -17.13 32.49 -28.00
CA GLU A 261 -17.96 31.45 -28.63
C GLU A 261 -18.88 30.77 -27.63
N ASP A 262 -18.44 30.60 -26.40
CA ASP A 262 -19.29 29.95 -25.43
C ASP A 262 -20.21 30.94 -24.71
N MET A 263 -19.81 32.22 -24.69
CA MET A 263 -20.73 33.28 -24.23
C MET A 263 -21.87 33.54 -25.19
N ALA A 264 -21.69 33.19 -26.47
CA ALA A 264 -22.73 33.46 -27.49
C ALA A 264 -23.77 32.35 -27.45
N VAL A 265 -24.98 32.69 -27.03
CA VAL A 265 -26.09 31.69 -27.01
C VAL A 265 -26.67 31.57 -28.42
N SER A 266 -27.04 32.71 -29.01
CA SER A 266 -27.60 32.75 -30.33
C SER A 266 -27.45 34.17 -30.86
N PHE A 267 -27.63 34.32 -32.16
CA PHE A 267 -27.63 35.64 -32.79
C PHE A 267 -28.32 35.57 -34.15
N ARG A 268 -28.63 36.74 -34.71
CA ARG A 268 -29.31 36.88 -35.98
C ARG A 268 -28.32 37.40 -36.99
N THR A 269 -28.29 36.78 -38.16
CA THR A 269 -27.34 37.13 -39.21
C THR A 269 -28.08 37.48 -40.50
N VAL A 270 -27.90 38.71 -40.99
CA VAL A 270 -28.56 39.12 -42.23
C VAL A 270 -27.64 38.78 -43.40
N THR A 271 -28.10 37.94 -44.33
CA THR A 271 -27.25 37.51 -45.48
C THR A 271 -27.93 37.88 -46.77
N PRO A 272 -27.18 37.85 -47.89
CA PRO A 272 -27.82 38.16 -49.18
C PRO A 272 -28.91 37.18 -49.63
N THR A 273 -29.00 36.02 -48.98
CA THR A 273 -30.04 35.04 -49.30
C THR A 273 -31.02 34.82 -48.17
N GLY A 274 -31.05 35.76 -47.23
CA GLY A 274 -32.04 35.75 -46.15
C GLY A 274 -31.44 35.85 -44.76
N THR A 275 -32.30 35.99 -43.75
CA THR A 275 -31.84 36.13 -42.38
C THR A 275 -31.75 34.75 -41.73
N LEU A 276 -30.56 34.44 -41.22
CA LEU A 276 -30.34 33.21 -40.47
C LEU A 276 -30.59 33.48 -39.00
N GLU A 277 -31.58 32.78 -38.44
CA GLU A 277 -31.95 32.89 -37.02
C GLU A 277 -31.41 31.66 -36.28
N LEU A 278 -31.01 31.84 -35.03
CA LEU A 278 -30.49 30.74 -34.20
C LEU A 278 -31.36 30.51 -32.94
N ARG A 279 -31.40 29.28 -32.44
CA ARG A 279 -32.32 28.92 -31.32
C ARG A 279 -31.68 28.99 -29.92
N GLY A 287 -28.33 18.04 -33.52
CA GLY A 287 -27.50 17.95 -34.75
C GLY A 287 -26.31 18.88 -34.79
N ILE A 288 -26.11 19.54 -35.93
CA ILE A 288 -24.99 20.47 -36.14
C ILE A 288 -25.23 21.83 -35.47
N ASN A 289 -24.26 22.28 -34.70
CA ASN A 289 -24.30 23.57 -34.01
C ASN A 289 -23.91 24.73 -34.96
N TYR A 290 -24.91 25.28 -35.67
CA TYR A 290 -24.72 26.29 -36.73
C TYR A 290 -24.09 27.65 -36.36
N LYS A 291 -24.17 28.07 -35.10
CA LYS A 291 -23.57 29.35 -34.71
C LYS A 291 -22.07 29.37 -35.10
N HIS A 292 -21.43 28.21 -35.11
CA HIS A 292 -19.98 28.14 -35.41
C HIS A 292 -19.66 28.44 -36.89
N ILE A 293 -20.66 28.44 -37.76
CA ILE A 293 -20.45 28.83 -39.15
C ILE A 293 -20.24 30.35 -39.29
N ILE A 294 -20.93 31.12 -38.45
CA ILE A 294 -20.84 32.62 -38.53
C ILE A 294 -19.80 33.20 -37.57
N LEU A 295 -19.60 32.58 -36.41
CA LEU A 295 -18.58 33.09 -35.48
C LEU A 295 -17.21 33.01 -36.19
N GLY A 296 -16.43 34.08 -36.12
CA GLY A 296 -15.10 34.10 -36.78
C GLY A 296 -15.14 34.38 -38.27
N SER A 297 -16.33 34.65 -38.83
CA SER A 297 -16.45 34.79 -40.28
C SER A 297 -16.02 36.13 -40.88
N GLU A 298 -15.63 37.11 -40.05
CA GLU A 298 -15.11 38.41 -40.52
C GLU A 298 -15.94 39.15 -41.59
N GLY A 299 -17.29 39.08 -41.47
CA GLY A 299 -18.15 39.74 -42.43
C GLY A 299 -18.30 39.10 -43.81
N THR A 300 -17.75 37.90 -44.00
CA THR A 300 -17.75 37.30 -45.33
C THR A 300 -19.03 36.45 -45.56
N LEU A 301 -19.82 36.29 -44.51
CA LEU A 301 -21.01 35.42 -44.56
C LEU A 301 -22.25 36.16 -44.08
N GLY A 302 -22.21 37.49 -44.02
CA GLY A 302 -23.36 38.30 -43.57
C GLY A 302 -23.07 39.20 -42.37
N ILE A 303 -24.09 39.93 -41.93
CA ILE A 303 -24.00 40.91 -40.86
C ILE A 303 -24.76 40.44 -39.63
N ILE A 304 -24.04 40.30 -38.53
CA ILE A 304 -24.66 39.98 -37.25
C ILE A 304 -25.29 41.27 -36.73
N THR A 305 -26.55 41.18 -36.32
CA THR A 305 -27.30 42.38 -35.87
C THR A 305 -27.57 42.43 -34.35
N GLU A 306 -28.16 41.36 -33.81
CA GLU A 306 -28.50 41.22 -32.39
C GLU A 306 -28.06 39.85 -31.85
N ALA A 307 -27.48 39.80 -30.65
CA ALA A 307 -26.95 38.54 -30.05
C ALA A 307 -27.54 38.33 -28.68
N VAL A 308 -27.91 37.08 -28.37
CA VAL A 308 -28.31 36.71 -27.02
C VAL A 308 -27.05 36.16 -26.38
N MET A 309 -26.52 36.85 -25.38
CA MET A 309 -25.27 36.49 -24.68
C MET A 309 -25.54 35.98 -23.29
N LYS A 310 -24.76 35.00 -22.88
CA LYS A 310 -24.78 34.54 -21.50
C LYS A 310 -24.14 35.58 -20.60
N VAL A 311 -24.81 36.00 -19.54
CA VAL A 311 -24.24 37.01 -18.64
C VAL A 311 -24.16 36.40 -17.24
N HIS A 312 -23.51 37.10 -16.30
CA HIS A 312 -23.50 36.68 -14.91
C HIS A 312 -23.87 37.85 -14.01
N ALA A 313 -24.27 37.57 -12.77
CA ALA A 313 -24.49 38.62 -11.76
C ALA A 313 -23.20 39.40 -11.48
N VAL A 314 -23.30 40.71 -11.28
CA VAL A 314 -22.13 41.54 -10.91
C VAL A 314 -21.54 40.88 -9.67
N PRO A 315 -20.23 40.53 -9.70
CA PRO A 315 -19.62 39.75 -8.61
C PRO A 315 -19.78 40.39 -7.22
N GLN A 316 -20.06 39.56 -6.20
CA GLN A 316 -20.01 39.98 -4.81
C GLN A 316 -18.61 40.53 -4.41
N ALA A 317 -17.55 39.83 -4.85
CA ALA A 317 -16.16 40.18 -4.55
C ALA A 317 -15.36 40.35 -5.82
N VAL A 318 -14.56 41.42 -5.87
CA VAL A 318 -13.61 41.68 -6.97
C VAL A 318 -12.31 42.12 -6.32
N GLU A 319 -11.28 41.30 -6.43
CA GLU A 319 -10.02 41.56 -5.73
C GLU A 319 -8.84 41.34 -6.69
N TYR A 320 -8.10 42.40 -6.97
CA TYR A 320 -6.99 42.33 -7.94
C TYR A 320 -5.73 42.79 -7.21
N TYR A 321 -4.64 42.08 -7.40
CA TYR A 321 -3.41 42.24 -6.62
C TYR A 321 -2.20 42.35 -7.53
N GLY A 322 -1.15 43.03 -7.06
CA GLY A 322 0.16 42.99 -7.73
C GLY A 322 1.18 42.25 -6.88
N PHE A 323 2.14 41.61 -7.54
CA PHE A 323 3.20 40.89 -6.89
C PHE A 323 4.49 41.08 -7.73
N LEU A 324 5.63 41.13 -7.07
CA LEU A 324 6.92 41.10 -7.76
C LEU A 324 7.58 39.77 -7.58
N PHE A 325 8.32 39.33 -8.59
CA PHE A 325 9.16 38.11 -8.52
C PHE A 325 10.60 38.50 -8.78
N PRO A 326 11.55 37.74 -8.19
CA PRO A 326 12.95 38.05 -8.43
C PRO A 326 13.41 37.81 -9.87
N THR A 327 12.79 36.85 -10.57
CA THR A 327 13.19 36.54 -11.96
C THR A 327 11.99 36.06 -12.75
N PHE A 328 12.09 36.14 -14.08
CA PHE A 328 11.05 35.55 -14.97
C PHE A 328 10.79 34.04 -14.69
N ALA A 329 11.87 33.31 -14.43
CA ALA A 329 11.79 31.89 -14.05
C ALA A 329 10.86 31.58 -12.85
N HIS A 330 10.99 32.36 -11.76
CA HIS A 330 10.11 32.24 -10.57
C HIS A 330 8.66 32.45 -10.95
N ALA A 331 8.40 33.48 -11.74
CA ALA A 331 7.03 33.78 -12.19
C ALA A 331 6.45 32.65 -13.01
N VAL A 332 7.23 32.08 -13.93
CA VAL A 332 6.74 30.97 -14.77
C VAL A 332 6.42 29.74 -13.92
N SER A 333 7.29 29.44 -12.96
CA SER A 333 7.05 28.31 -12.05
CA SER A 333 7.07 28.33 -12.02
C SER A 333 5.75 28.51 -11.26
N ALA A 334 5.53 29.72 -10.77
CA ALA A 334 4.29 30.01 -10.03
C ALA A 334 3.10 29.75 -10.92
N LEU A 335 3.14 30.24 -12.15
CA LEU A 335 2.02 30.06 -13.14
C LEU A 335 1.68 28.58 -13.38
N GLN A 336 2.72 27.75 -13.54
CA GLN A 336 2.57 26.31 -13.77
C GLN A 336 1.96 25.61 -12.58
N GLN A 337 2.46 25.94 -11.40
CA GLN A 337 1.95 25.35 -10.15
C GLN A 337 0.50 25.80 -9.87
N ILE A 338 0.19 27.04 -10.23
CA ILE A 338 -1.20 27.55 -10.08
C ILE A 338 -2.15 26.71 -10.92
N ARG A 339 -1.84 26.55 -12.21
CA ARG A 339 -2.71 25.77 -13.10
C ARG A 339 -2.82 24.31 -12.66
N SER A 340 -1.70 23.71 -12.25
CA SER A 340 -1.72 22.30 -11.78
C SER A 340 -2.57 22.07 -10.54
N SER A 341 -2.65 23.09 -9.69
CA SER A 341 -3.43 22.99 -8.46
C SER A 341 -4.92 22.93 -8.77
N GLU A 342 -5.31 23.39 -9.97
CA GLU A 342 -6.72 23.42 -10.43
C GLU A 342 -7.57 24.46 -9.73
N VAL A 343 -6.93 25.37 -8.99
CA VAL A 343 -7.64 26.46 -8.32
C VAL A 343 -7.07 27.75 -8.89
N ILE A 344 -7.74 28.31 -9.90
CA ILE A 344 -7.07 29.33 -10.70
C ILE A 344 -7.69 30.73 -10.53
N PRO A 345 -6.89 31.79 -10.71
CA PRO A 345 -7.46 33.14 -10.73
C PRO A 345 -8.35 33.44 -11.93
N THR A 346 -9.11 34.52 -11.80
CA THR A 346 -9.96 35.03 -12.87
C THR A 346 -9.08 35.63 -13.99
N MET A 347 -7.99 36.26 -13.58
CA MET A 347 -7.05 36.87 -14.53
C MET A 347 -5.66 36.75 -13.96
N ILE A 348 -4.70 36.50 -14.84
CA ILE A 348 -3.29 36.63 -14.48
C ILE A 348 -2.54 37.28 -15.66
N ARG A 349 -1.54 38.08 -15.36
CA ARG A 349 -0.64 38.59 -16.41
C ARG A 349 0.75 38.64 -15.75
N VAL A 350 1.78 38.14 -16.43
CA VAL A 350 3.15 38.26 -15.97
C VAL A 350 3.91 39.17 -16.95
N TYR A 351 4.51 40.25 -16.45
CA TYR A 351 5.30 41.19 -17.25
C TYR A 351 6.80 40.88 -17.07
N ASP A 352 7.55 40.80 -18.17
CA ASP A 352 8.99 40.56 -18.08
C ASP A 352 9.61 41.88 -17.56
N PRO A 353 10.90 41.85 -17.19
CA PRO A 353 11.50 43.01 -16.55
C PRO A 353 11.39 44.34 -17.34
N GLU A 354 11.53 44.27 -18.66
CA GLU A 354 11.41 45.46 -19.54
C GLU A 354 9.99 46.06 -19.54
N GLU A 355 8.96 45.22 -19.66
CA GLU A 355 7.58 45.74 -19.50
C GLU A 355 7.28 46.21 -18.06
N THR A 356 7.91 45.55 -17.08
CA THR A 356 7.78 45.96 -15.65
C THR A 356 8.32 47.39 -15.42
N GLN A 357 9.49 47.65 -15.99
CA GLN A 357 10.17 48.94 -15.92
C GLN A 357 9.30 50.01 -16.57
N LEU A 358 8.77 49.71 -17.74
CA LEU A 358 7.86 50.61 -18.43
C LEU A 358 6.66 50.96 -17.55
N SER A 359 6.04 49.92 -16.97
CA SER A 359 4.88 50.11 -16.11
C SER A 359 5.18 51.12 -14.99
N PHE A 360 6.31 50.95 -14.32
CA PHE A 360 6.68 51.83 -13.21
C PHE A 360 7.14 53.22 -13.63
N ALA A 361 7.62 53.37 -14.87
CA ALA A 361 8.05 54.66 -15.41
C ALA A 361 6.88 55.56 -15.86
N TRP A 362 5.71 54.96 -16.02
CA TRP A 362 4.49 55.62 -16.44
C TRP A 362 3.69 56.25 -15.25
N LYS A 363 4.29 56.43 -14.09
CA LYS A 363 3.53 56.91 -12.91
C LYS A 363 3.15 58.38 -13.05
N PRO A 364 1.85 58.73 -12.87
CA PRO A 364 1.53 60.18 -12.88
C PRO A 364 1.94 60.96 -11.62
N SER A 365 2.14 62.26 -11.76
CA SER A 365 2.55 63.08 -10.63
C SER A 365 1.35 63.53 -9.77
N LYS A 366 0.15 63.15 -10.20
CA LYS A 366 -1.12 63.52 -9.53
C LYS A 366 -2.05 62.34 -9.44
N GLY A 367 -2.92 62.35 -8.45
CA GLY A 367 -3.87 61.25 -8.26
C GLY A 367 -4.97 61.69 -7.31
N ALA A 368 -6.10 61.00 -7.36
CA ALA A 368 -7.14 61.22 -6.36
C ALA A 368 -6.65 60.84 -4.96
N VAL A 369 -7.22 61.49 -3.97
CA VAL A 369 -7.03 61.14 -2.56
C VAL A 369 -7.35 59.66 -2.26
N SER A 370 -8.09 59.01 -3.16
CA SER A 370 -8.49 57.61 -2.99
C SER A 370 -7.65 56.64 -3.84
N GLU A 371 -6.46 57.10 -4.22
CA GLU A 371 -5.61 56.35 -5.16
C GLU A 371 -4.21 56.19 -4.58
N PHE A 372 -3.68 54.97 -4.61
CA PHE A 372 -2.40 54.70 -3.97
C PHE A 372 -1.35 54.02 -4.87
N THR A 373 -1.11 54.62 -6.03
CA THR A 373 -0.02 54.21 -6.91
C THR A 373 1.35 54.55 -6.29
N SER A 374 1.42 55.67 -5.57
CA SER A 374 2.67 56.10 -4.96
C SER A 374 3.16 55.09 -3.91
N ALA A 375 2.23 54.50 -3.16
CA ALA A 375 2.56 53.41 -2.22
C ALA A 375 3.23 52.21 -2.93
N MET A 376 2.73 51.85 -4.09
CA MET A 376 3.29 50.67 -4.78
C MET A 376 4.56 50.94 -5.56
N VAL A 377 4.70 52.14 -6.13
CA VAL A 377 5.99 52.56 -6.72
C VAL A 377 7.06 52.50 -5.64
N LYS A 378 6.75 53.04 -4.46
CA LYS A 378 7.72 53.02 -3.36
C LYS A 378 8.15 51.60 -2.96
N LYS A 379 7.19 50.66 -2.90
CA LYS A 379 7.51 49.26 -2.59
CA LYS A 379 7.53 49.27 -2.57
C LYS A 379 8.40 48.64 -3.66
N TYR A 380 8.15 48.99 -4.92
CA TYR A 380 8.98 48.50 -6.03
C TYR A 380 10.43 48.99 -5.85
N LEU A 381 10.56 50.28 -5.55
CA LEU A 381 11.89 50.89 -5.37
C LEU A 381 12.65 50.29 -4.22
N HIS A 382 11.98 49.99 -3.11
CA HIS A 382 12.64 49.31 -1.97
C HIS A 382 13.04 47.86 -2.32
N TYR A 383 12.20 47.20 -3.10
CA TYR A 383 12.45 45.80 -3.51
C TYR A 383 13.67 45.63 -4.40
N ILE A 384 13.87 46.56 -5.33
CA ILE A 384 14.99 46.47 -6.26
C ILE A 384 16.33 46.86 -5.61
N ARG A 385 16.28 47.32 -4.35
CA ARG A 385 17.51 47.42 -3.54
C ARG A 385 18.06 46.03 -3.15
N SER A 386 17.18 45.05 -3.01
CA SER A 386 17.59 43.67 -2.69
C SER A 386 17.69 42.74 -3.92
N PHE A 387 16.91 43.04 -4.95
CA PHE A 387 16.85 42.20 -6.15
C PHE A 387 17.13 43.05 -7.36
N ASP A 388 18.06 42.60 -8.19
CA ASP A 388 18.49 43.38 -9.35
C ASP A 388 17.27 43.71 -10.23
N PHE A 389 17.10 44.99 -10.55
CA PHE A 389 15.95 45.44 -11.32
C PHE A 389 15.89 44.87 -12.74
N LYS A 390 17.04 44.45 -13.28
CA LYS A 390 17.08 43.92 -14.65
C LYS A 390 16.37 42.56 -14.74
N ASN A 391 16.12 41.92 -13.61
CA ASN A 391 15.44 40.63 -13.58
C ASN A 391 14.06 40.61 -12.94
N VAL A 392 13.73 41.66 -12.18
CA VAL A 392 12.45 41.74 -11.47
C VAL A 392 11.22 41.85 -12.42
N CYS A 393 10.23 40.99 -12.17
CA CYS A 393 9.00 40.89 -12.94
C CYS A 393 7.77 41.21 -12.09
N LEU A 394 6.83 41.94 -12.68
CA LEU A 394 5.56 42.27 -12.09
C LEU A 394 4.52 41.26 -12.57
N SER A 395 3.66 40.85 -11.64
CA SER A 395 2.46 40.07 -12.00
C SER A 395 1.21 40.72 -11.41
N ILE A 396 0.12 40.72 -12.18
CA ILE A 396 -1.17 41.23 -11.72
C ILE A 396 -2.08 39.99 -11.68
N ILE A 397 -2.78 39.77 -10.56
CA ILE A 397 -3.60 38.55 -10.36
C ILE A 397 -4.96 38.97 -9.77
N GLY A 398 -6.05 38.55 -10.42
CA GLY A 398 -7.38 39.05 -10.07
C GLY A 398 -8.33 37.89 -9.80
N PHE A 399 -9.29 38.11 -8.90
CA PHE A 399 -10.28 37.13 -8.47
C PHE A 399 -11.67 37.78 -8.49
N GLU A 400 -12.66 37.11 -9.08
CA GLU A 400 -14.04 37.63 -9.06
C GLU A 400 -15.00 36.52 -8.70
N GLY A 401 -16.09 36.85 -7.99
CA GLY A 401 -17.11 35.85 -7.65
C GLY A 401 -17.68 36.03 -6.25
N PRO A 402 -18.39 35.00 -5.74
CA PRO A 402 -18.90 35.02 -4.38
C PRO A 402 -17.75 35.14 -3.39
N LYS A 403 -17.96 35.81 -2.25
CA LYS A 403 -16.91 35.98 -1.26
C LYS A 403 -16.23 34.65 -0.88
N LYS A 404 -17.06 33.61 -0.65
CA LYS A 404 -16.58 32.26 -0.26
C LYS A 404 -15.65 31.63 -1.31
N VAL A 405 -15.95 31.84 -2.59
CA VAL A 405 -15.13 31.36 -3.72
C VAL A 405 -13.84 32.22 -3.83
N VAL A 406 -13.97 33.54 -3.85
CA VAL A 406 -12.77 34.39 -3.95
C VAL A 406 -11.82 34.08 -2.79
N ASP A 407 -12.35 33.83 -1.59
CA ASP A 407 -11.52 33.60 -0.39
C ASP A 407 -10.70 32.32 -0.57
N PHE A 408 -11.37 31.27 -1.01
CA PHE A 408 -10.70 29.98 -1.19
C PHE A 408 -9.63 30.06 -2.28
N HIS A 409 -9.94 30.68 -3.42
CA HIS A 409 -9.02 30.77 -4.57
C HIS A 409 -7.80 31.64 -4.26
N ARG A 410 -8.04 32.78 -3.61
CA ARG A 410 -6.97 33.67 -3.18
C ARG A 410 -6.03 33.01 -2.19
N THR A 411 -6.57 32.33 -1.16
CA THR A 411 -5.67 31.67 -0.20
C THR A 411 -4.82 30.59 -0.87
N SER A 412 -5.46 29.77 -1.72
CA SER A 412 -4.74 28.75 -2.51
C SER A 412 -3.59 29.33 -3.39
N VAL A 413 -3.94 30.33 -4.18
CA VAL A 413 -2.99 31.01 -5.07
C VAL A 413 -1.89 31.72 -4.26
N PHE A 414 -2.26 32.41 -3.18
CA PHE A 414 -1.26 33.17 -2.39
C PHE A 414 -0.25 32.21 -1.72
N ASP A 415 -0.71 31.05 -1.25
CA ASP A 415 0.20 29.98 -0.78
C ASP A 415 1.24 29.61 -1.87
N ILE A 416 0.76 29.27 -3.06
CA ILE A 416 1.66 28.90 -4.17
C ILE A 416 2.62 30.05 -4.47
N LEU A 417 2.12 31.28 -4.51
CA LEU A 417 3.02 32.46 -4.72
C LEU A 417 4.22 32.55 -3.73
N SER A 418 3.92 32.32 -2.44
CA SER A 418 4.94 32.42 -1.37
C SER A 418 5.99 31.33 -1.49
N LYS A 419 5.63 30.21 -2.13
CA LYS A 419 6.59 29.12 -2.43
C LYS A 419 7.47 29.42 -3.64
N ASN A 420 7.15 30.49 -4.37
CA ASN A 420 7.92 30.90 -5.55
C ASN A 420 8.52 32.32 -5.43
N ALA A 421 8.74 32.72 -4.18
CA ALA A 421 9.42 34.00 -3.84
C ALA A 421 8.66 35.24 -4.32
N ALA A 422 7.33 35.13 -4.44
CA ALA A 422 6.54 36.33 -4.74
C ALA A 422 6.54 37.32 -3.57
N PHE A 423 6.55 38.62 -3.91
CA PHE A 423 6.48 39.70 -2.94
C PHE A 423 5.25 40.56 -3.23
N GLY A 424 4.29 40.56 -2.30
CA GLY A 424 2.99 41.28 -2.49
C GLY A 424 3.08 42.79 -2.46
N LEU A 425 2.43 43.45 -3.43
CA LEU A 425 2.34 44.92 -3.44
C LEU A 425 0.96 45.39 -2.93
N GLY A 426 0.03 44.45 -2.80
CA GLY A 426 -1.34 44.75 -2.32
C GLY A 426 -2.39 44.96 -3.42
N SER A 427 -3.65 45.15 -3.03
CA SER A 427 -4.74 45.42 -3.97
C SER A 427 -4.87 46.91 -4.24
N ALA A 428 -5.75 47.24 -5.18
CA ALA A 428 -6.20 48.60 -5.45
C ALA A 428 -7.67 48.40 -5.82
N PRO A 429 -8.52 49.45 -5.72
CA PRO A 429 -9.98 49.27 -5.89
C PRO A 429 -10.41 48.66 -7.22
N GLY A 430 -11.44 47.81 -7.19
CA GLY A 430 -11.99 47.16 -8.40
C GLY A 430 -10.95 46.50 -9.30
N LYS A 431 -11.00 46.81 -10.59
CA LYS A 431 -10.06 46.23 -11.58
C LYS A 431 -9.03 47.25 -12.06
N THR A 432 -8.85 48.33 -11.31
CA THR A 432 -7.87 49.37 -11.70
C THR A 432 -6.47 48.79 -12.01
N TRP A 433 -6.05 47.76 -11.28
CA TRP A 433 -4.78 47.09 -11.61
C TRP A 433 -4.75 46.64 -13.06
N ALA A 434 -5.85 46.02 -13.52
CA ALA A 434 -5.94 45.48 -14.87
C ALA A 434 -6.41 46.51 -15.91
N GLU A 435 -6.78 47.71 -15.50
CA GLU A 435 -7.28 48.72 -16.44
C GLU A 435 -6.17 49.56 -17.10
N LYS A 436 -4.92 49.41 -16.64
CA LYS A 436 -3.82 50.24 -17.15
C LYS A 436 -3.30 49.82 -18.53
N ARG A 437 -3.48 48.54 -18.87
CA ARG A 437 -3.21 48.04 -20.22
C ARG A 437 -4.01 48.74 -21.35
N TYR A 438 -5.18 49.30 -21.04
CA TYR A 438 -5.95 50.07 -22.02
C TYR A 438 -5.21 51.33 -22.54
N ASP A 439 -4.26 51.82 -21.76
CA ASP A 439 -3.56 53.07 -22.07
C ASP A 439 -2.39 52.82 -23.02
N LEU A 440 -1.92 51.58 -23.10
CA LEU A 440 -0.78 51.27 -23.99
C LEU A 440 -0.81 51.78 -25.46
N PRO A 441 -1.88 51.50 -26.24
CA PRO A 441 -1.87 52.03 -27.61
C PRO A 441 -1.79 53.56 -27.81
N TYR A 442 -2.15 54.35 -26.79
CA TYR A 442 -1.92 55.80 -26.85
C TYR A 442 -0.42 56.10 -26.93
N ILE A 443 0.41 55.28 -26.32
CA ILE A 443 1.87 55.60 -26.42
C ILE A 443 2.46 55.29 -27.82
N ARG A 444 1.85 54.37 -28.54
CA ARG A 444 2.28 54.05 -29.89
C ARG A 444 2.06 55.29 -30.73
N ASP A 445 0.91 55.97 -30.57
CA ASP A 445 0.74 57.26 -31.29
C ASP A 445 1.81 58.30 -30.92
N PHE A 446 2.16 58.36 -29.63
CA PHE A 446 3.21 59.31 -29.21
C PHE A 446 4.54 58.97 -29.88
N LEU A 447 4.89 57.69 -29.89
CA LEU A 447 6.17 57.25 -30.55
C LEU A 447 6.18 57.65 -32.05
N LEU A 448 5.06 57.41 -32.73
CA LEU A 448 4.94 57.66 -34.17
C LEU A 448 5.04 59.14 -34.52
N ASP A 449 4.61 59.99 -33.60
CA ASP A 449 4.81 61.45 -33.74
C ASP A 449 6.21 61.91 -33.43
N HIS A 450 7.05 61.05 -32.89
CA HIS A 450 8.41 61.50 -32.52
C HIS A 450 9.50 60.55 -33.04
N ASN A 451 9.36 60.15 -34.30
CA ASN A 451 10.40 59.41 -35.03
C ASN A 451 10.64 58.00 -34.51
N MET A 452 9.60 57.38 -33.93
CA MET A 452 9.74 56.02 -33.44
C MET A 452 8.57 55.14 -33.96
N TRP A 453 8.65 53.84 -33.69
CA TRP A 453 7.57 52.93 -34.05
C TRP A 453 7.59 51.78 -33.07
N VAL A 454 6.45 51.09 -32.98
CA VAL A 454 6.33 49.93 -32.13
C VAL A 454 5.37 48.96 -32.85
N ASP A 455 5.69 47.68 -32.79
CA ASP A 455 4.80 46.64 -33.27
C ASP A 455 4.76 45.49 -32.26
N VAL A 456 3.96 44.46 -32.55
CA VAL A 456 3.71 43.36 -31.64
C VAL A 456 3.78 42.00 -32.36
N ALA A 457 4.09 40.94 -31.61
CA ALA A 457 3.98 39.55 -32.07
C ALA A 457 3.54 38.68 -30.89
N GLU A 458 2.49 37.90 -31.12
CA GLU A 458 1.85 37.03 -30.10
C GLU A 458 1.95 35.58 -30.57
N THR A 459 2.25 34.68 -29.65
CA THR A 459 2.44 33.27 -30.00
C THR A 459 2.07 32.39 -28.82
N THR A 460 1.65 31.16 -29.09
CA THR A 460 1.50 30.19 -28.01
C THR A 460 2.71 29.27 -28.12
N VAL A 461 3.42 29.09 -27.02
CA VAL A 461 4.64 28.30 -26.97
C VAL A 461 4.63 27.34 -25.77
N SER A 462 5.18 26.15 -25.96
CA SER A 462 5.29 25.15 -24.90
C SER A 462 6.20 25.65 -23.78
N TYR A 463 6.01 25.12 -22.57
CA TYR A 463 6.90 25.40 -21.43
C TYR A 463 8.35 25.00 -21.70
N ALA A 464 8.52 23.88 -22.43
CA ALA A 464 9.88 23.44 -22.84
C ALA A 464 10.63 24.58 -23.58
N ASN A 465 9.90 25.27 -24.46
CA ASN A 465 10.53 26.27 -25.33
C ASN A 465 10.32 27.74 -24.91
N LEU A 466 9.49 27.98 -23.89
CA LEU A 466 9.13 29.35 -23.46
C LEU A 466 10.32 30.24 -23.13
N GLN A 467 11.17 29.80 -22.21
CA GLN A 467 12.19 30.69 -21.68
C GLN A 467 13.39 30.92 -22.64
N THR A 468 13.68 29.89 -23.41
CA THR A 468 14.69 29.98 -24.46
C THR A 468 14.19 30.87 -25.60
N LEU A 469 12.94 30.68 -26.06
CA LEU A 469 12.40 31.58 -27.09
C LEU A 469 12.39 33.05 -26.63
N TRP A 470 11.90 33.30 -25.43
CA TRP A 470 11.86 34.63 -24.81
C TRP A 470 13.28 35.31 -24.84
N LYS A 471 14.27 34.66 -24.24
CA LYS A 471 15.65 35.19 -24.21
C LYS A 471 16.23 35.36 -25.62
N ASP A 472 16.07 34.35 -26.47
CA ASP A 472 16.66 34.36 -27.81
C ASP A 472 16.05 35.46 -28.69
N ALA A 473 14.72 35.56 -28.66
CA ALA A 473 14.05 36.57 -29.44
C ALA A 473 14.48 37.98 -29.02
N LYS A 474 14.48 38.28 -27.71
CA LYS A 474 14.90 39.61 -27.22
C LYS A 474 16.33 39.95 -27.60
N GLN A 475 17.24 38.99 -27.43
CA GLN A 475 18.64 39.19 -27.81
C GLN A 475 18.86 39.44 -29.31
N THR A 476 18.24 38.57 -30.13
CA THR A 476 18.30 38.64 -31.60
C THR A 476 17.78 39.96 -32.14
N PHE A 477 16.64 40.43 -31.62
CA PHE A 477 16.03 41.68 -32.08
C PHE A 477 16.91 42.91 -31.78
N VAL A 478 17.36 43.00 -30.53
CA VAL A 478 18.25 44.06 -30.11
C VAL A 478 19.54 44.05 -30.92
N LYS A 479 20.22 42.91 -31.03
CA LYS A 479 21.48 42.79 -31.75
C LYS A 479 21.36 43.22 -33.22
N HIS A 480 20.30 42.77 -33.90
CA HIS A 480 20.06 43.07 -35.31
C HIS A 480 20.10 44.58 -35.60
N PHE A 481 19.51 45.39 -34.72
CA PHE A 481 19.56 46.86 -34.86
C PHE A 481 20.82 47.47 -34.24
N LYS A 482 21.28 46.90 -33.14
CA LYS A 482 22.54 47.38 -32.56
C LYS A 482 23.71 47.26 -33.55
N ASP A 483 23.70 46.22 -34.38
CA ASP A 483 24.75 46.07 -35.39
C ASP A 483 24.67 47.10 -36.54
N GLN A 484 23.48 47.69 -36.71
CA GLN A 484 23.23 48.77 -37.68
C GLN A 484 23.42 50.18 -37.09
N GLY A 485 23.81 50.23 -35.80
CA GLY A 485 23.89 51.47 -35.03
C GLY A 485 22.55 52.15 -34.77
N ILE A 486 21.50 51.35 -34.61
CA ILE A 486 20.15 51.85 -34.37
C ILE A 486 19.65 51.34 -33.01
N PRO A 487 19.14 52.25 -32.15
CA PRO A 487 18.57 51.80 -30.88
C PRO A 487 17.30 50.95 -31.06
N ALA A 488 17.12 49.93 -30.21
CA ALA A 488 15.91 49.07 -30.26
C ALA A 488 15.58 48.57 -28.86
N TRP A 489 14.30 48.36 -28.60
CA TRP A 489 13.83 47.92 -27.30
C TRP A 489 12.73 46.89 -27.47
N ILE A 490 12.67 45.92 -26.55
CA ILE A 490 11.73 44.82 -26.68
C ILE A 490 11.31 44.27 -25.29
N CYS A 491 10.02 44.09 -25.12
CA CYS A 491 9.50 43.52 -23.87
C CYS A 491 8.49 42.45 -24.19
N ALA A 492 7.99 41.78 -23.16
CA ALA A 492 7.04 40.70 -23.38
C ALA A 492 6.21 40.53 -22.14
N HIS A 493 5.02 39.97 -22.32
CA HIS A 493 4.27 39.52 -21.16
C HIS A 493 3.53 38.23 -21.50
N ILE A 494 3.10 37.53 -20.46
CA ILE A 494 2.32 36.31 -20.62
C ILE A 494 0.89 36.63 -20.13
N SER A 495 -0.09 36.32 -20.97
CA SER A 495 -1.49 36.73 -20.71
C SER A 495 -2.41 35.56 -20.31
N HIS A 496 -2.06 34.36 -20.76
CA HIS A 496 -2.90 33.13 -20.51
C HIS A 496 -1.97 31.94 -20.44
N THR A 497 -2.35 30.91 -19.68
CA THR A 497 -1.56 29.67 -19.63
C THR A 497 -2.43 28.48 -20.00
N TYR A 498 -1.77 27.41 -20.46
CA TYR A 498 -2.43 26.20 -20.93
C TYR A 498 -1.75 25.04 -20.26
N THR A 499 -2.26 23.83 -20.47
CA THR A 499 -1.70 22.66 -19.83
C THR A 499 -0.15 22.61 -19.99
N ASN A 500 0.32 22.84 -21.21
CA ASN A 500 1.76 22.66 -21.52
C ASN A 500 2.40 23.90 -22.15
N GLY A 501 1.82 25.07 -21.94
CA GLY A 501 2.39 26.24 -22.59
C GLY A 501 1.71 27.51 -22.13
N VAL A 502 2.07 28.61 -22.79
CA VAL A 502 1.49 29.90 -22.44
C VAL A 502 1.25 30.70 -23.72
N CYS A 503 0.46 31.76 -23.60
CA CYS A 503 0.39 32.77 -24.62
C CYS A 503 1.40 33.88 -24.29
N LEU A 504 2.39 34.03 -25.13
CA LEU A 504 3.47 35.01 -24.99
C LEU A 504 3.37 36.16 -25.99
N TYR A 505 3.46 37.39 -25.51
CA TYR A 505 3.19 38.56 -26.33
C TYR A 505 4.42 39.49 -26.31
N PHE A 506 5.03 39.74 -27.46
CA PHE A 506 6.24 40.60 -27.57
C PHE A 506 5.81 41.97 -28.02
N ILE A 507 6.40 42.99 -27.42
CA ILE A 507 6.22 44.35 -27.89
C ILE A 507 7.64 44.87 -28.24
N PHE A 508 7.84 45.33 -29.47
CA PHE A 508 9.17 45.71 -29.87
C PHE A 508 9.16 47.05 -30.60
N ALA A 509 10.22 47.85 -30.42
CA ALA A 509 10.20 49.23 -30.87
C ALA A 509 11.58 49.73 -31.29
N SER A 510 11.59 50.66 -32.24
CA SER A 510 12.85 51.28 -32.72
C SER A 510 12.57 52.67 -33.30
N LYS A 511 13.60 53.27 -33.92
CA LYS A 511 13.51 54.56 -34.63
C LYS A 511 12.99 54.41 -36.06
N GLN A 512 12.27 55.40 -36.55
CA GLN A 512 11.93 55.42 -37.96
C GLN A 512 13.21 55.75 -38.75
N ASN A 513 13.33 55.28 -39.98
CA ASN A 513 14.52 55.61 -40.78
C ASN A 513 14.39 57.00 -41.42
N GLU A 514 15.49 57.77 -41.50
CA GLU A 514 15.39 59.13 -42.08
C GLU A 514 14.84 59.15 -43.50
N ASN A 515 14.79 57.99 -44.14
CA ASN A 515 14.24 57.88 -45.50
C ASN A 515 12.80 57.33 -45.59
N LYS A 516 12.18 57.08 -44.43
CA LYS A 516 10.73 56.85 -44.27
C LYS A 516 10.04 55.80 -45.18
N ASP A 517 10.57 54.57 -45.21
CA ASP A 517 10.06 53.49 -46.08
C ASP A 517 9.46 52.30 -45.29
N MET A 518 8.37 51.73 -45.80
CA MET A 518 7.67 50.64 -45.10
C MET A 518 8.43 49.31 -45.09
N ALA A 519 9.67 49.32 -45.57
CA ALA A 519 10.52 48.12 -45.63
C ALA A 519 11.16 47.79 -44.28
N GLN A 520 11.37 48.79 -43.45
CA GLN A 520 11.97 48.60 -42.12
C GLN A 520 11.06 47.82 -41.15
N TYR A 521 9.75 47.97 -41.32
CA TYR A 521 8.74 47.32 -40.46
C TYR A 521 8.51 45.85 -40.84
N ILE A 522 8.49 45.58 -42.16
CA ILE A 522 8.36 44.21 -42.63
C ILE A 522 9.57 43.34 -42.25
N GLU A 523 10.75 43.98 -42.21
CA GLU A 523 12.01 43.34 -41.81
C GLU A 523 12.09 42.97 -40.31
N ALA A 524 11.57 43.85 -39.46
CA ALA A 524 11.54 43.59 -38.03
C ALA A 524 10.56 42.47 -37.80
N LYS A 525 9.41 42.56 -38.46
CA LYS A 525 8.38 41.52 -38.37
C LYS A 525 8.89 40.14 -38.83
N LYS A 526 9.66 40.12 -39.91
CA LYS A 526 10.22 38.88 -40.45
C LYS A 526 11.17 38.21 -39.45
N LEU A 527 12.03 38.99 -38.82
CA LEU A 527 12.95 38.46 -37.81
C LEU A 527 12.18 37.75 -36.66
N MET A 528 11.17 38.44 -36.15
CA MET A 528 10.34 37.91 -35.06
C MET A 528 9.55 36.69 -35.48
N THR A 529 8.92 36.73 -36.64
CA THR A 529 8.19 35.59 -37.25
C THR A 529 9.12 34.37 -37.40
N ASP A 530 10.31 34.61 -37.93
CA ASP A 530 11.28 33.55 -38.19
C ASP A 530 11.67 32.83 -36.91
N ILE A 531 12.03 33.58 -35.88
CA ILE A 531 12.47 32.98 -34.64
C ILE A 531 11.33 32.27 -33.82
N ILE A 532 10.15 32.88 -33.80
CA ILE A 532 8.96 32.22 -33.23
C ILE A 532 8.72 30.84 -33.87
N PHE A 533 8.79 30.81 -35.21
CA PHE A 533 8.67 29.57 -36.00
C PHE A 533 9.76 28.54 -35.64
N LYS A 534 11.00 28.99 -35.44
CA LYS A 534 12.07 28.09 -34.99
C LYS A 534 11.74 27.32 -33.69
N TYR A 535 11.06 28.01 -32.75
CA TYR A 535 10.80 27.46 -31.43
C TYR A 535 9.43 26.81 -31.32
N GLY A 536 8.77 26.67 -32.46
CA GLY A 536 7.44 26.04 -32.56
C GLY A 536 6.33 26.87 -31.96
N GLY A 537 6.53 28.19 -31.88
CA GLY A 537 5.45 29.11 -31.49
C GLY A 537 4.36 29.14 -32.56
N SER A 538 3.08 29.26 -32.16
CA SER A 538 1.99 29.43 -33.12
C SER A 538 2.12 30.78 -33.85
N LEU A 539 1.60 30.83 -35.08
CA LEU A 539 1.54 32.05 -35.88
C LEU A 539 0.12 32.24 -36.45
N SER A 540 -0.16 33.44 -36.97
CA SER A 540 -1.37 33.70 -37.79
C SER A 540 -1.42 35.15 -38.25
N ARG A 559 -5.85 20.79 -46.65
CA ARG A 559 -6.95 21.49 -46.00
C ARG A 559 -8.22 21.46 -46.86
N GLY A 560 -8.86 20.28 -46.92
CA GLY A 560 -10.07 20.02 -47.76
C GLY A 560 -11.25 20.86 -47.30
N TRP A 561 -10.99 21.60 -46.25
CA TRP A 561 -11.97 22.45 -45.66
C TRP A 561 -12.25 23.69 -46.51
N ILE A 562 -11.30 24.04 -47.39
CA ILE A 562 -11.51 25.15 -48.36
C ILE A 562 -12.70 24.89 -49.28
N ASN A 563 -12.85 23.66 -49.78
CA ASN A 563 -14.02 23.36 -50.62
C ASN A 563 -15.33 23.46 -49.82
N VAL A 564 -15.28 23.09 -48.56
CA VAL A 564 -16.43 23.25 -47.63
C VAL A 564 -16.75 24.76 -47.51
N TYR A 565 -15.75 25.57 -47.14
CA TYR A 565 -15.98 27.02 -47.05
C TYR A 565 -16.54 27.63 -48.33
N ARG A 566 -15.98 27.25 -49.48
CA ARG A 566 -16.37 27.79 -50.79
C ARG A 566 -17.83 27.50 -51.10
N SER A 567 -18.25 26.29 -50.73
CA SER A 567 -19.64 25.91 -50.87
C SER A 567 -20.58 26.73 -49.98
N LEU A 568 -20.18 26.96 -48.73
CA LEU A 568 -20.93 27.80 -47.80
C LEU A 568 -21.04 29.20 -48.34
N LYS A 569 -19.91 29.72 -48.84
CA LYS A 569 -19.85 31.09 -49.35
C LYS A 569 -20.75 31.26 -50.61
N GLU A 570 -20.64 30.36 -51.58
CA GLU A 570 -21.42 30.44 -52.81
C GLU A 570 -22.93 30.28 -52.57
N THR A 571 -23.29 29.54 -51.52
CA THR A 571 -24.67 29.32 -51.13
C THR A 571 -25.25 30.55 -50.44
N ILE A 572 -24.55 31.06 -49.43
CA ILE A 572 -24.99 32.17 -48.58
C ILE A 572 -24.93 33.49 -49.38
N ASP A 573 -23.87 33.62 -50.19
CA ASP A 573 -23.52 34.86 -50.90
C ASP A 573 -23.18 34.64 -52.38
N PRO A 574 -24.20 34.27 -53.21
CA PRO A 574 -23.93 33.93 -54.62
C PRO A 574 -23.26 35.02 -55.46
N LYS A 575 -23.54 36.28 -55.17
CA LYS A 575 -22.90 37.40 -55.92
C LYS A 575 -21.58 37.89 -55.29
N ASP A 576 -21.17 37.27 -54.20
CA ASP A 576 -19.86 37.60 -53.55
C ASP A 576 -19.80 39.10 -53.13
N ILE A 577 -20.88 39.58 -52.51
CA ILE A 577 -20.93 40.98 -52.07
C ILE A 577 -20.42 41.15 -50.64
N CYS A 578 -20.41 40.09 -49.83
CA CYS A 578 -20.07 40.21 -48.40
C CYS A 578 -18.57 40.16 -48.23
N ASN A 579 -17.98 41.30 -47.90
CA ASN A 579 -16.53 41.41 -47.72
C ASN A 579 -15.70 40.48 -48.65
N PRO A 580 -15.75 40.70 -49.96
CA PRO A 580 -15.05 39.82 -50.90
C PRO A 580 -13.54 39.77 -50.61
N ARG A 581 -12.99 38.55 -50.66
CA ARG A 581 -11.57 38.32 -50.43
C ARG A 581 -11.11 37.48 -51.61
N LYS A 582 -9.79 37.49 -51.85
CA LYS A 582 -9.20 36.45 -52.71
C LYS A 582 -8.91 35.23 -51.84
N LEU A 583 -8.08 35.42 -50.80
CA LEU A 583 -7.88 34.41 -49.76
C LEU A 583 -7.78 35.01 -48.34
N HIS B 9 -10.63 -14.70 -31.50
CA HIS B 9 -11.28 -13.34 -31.54
C HIS B 9 -12.81 -13.47 -31.67
N ILE B 10 -13.53 -12.82 -30.76
CA ILE B 10 -14.98 -12.72 -30.88
C ILE B 10 -15.32 -11.25 -31.19
N ASP B 11 -16.20 -11.01 -32.15
CA ASP B 11 -16.63 -9.64 -32.46
C ASP B 11 -17.63 -9.13 -31.44
N LEU B 12 -17.65 -7.81 -31.22
CA LEU B 12 -18.59 -7.28 -30.24
C LEU B 12 -20.06 -7.53 -30.59
N TYR B 13 -20.41 -7.56 -31.86
CA TYR B 13 -21.79 -7.85 -32.26
C TYR B 13 -22.24 -9.27 -31.78
N GLN B 14 -21.28 -10.15 -31.55
CA GLN B 14 -21.53 -11.51 -31.01
C GLN B 14 -21.51 -11.51 -29.49
N GLN B 15 -20.99 -10.45 -28.88
CA GLN B 15 -20.89 -10.36 -27.41
C GLN B 15 -22.02 -9.60 -26.75
N ILE B 16 -22.78 -8.86 -27.56
CA ILE B 16 -23.85 -8.00 -27.05
C ILE B 16 -25.18 -8.59 -27.56
N LYS B 17 -26.18 -8.66 -26.72
CA LYS B 17 -27.45 -9.35 -27.11
C LYS B 17 -28.03 -8.77 -28.38
N TRP B 18 -28.45 -9.65 -29.29
CA TRP B 18 -29.00 -9.22 -30.55
C TRP B 18 -30.49 -8.83 -30.49
N ASN B 19 -31.14 -9.11 -29.37
CA ASN B 19 -32.52 -8.68 -29.19
C ASN B 19 -32.79 -8.12 -27.81
N GLY B 20 -31.73 -7.58 -27.19
CA GLY B 20 -31.87 -6.94 -25.89
C GLY B 20 -30.65 -6.03 -25.64
N TRP B 21 -30.35 -5.78 -24.38
CA TRP B 21 -29.27 -4.90 -23.97
C TRP B 21 -28.03 -5.63 -23.45
N GLY B 22 -26.86 -5.15 -23.87
CA GLY B 22 -25.65 -5.41 -23.08
C GLY B 22 -25.10 -6.82 -23.21
N ASP B 23 -24.38 -7.25 -22.20
CA ASP B 23 -23.58 -8.47 -22.23
C ASP B 23 -24.52 -9.70 -22.36
N THR B 24 -24.23 -10.60 -23.31
CA THR B 24 -25.07 -11.84 -23.47
C THR B 24 -25.06 -12.70 -22.23
N ARG B 25 -23.99 -12.56 -21.44
CA ARG B 25 -23.80 -13.35 -20.22
C ARG B 25 -24.42 -12.75 -18.95
N LYS B 26 -25.07 -11.58 -19.07
CA LYS B 26 -25.68 -10.91 -17.94
C LYS B 26 -27.17 -10.65 -18.20
N PHE B 27 -28.01 -10.97 -17.23
CA PHE B 27 -29.48 -10.92 -17.37
C PHE B 27 -30.22 -11.18 -16.07
N LEU B 28 -31.42 -10.60 -15.96
CA LEU B 28 -32.37 -10.96 -14.91
C LEU B 28 -33.16 -12.19 -15.31
N HIS B 29 -33.66 -12.90 -14.30
CA HIS B 29 -34.49 -14.07 -14.56
C HIS B 29 -35.28 -14.50 -13.32
N GLN B 30 -36.37 -15.25 -13.56
CA GLN B 30 -37.26 -15.68 -12.51
C GLN B 30 -36.86 -17.09 -12.08
N LEU B 31 -36.47 -17.22 -10.81
CA LEU B 31 -36.19 -18.51 -10.21
C LEU B 31 -37.53 -19.17 -9.92
N LYS B 32 -37.69 -20.40 -10.36
CA LYS B 32 -38.93 -21.12 -10.11
C LYS B 32 -38.64 -22.27 -9.13
N PRO B 33 -39.62 -22.65 -8.27
CA PRO B 33 -40.99 -22.14 -8.14
C PRO B 33 -41.21 -20.97 -7.14
N SER B 34 -40.16 -20.49 -6.48
CA SER B 34 -40.32 -19.42 -5.48
C SER B 34 -40.80 -18.12 -6.10
N GLY B 35 -40.45 -17.91 -7.38
CA GLY B 35 -40.82 -16.72 -8.12
C GLY B 35 -39.83 -15.59 -7.91
N THR B 36 -38.75 -15.89 -7.21
CA THR B 36 -37.79 -14.88 -6.81
C THR B 36 -37.03 -14.44 -8.06
N ILE B 37 -36.92 -13.13 -8.24
CA ILE B 37 -36.17 -12.62 -9.38
C ILE B 37 -34.70 -12.55 -9.00
N ALA B 38 -33.84 -13.08 -9.88
CA ALA B 38 -32.39 -13.06 -9.65
C ALA B 38 -31.64 -12.40 -10.80
N MET B 39 -30.41 -11.99 -10.51
CA MET B 39 -29.51 -11.37 -11.47
C MET B 39 -28.31 -12.30 -11.66
N THR B 40 -28.04 -12.67 -12.91
CA THR B 40 -26.86 -13.44 -13.24
C THR B 40 -25.88 -12.54 -13.98
N THR B 41 -24.62 -12.62 -13.59
CA THR B 41 -23.50 -12.01 -14.28
C THR B 41 -22.43 -13.08 -14.60
N PRO B 42 -21.54 -12.80 -15.58
CA PRO B 42 -20.38 -13.65 -15.83
C PRO B 42 -19.57 -13.97 -14.56
N GLU B 43 -19.47 -13.03 -13.63
CA GLU B 43 -18.70 -13.23 -12.41
C GLU B 43 -19.46 -13.91 -11.24
N VAL B 44 -20.79 -13.83 -11.23
CA VAL B 44 -21.64 -14.51 -10.20
C VAL B 44 -22.99 -14.98 -10.78
N SER B 45 -23.38 -16.21 -10.47
CA SER B 45 -24.64 -16.76 -11.00
C SER B 45 -25.83 -16.75 -10.01
N SER B 46 -26.94 -16.15 -10.46
CA SER B 46 -28.24 -16.20 -9.77
C SER B 46 -28.33 -15.57 -8.36
N VAL B 47 -27.86 -14.32 -8.25
CA VAL B 47 -27.99 -13.56 -7.01
C VAL B 47 -29.43 -13.08 -6.83
N PRO B 48 -30.12 -13.56 -5.77
CA PRO B 48 -31.53 -13.22 -5.54
C PRO B 48 -31.73 -11.74 -5.25
N LEU B 49 -32.73 -11.15 -5.89
CA LEU B 49 -33.13 -9.78 -5.59
C LEU B 49 -34.54 -9.89 -5.02
N PRO B 50 -34.63 -10.11 -3.69
CA PRO B 50 -35.86 -10.60 -3.07
C PRO B 50 -36.93 -9.52 -2.96
N SER B 51 -36.51 -8.26 -3.00
CA SER B 51 -37.43 -7.14 -2.91
C SER B 51 -38.05 -6.75 -4.26
N LEU B 52 -37.42 -7.19 -5.36
CA LEU B 52 -37.80 -6.78 -6.72
C LEU B 52 -39.15 -7.35 -7.18
N ARG B 53 -39.38 -8.64 -6.93
CA ARG B 53 -40.68 -9.25 -7.24
C ARG B 53 -41.83 -8.54 -6.51
N GLY B 54 -41.64 -8.27 -5.22
CA GLY B 54 -42.62 -7.55 -4.42
C GLY B 54 -42.93 -6.17 -4.97
N PHE B 55 -41.88 -5.49 -5.43
CA PHE B 55 -42.01 -4.21 -6.11
C PHE B 55 -42.81 -4.33 -7.42
N ILE B 56 -42.44 -5.28 -8.30
CA ILE B 56 -43.20 -5.47 -9.54
C ILE B 56 -44.67 -5.89 -9.30
N LYS B 57 -44.91 -6.69 -8.26
CA LYS B 57 -46.25 -7.14 -7.91
C LYS B 57 -47.12 -5.98 -7.40
N LYS B 58 -46.59 -5.22 -6.46
CA LYS B 58 -47.25 -4.03 -5.91
C LYS B 58 -47.63 -3.05 -7.01
N GLU B 59 -46.64 -2.70 -7.84
CA GLU B 59 -46.77 -1.62 -8.80
C GLU B 59 -47.62 -1.92 -10.02
N LEU B 60 -47.37 -3.08 -10.64
CA LEU B 60 -48.05 -3.42 -11.88
C LEU B 60 -49.05 -4.56 -11.71
N THR B 61 -49.92 -4.41 -10.70
CA THR B 61 -51.05 -5.31 -10.49
C THR B 61 -52.36 -4.52 -10.33
N PRO B 69 -53.00 -14.27 -6.47
CA PRO B 69 -51.78 -15.06 -6.63
C PRO B 69 -50.98 -14.58 -7.84
N PHE B 70 -49.89 -13.87 -7.57
CA PHE B 70 -49.16 -13.18 -8.63
C PHE B 70 -48.35 -14.11 -9.53
N VAL B 71 -48.72 -14.12 -10.81
CA VAL B 71 -48.00 -14.87 -11.84
C VAL B 71 -47.39 -13.88 -12.83
N LEU B 72 -46.13 -14.11 -13.20
CA LEU B 72 -45.49 -13.38 -14.30
C LEU B 72 -45.86 -14.10 -15.60
N ASP B 73 -46.62 -13.45 -16.50
CA ASP B 73 -46.98 -14.06 -17.77
C ASP B 73 -45.81 -13.93 -18.79
N GLU B 74 -45.27 -15.07 -19.22
CA GLU B 74 -44.14 -15.13 -20.13
C GLU B 74 -44.49 -14.77 -21.58
N THR B 75 -43.76 -13.80 -22.12
CA THR B 75 -43.91 -13.43 -23.52
C THR B 75 -42.53 -13.50 -24.18
N PRO B 76 -42.08 -14.73 -24.52
CA PRO B 76 -40.67 -14.86 -25.00
C PRO B 76 -40.43 -14.25 -26.38
N ALA B 77 -39.18 -13.87 -26.65
CA ALA B 77 -38.75 -13.42 -27.98
C ALA B 77 -38.63 -14.59 -28.96
N LEU B 78 -38.77 -14.31 -30.27
CA LEU B 78 -38.60 -15.35 -31.29
C LEU B 78 -37.14 -15.77 -31.33
N GLN B 79 -36.89 -17.09 -31.48
CA GLN B 79 -35.52 -17.58 -31.67
C GLN B 79 -35.00 -17.15 -33.04
N ILE B 80 -33.66 -16.96 -33.14
CA ILE B 80 -33.07 -16.47 -34.39
C ILE B 80 -33.39 -17.35 -35.62
N GLU B 81 -33.38 -18.66 -35.43
CA GLU B 81 -33.72 -19.59 -36.53
C GLU B 81 -35.11 -19.34 -37.15
N ASN B 82 -36.07 -18.90 -36.32
CA ASN B 82 -37.44 -18.56 -36.74
C ASN B 82 -37.65 -17.14 -37.33
N ILE B 83 -36.59 -16.33 -37.44
CA ILE B 83 -36.72 -14.99 -38.04
C ILE B 83 -36.38 -14.98 -39.54
N HIS B 84 -37.28 -14.42 -40.35
CA HIS B 84 -37.02 -14.22 -41.79
C HIS B 84 -36.43 -12.86 -42.12
N VAL B 85 -35.41 -12.89 -42.98
CA VAL B 85 -34.77 -11.72 -43.55
C VAL B 85 -34.61 -12.04 -45.04
N ASP B 86 -34.95 -11.10 -45.92
CA ASP B 86 -34.73 -11.28 -47.36
C ASP B 86 -33.25 -11.42 -47.63
N PRO B 87 -32.87 -12.16 -48.69
CA PRO B 87 -31.48 -12.32 -49.12
C PRO B 87 -30.79 -10.96 -49.36
N PRO B 88 -29.46 -10.88 -49.10
CA PRO B 88 -28.77 -9.63 -49.42
C PRO B 88 -28.80 -9.39 -50.92
N LYS B 89 -28.76 -8.12 -51.31
CA LYS B 89 -28.66 -7.74 -52.71
C LYS B 89 -27.32 -8.21 -53.22
N GLN B 90 -27.17 -8.25 -54.54
CA GLN B 90 -25.91 -8.61 -55.17
C GLN B 90 -25.27 -7.41 -55.90
N TYR B 91 -23.96 -7.26 -55.73
CA TYR B 91 -23.14 -6.28 -56.46
C TYR B 91 -21.79 -6.93 -56.65
N PRO B 92 -21.68 -7.90 -57.59
CA PRO B 92 -20.43 -8.67 -57.74
C PRO B 92 -19.17 -7.80 -57.90
N GLU B 93 -19.23 -6.78 -58.75
CA GLU B 93 -18.04 -5.97 -59.07
C GLU B 93 -17.52 -5.11 -57.92
N PHE B 94 -18.43 -4.66 -57.06
CA PHE B 94 -18.03 -3.98 -55.84
C PHE B 94 -17.48 -4.96 -54.79
N VAL B 95 -18.18 -6.08 -54.56
CA VAL B 95 -17.72 -7.06 -53.57
C VAL B 95 -16.35 -7.63 -53.97
N ARG B 96 -16.15 -7.81 -55.29
CA ARG B 96 -14.87 -8.25 -55.87
CA ARG B 96 -14.88 -8.25 -55.88
C ARG B 96 -13.74 -7.32 -55.43
N GLU B 97 -13.97 -6.02 -55.54
CA GLU B 97 -12.99 -5.00 -55.16
C GLU B 97 -12.66 -4.98 -53.67
N LEU B 98 -13.69 -5.08 -52.82
CA LEU B 98 -13.54 -5.29 -51.37
C LEU B 98 -12.62 -6.45 -51.01
N LYS B 99 -12.92 -7.63 -51.54
CA LYS B 99 -12.15 -8.85 -51.27
C LYS B 99 -10.68 -8.77 -51.73
N ALA B 100 -10.36 -7.83 -52.62
CA ALA B 100 -8.97 -7.57 -53.05
C ALA B 100 -8.13 -6.85 -51.99
N PHE B 101 -8.79 -6.14 -51.07
CA PHE B 101 -8.13 -5.41 -49.96
C PHE B 101 -8.43 -5.96 -48.54
N PHE B 102 -9.68 -6.37 -48.30
CA PHE B 102 -10.09 -6.88 -46.98
C PHE B 102 -10.00 -8.42 -46.86
N LEU B 103 -9.62 -8.86 -45.66
CA LEU B 103 -9.60 -10.28 -45.30
C LEU B 103 -11.04 -10.77 -45.24
N PRO B 104 -11.26 -12.06 -45.54
CA PRO B 104 -12.62 -12.62 -45.45
C PRO B 104 -13.30 -12.51 -44.07
N ASP B 105 -12.56 -12.66 -42.96
CA ASP B 105 -13.17 -12.41 -41.63
C ASP B 105 -13.62 -10.95 -41.38
N GLN B 106 -13.23 -10.03 -42.26
CA GLN B 106 -13.66 -8.62 -42.16
C GLN B 106 -14.98 -8.33 -42.87
N LEU B 107 -15.46 -9.31 -43.63
CA LEU B 107 -16.71 -9.14 -44.35
C LEU B 107 -17.72 -10.16 -43.83
N LYS B 108 -18.90 -9.70 -43.40
CA LYS B 108 -19.92 -10.64 -42.87
C LYS B 108 -21.25 -10.38 -43.55
N ASP B 109 -21.97 -11.45 -43.86
CA ASP B 109 -23.33 -11.32 -44.39
C ASP B 109 -24.31 -12.42 -43.91
N ASP B 110 -23.93 -13.13 -42.85
CA ASP B 110 -24.78 -14.11 -42.20
C ASP B 110 -25.98 -13.43 -41.53
N LYS B 111 -27.01 -14.22 -41.22
CA LYS B 111 -28.23 -13.72 -40.61
C LYS B 111 -27.98 -12.86 -39.36
N LEU B 112 -27.18 -13.38 -38.43
CA LEU B 112 -26.89 -12.69 -37.18
C LEU B 112 -26.20 -11.34 -37.38
N ALA B 113 -25.18 -11.33 -38.24
CA ALA B 113 -24.49 -10.06 -38.56
C ALA B 113 -25.46 -9.06 -39.18
N ARG B 114 -26.34 -9.56 -40.05
CA ARG B 114 -27.30 -8.64 -40.68
C ARG B 114 -28.30 -8.05 -39.68
N ILE B 115 -28.92 -8.91 -38.85
CA ILE B 115 -29.83 -8.42 -37.78
C ILE B 115 -29.17 -7.45 -36.80
N THR B 116 -27.98 -7.78 -36.31
CA THR B 116 -27.32 -6.93 -35.32
C THR B 116 -26.87 -5.59 -35.91
N HIS B 117 -26.87 -5.48 -37.24
CA HIS B 117 -26.49 -4.20 -37.88
C HIS B 117 -27.67 -3.51 -38.57
N THR B 118 -28.89 -3.92 -38.17
CA THR B 118 -30.16 -3.31 -38.58
C THR B 118 -30.72 -2.39 -37.48
N PHE B 119 -30.64 -2.80 -36.21
CA PHE B 119 -31.45 -2.24 -35.13
C PHE B 119 -30.60 -1.55 -34.09
N GLY B 120 -31.11 -0.44 -33.55
CA GLY B 120 -30.54 0.18 -32.38
C GLY B 120 -31.18 -0.40 -31.13
N LYS B 121 -31.26 0.41 -30.06
CA LYS B 121 -31.72 -0.10 -28.78
C LYS B 121 -32.95 0.63 -28.23
N SER B 122 -33.72 1.25 -29.13
CA SER B 122 -34.98 1.88 -28.72
C SER B 122 -36.02 0.79 -28.37
N LEU B 123 -37.11 1.14 -27.68
CA LEU B 123 -38.23 0.21 -27.41
C LEU B 123 -38.76 -0.41 -28.71
N ARG B 124 -38.97 0.44 -29.72
CA ARG B 124 -39.53 0.01 -30.99
C ARG B 124 -38.59 -0.97 -31.71
N ASP B 125 -37.29 -0.74 -31.61
CA ASP B 125 -36.28 -1.64 -32.14
C ASP B 125 -36.40 -2.99 -31.52
N LEU B 126 -36.41 -3.03 -30.19
CA LEU B 126 -36.52 -4.30 -29.48
C LEU B 126 -37.84 -5.03 -29.75
N ILE B 127 -38.97 -4.32 -29.73
CA ILE B 127 -40.28 -4.94 -30.04
C ILE B 127 -40.19 -5.66 -31.40
N ARG B 128 -39.69 -4.92 -32.40
CA ARG B 128 -39.58 -5.42 -33.77
C ARG B 128 -38.69 -6.66 -33.94
N VAL B 129 -37.45 -6.62 -33.46
CA VAL B 129 -36.57 -7.80 -33.55
C VAL B 129 -37.14 -9.01 -32.78
N ARG B 130 -37.82 -8.72 -31.66
CA ARG B 130 -38.32 -9.77 -30.79
C ARG B 130 -39.48 -10.52 -31.42
N ILE B 131 -40.20 -9.90 -32.36
CA ILE B 131 -41.22 -10.61 -33.16
C ILE B 131 -40.75 -10.93 -34.59
N GLY B 132 -39.46 -10.73 -34.85
CA GLY B 132 -38.87 -11.08 -36.14
C GLY B 132 -39.21 -10.19 -37.31
N GLN B 133 -39.54 -8.93 -37.04
CA GLN B 133 -39.95 -8.02 -38.10
C GLN B 133 -38.73 -7.25 -38.61
N VAL B 134 -38.14 -7.74 -39.69
CA VAL B 134 -36.86 -7.21 -40.20
C VAL B 134 -37.05 -6.67 -41.62
N LYS B 135 -37.35 -5.37 -41.73
CA LYS B 135 -37.76 -4.75 -43.00
C LYS B 135 -36.65 -4.60 -44.01
N ASN B 136 -35.60 -3.90 -43.63
CA ASN B 136 -34.47 -3.73 -44.51
C ASN B 136 -33.24 -3.95 -43.66
N ALA B 137 -32.49 -5.00 -43.96
CA ALA B 137 -31.17 -5.22 -43.33
C ALA B 137 -30.07 -4.71 -44.28
N PRO B 138 -28.84 -4.43 -43.75
CA PRO B 138 -27.77 -4.11 -44.69
C PRO B 138 -27.37 -5.34 -45.50
N ASP B 139 -26.86 -5.11 -46.70
CA ASP B 139 -26.45 -6.21 -47.57
C ASP B 139 -25.12 -6.82 -47.18
N LEU B 140 -24.30 -6.03 -46.50
CA LEU B 140 -22.98 -6.47 -46.07
C LEU B 140 -22.53 -5.71 -44.83
N ILE B 141 -21.79 -6.40 -43.96
CA ILE B 141 -21.10 -5.76 -42.85
C ILE B 141 -19.59 -5.79 -43.14
N VAL B 142 -18.97 -4.62 -43.11
CA VAL B 142 -17.49 -4.50 -43.14
C VAL B 142 -16.93 -4.06 -41.78
N LEU B 143 -15.90 -4.76 -41.32
CA LEU B 143 -15.23 -4.41 -40.06
C LEU B 143 -13.77 -3.96 -40.35
N PRO B 144 -13.55 -2.67 -40.66
CA PRO B 144 -12.15 -2.19 -40.92
C PRO B 144 -11.19 -2.23 -39.71
N HIS B 145 -9.87 -2.27 -39.95
CA HIS B 145 -8.91 -2.39 -38.84
C HIS B 145 -8.10 -1.12 -38.63
N SER B 146 -8.23 -0.18 -39.57
CA SER B 146 -7.49 1.06 -39.48
C SER B 146 -8.09 2.19 -40.28
N HIS B 147 -7.60 3.40 -40.01
CA HIS B 147 -7.98 4.60 -40.74
C HIS B 147 -7.79 4.41 -42.24
N GLU B 148 -6.62 3.91 -42.67
CA GLU B 148 -6.33 3.67 -44.09
C GLU B 148 -7.35 2.70 -44.75
N GLU B 149 -7.79 1.68 -44.02
CA GLU B 149 -8.80 0.73 -44.53
C GLU B 149 -10.14 1.44 -44.70
N VAL B 150 -10.53 2.25 -43.71
CA VAL B 150 -11.72 3.09 -43.83
C VAL B 150 -11.64 3.98 -45.08
N GLU B 151 -10.52 4.66 -45.28
CA GLU B 151 -10.32 5.47 -46.49
C GLU B 151 -10.57 4.66 -47.76
N ARG B 152 -10.08 3.41 -47.83
CA ARG B 152 -10.26 2.58 -49.02
C ARG B 152 -11.74 2.26 -49.23
N LEU B 153 -12.43 1.94 -48.14
CA LEU B 153 -13.79 1.43 -48.22
C LEU B 153 -14.68 2.58 -48.68
N VAL B 154 -14.40 3.78 -48.16
CA VAL B 154 -15.24 4.94 -48.48
C VAL B 154 -15.03 5.36 -49.96
N GLN B 155 -13.78 5.35 -50.40
CA GLN B 155 -13.44 5.59 -51.81
C GLN B 155 -14.16 4.61 -52.76
N LEU B 156 -14.11 3.31 -52.43
CA LEU B 156 -14.83 2.29 -53.19
C LEU B 156 -16.39 2.46 -53.18
N ALA B 157 -16.97 2.75 -52.02
CA ALA B 157 -18.41 3.01 -51.92
C ALA B 157 -18.82 4.20 -52.81
N HIS B 158 -18.04 5.28 -52.78
CA HIS B 158 -18.27 6.45 -53.65
C HIS B 158 -18.16 6.10 -55.15
N LYS B 159 -17.11 5.38 -55.53
CA LYS B 159 -16.94 4.92 -56.91
C LYS B 159 -18.17 4.11 -57.39
N TYR B 160 -18.58 3.14 -56.58
CA TYR B 160 -19.61 2.18 -57.00
C TYR B 160 -21.04 2.60 -56.64
N ASN B 161 -21.19 3.75 -56.02
CA ASN B 161 -22.48 4.25 -55.53
C ASN B 161 -23.15 3.27 -54.51
N VAL B 162 -22.42 2.97 -53.44
CA VAL B 162 -22.89 2.08 -52.37
C VAL B 162 -23.19 2.88 -51.09
N VAL B 163 -24.39 2.72 -50.54
CA VAL B 163 -24.78 3.40 -49.30
C VAL B 163 -23.90 2.84 -48.17
N ILE B 164 -23.40 3.74 -47.31
CA ILE B 164 -22.60 3.32 -46.17
C ILE B 164 -23.17 3.91 -44.87
N ILE B 165 -23.28 3.04 -43.85
CA ILE B 165 -23.76 3.48 -42.53
C ILE B 165 -22.78 3.04 -41.42
N PRO B 166 -22.06 4.01 -40.79
CA PRO B 166 -21.15 3.60 -39.73
C PRO B 166 -21.93 3.24 -38.45
N MET B 167 -21.39 2.31 -37.69
CA MET B 167 -22.03 1.81 -36.48
C MET B 167 -20.95 1.72 -35.39
N GLY B 168 -21.30 2.23 -34.21
CA GLY B 168 -20.51 2.03 -33.02
C GLY B 168 -21.21 0.96 -32.19
N GLY B 169 -21.77 1.33 -31.05
CA GLY B 169 -22.45 0.35 -30.20
C GLY B 169 -23.84 0.01 -30.69
N GLY B 170 -24.36 0.81 -31.64
CA GLY B 170 -25.77 0.68 -32.03
C GLY B 170 -26.73 0.88 -30.84
N SER B 171 -26.30 1.69 -29.87
CA SER B 171 -27.11 2.04 -28.70
C SER B 171 -28.08 3.20 -28.90
N ASN B 172 -28.03 3.92 -30.02
CA ASN B 172 -28.96 5.01 -30.25
C ASN B 172 -30.42 4.54 -30.23
N ILE B 173 -31.31 5.46 -29.86
CA ILE B 173 -32.73 5.12 -29.76
C ILE B 173 -33.59 5.92 -30.74
N VAL B 174 -32.94 6.43 -31.78
CA VAL B 174 -33.60 7.29 -32.76
C VAL B 174 -33.60 6.72 -34.18
N GLY B 175 -33.27 5.46 -34.33
CA GLY B 175 -33.26 4.82 -35.65
C GLY B 175 -32.13 5.32 -36.54
N ALA B 176 -31.04 5.77 -35.92
CA ALA B 176 -29.98 6.44 -36.69
C ALA B 176 -29.17 5.50 -37.59
N ILE B 177 -29.08 4.21 -37.22
CA ILE B 177 -28.42 3.23 -38.10
C ILE B 177 -29.34 2.37 -39.00
N GLU B 178 -30.66 2.57 -38.93
CA GLU B 178 -31.60 1.73 -39.70
C GLU B 178 -31.43 1.96 -41.20
N PRO B 179 -31.20 0.87 -41.98
CA PRO B 179 -31.10 1.00 -43.43
C PRO B 179 -32.44 1.45 -44.01
N VAL B 180 -32.38 2.39 -44.95
CA VAL B 180 -33.58 3.06 -45.47
C VAL B 180 -33.50 3.25 -47.01
N SER B 181 -32.53 2.55 -47.62
CA SER B 181 -32.12 2.80 -48.99
C SER B 181 -32.14 1.48 -49.78
N ASN B 182 -33.34 0.91 -49.93
CA ASN B 182 -33.50 -0.38 -50.59
C ASN B 182 -33.23 -0.37 -52.11
N GLU B 183 -32.88 0.79 -52.67
CA GLU B 183 -32.56 0.84 -54.10
C GLU B 183 -31.09 0.57 -54.36
N ARG B 184 -30.27 0.85 -53.37
CA ARG B 184 -28.83 0.67 -53.53
C ARG B 184 -28.31 -0.39 -52.60
N PHE B 185 -27.23 -1.04 -53.02
CA PHE B 185 -26.46 -1.90 -52.13
C PHE B 185 -26.04 -1.10 -50.90
N THR B 186 -26.30 -1.63 -49.70
CA THR B 186 -25.91 -0.89 -48.51
C THR B 186 -25.03 -1.71 -47.59
N VAL B 187 -24.03 -1.03 -47.06
CA VAL B 187 -22.99 -1.60 -46.23
C VAL B 187 -23.07 -0.96 -44.83
N SER B 188 -23.09 -1.79 -43.79
CA SER B 188 -22.86 -1.34 -42.42
C SER B 188 -21.36 -1.39 -42.10
N ILE B 189 -20.77 -0.24 -41.79
CA ILE B 189 -19.35 -0.16 -41.31
C ILE B 189 -19.28 -0.20 -39.77
N ASP B 190 -18.96 -1.39 -39.25
CA ASP B 190 -18.88 -1.62 -37.81
C ASP B 190 -17.48 -1.20 -37.38
N MET B 191 -17.37 -0.13 -36.60
CA MET B 191 -16.07 0.48 -36.27
C MET B 191 -15.31 -0.20 -35.10
N ARG B 192 -15.92 -1.22 -34.52
CA ARG B 192 -15.50 -1.73 -33.21
C ARG B 192 -14.22 -2.54 -33.14
N ARG B 193 -13.69 -2.94 -34.29
CA ARG B 193 -12.30 -3.49 -34.29
C ARG B 193 -11.23 -2.39 -34.23
N MET B 194 -11.62 -1.12 -34.44
CA MET B 194 -10.69 -0.01 -34.26
C MET B 194 -10.85 0.52 -32.85
N ASN B 195 -10.16 -0.13 -31.92
CA ASN B 195 -10.48 0.05 -30.52
C ASN B 195 -9.30 0.28 -29.61
N LYS B 196 -8.23 0.85 -30.15
CA LYS B 196 -6.99 1.08 -29.39
C LYS B 196 -6.71 2.58 -29.14
N VAL B 197 -6.19 2.87 -27.95
CA VAL B 197 -5.63 4.16 -27.62
C VAL B 197 -4.27 4.16 -28.32
N LEU B 198 -4.07 5.09 -29.24
CA LEU B 198 -2.85 5.11 -30.05
C LEU B 198 -1.71 5.75 -29.27
N TRP B 199 -1.98 6.82 -28.54
CA TRP B 199 -0.97 7.39 -27.67
C TRP B 199 -1.57 8.29 -26.61
N VAL B 200 -0.81 8.53 -25.54
CA VAL B 200 -1.18 9.53 -24.53
C VAL B 200 -0.02 10.53 -24.37
N ASP B 201 -0.33 11.82 -24.43
CA ASP B 201 0.66 12.84 -24.26
C ASP B 201 0.43 13.42 -22.87
N ARG B 202 1.32 13.10 -21.95
CA ARG B 202 1.08 13.45 -20.56
C ARG B 202 1.47 14.88 -20.24
N ARG B 203 2.29 15.51 -21.10
CA ARG B 203 2.51 16.94 -20.98
C ARG B 203 1.31 17.78 -21.46
N GLU B 204 0.75 17.44 -22.63
CA GLU B 204 -0.41 18.17 -23.20
C GLU B 204 -1.74 17.73 -22.54
N MET B 205 -1.71 16.57 -21.90
CA MET B 205 -2.93 15.91 -21.34
C MET B 205 -4.01 15.69 -22.42
N THR B 206 -3.56 14.98 -23.46
CA THR B 206 -4.36 14.63 -24.61
C THR B 206 -4.04 13.20 -24.99
N ALA B 207 -4.96 12.58 -25.68
CA ALA B 207 -4.78 11.21 -26.11
C ALA B 207 -5.43 11.00 -27.45
N CYS B 208 -4.75 10.26 -28.32
CA CYS B 208 -5.26 9.91 -29.63
C CYS B 208 -5.87 8.49 -29.56
N ILE B 209 -7.16 8.39 -29.88
CA ILE B 209 -7.90 7.16 -29.64
C ILE B 209 -8.66 6.79 -30.89
N GLN B 210 -8.58 5.51 -31.30
CA GLN B 210 -9.44 4.98 -32.37
C GLN B 210 -10.88 4.96 -31.85
N VAL B 211 -11.80 5.54 -32.62
CA VAL B 211 -13.11 5.89 -32.06
C VAL B 211 -14.11 4.71 -32.01
N GLY B 212 -13.76 3.56 -32.58
CA GLY B 212 -14.61 2.37 -32.37
C GLY B 212 -14.52 1.75 -30.98
N ILE B 213 -13.62 2.29 -30.14
CA ILE B 213 -13.46 1.79 -28.76
C ILE B 213 -14.74 1.92 -27.92
N MET B 214 -15.06 0.89 -27.12
CA MET B 214 -16.22 0.96 -26.20
C MET B 214 -15.85 1.68 -24.93
N GLY B 215 -16.84 2.34 -24.31
CA GLY B 215 -16.58 3.11 -23.09
C GLY B 215 -15.67 2.49 -22.01
N PRO B 216 -16.05 1.31 -21.46
CA PRO B 216 -15.20 0.71 -20.41
C PRO B 216 -13.78 0.39 -20.86
N GLU B 217 -13.66 -0.14 -22.08
CA GLU B 217 -12.33 -0.37 -22.68
C GLU B 217 -11.50 0.92 -22.79
N LEU B 218 -12.13 2.03 -23.20
CA LEU B 218 -11.44 3.31 -23.24
C LEU B 218 -10.94 3.70 -21.85
N GLU B 219 -11.80 3.57 -20.83
CA GLU B 219 -11.36 4.08 -19.52
C GLU B 219 -10.31 3.13 -18.91
N LYS B 220 -10.36 1.86 -19.25
CA LYS B 220 -9.37 0.88 -18.78
C LYS B 220 -8.00 1.18 -19.39
N GLN B 221 -7.98 1.36 -20.71
CA GLN B 221 -6.71 1.63 -21.43
C GLN B 221 -6.09 2.96 -21.00
N LEU B 222 -6.90 4.01 -20.89
CA LEU B 222 -6.43 5.29 -20.35
C LEU B 222 -5.90 5.20 -18.91
N HIS B 223 -6.59 4.48 -18.04
CA HIS B 223 -6.15 4.32 -16.67
C HIS B 223 -4.71 3.70 -16.55
N LYS B 224 -4.37 2.78 -17.45
CA LYS B 224 -3.02 2.18 -17.50
C LYS B 224 -1.94 3.28 -17.66
N GLN B 225 -2.29 4.38 -18.30
CA GLN B 225 -1.36 5.49 -18.50
C GLN B 225 -1.70 6.67 -17.58
N GLY B 226 -2.46 6.37 -16.53
CA GLY B 226 -2.72 7.29 -15.43
C GLY B 226 -3.66 8.45 -15.72
N VAL B 227 -4.51 8.32 -16.74
CA VAL B 227 -5.43 9.38 -17.10
C VAL B 227 -6.87 8.86 -17.32
N SER B 228 -7.79 9.78 -17.57
CA SER B 228 -9.20 9.41 -17.77
C SER B 228 -9.86 10.44 -18.71
N LEU B 229 -10.93 10.03 -19.40
CA LEU B 229 -11.67 10.97 -20.27
C LEU B 229 -12.82 11.64 -19.51
N GLY B 230 -13.64 10.82 -18.84
CA GLY B 230 -14.71 11.30 -17.99
C GLY B 230 -16.07 11.55 -18.66
N HIS B 231 -16.25 11.03 -19.86
CA HIS B 231 -17.54 11.16 -20.53
C HIS B 231 -18.37 9.94 -20.17
N ASP B 232 -19.53 10.20 -19.59
CA ASP B 232 -20.31 9.16 -18.92
C ASP B 232 -21.82 9.27 -19.21
N PRO B 233 -22.24 8.96 -20.45
CA PRO B 233 -23.69 8.80 -20.75
C PRO B 233 -24.20 7.57 -19.97
N ASP B 234 -25.51 7.42 -19.85
CA ASP B 234 -26.10 6.27 -19.12
C ASP B 234 -25.88 4.94 -19.92
N SER B 235 -25.63 5.11 -21.22
CA SER B 235 -25.21 4.02 -22.12
C SER B 235 -23.68 3.80 -22.18
N PHE B 236 -22.92 4.37 -21.24
CA PHE B 236 -21.46 4.31 -21.24
C PHE B 236 -20.91 2.88 -21.56
N GLU B 237 -21.55 1.86 -21.00
CA GLU B 237 -20.98 0.49 -21.05
C GLU B 237 -20.97 -0.09 -22.46
N PHE B 238 -21.94 0.29 -23.29
CA PHE B 238 -22.16 -0.35 -24.59
C PHE B 238 -22.29 0.64 -25.74
N SER B 239 -21.51 1.72 -25.62
CA SER B 239 -21.49 2.72 -26.66
C SER B 239 -20.02 3.06 -26.90
N THR B 240 -19.76 3.77 -28.00
CA THR B 240 -18.38 4.05 -28.44
C THR B 240 -18.05 5.55 -28.45
N LEU B 241 -16.75 5.86 -28.34
CA LEU B 241 -16.31 7.24 -28.54
C LEU B 241 -16.86 7.88 -29.85
N GLY B 242 -16.79 7.12 -30.96
CA GLY B 242 -17.20 7.62 -32.28
C GLY B 242 -18.67 7.96 -32.31
N GLY B 243 -19.45 7.11 -31.65
CA GLY B 243 -20.91 7.35 -31.46
C GLY B 243 -21.10 8.63 -30.62
N TRP B 244 -20.34 8.80 -29.54
CA TRP B 244 -20.47 10.02 -28.69
C TRP B 244 -20.22 11.30 -29.46
N LEU B 245 -19.20 11.24 -30.31
CA LEU B 245 -18.82 12.40 -31.15
C LEU B 245 -19.89 12.65 -32.20
N ALA B 246 -20.36 11.57 -32.83
CA ALA B 246 -21.31 11.69 -33.92
C ALA B 246 -22.71 12.09 -33.45
N THR B 247 -23.01 11.88 -32.16
CA THR B 247 -24.34 12.25 -31.59
C THR B 247 -24.28 13.48 -30.62
N CYS B 248 -23.07 14.03 -30.35
CA CYS B 248 -22.87 14.89 -29.18
C CYS B 248 -23.67 14.47 -27.93
N SER B 249 -23.42 13.24 -27.47
CA SER B 249 -24.22 12.67 -26.36
C SER B 249 -23.89 13.42 -25.07
N SER B 250 -24.87 13.50 -24.18
CA SER B 250 -24.65 14.09 -22.85
C SER B 250 -23.87 13.14 -21.94
N GLY B 251 -23.06 13.67 -21.04
CA GLY B 251 -22.37 12.84 -20.03
C GLY B 251 -22.69 13.40 -18.66
N HIS B 252 -22.70 12.56 -17.63
CA HIS B 252 -23.21 12.96 -16.29
C HIS B 252 -22.12 13.38 -15.32
N GLN B 253 -20.91 13.60 -15.86
CA GLN B 253 -19.86 14.33 -15.16
C GLN B 253 -19.45 15.58 -15.94
N SER B 254 -20.34 16.05 -16.82
CA SER B 254 -20.04 17.15 -17.71
C SER B 254 -19.85 18.46 -16.93
N ASP B 255 -20.44 18.52 -15.75
CA ASP B 255 -20.33 19.69 -14.88
C ASP B 255 -18.91 19.93 -14.41
N LYS B 256 -18.06 18.91 -14.58
CA LYS B 256 -16.66 18.95 -14.19
C LYS B 256 -15.75 18.88 -15.42
N TYR B 257 -15.99 17.93 -16.31
CA TYR B 257 -15.04 17.63 -17.38
C TYR B 257 -15.34 18.27 -18.74
N GLY B 258 -16.53 18.86 -18.83
CA GLY B 258 -16.98 19.54 -20.05
C GLY B 258 -17.91 18.65 -20.85
N ASP B 259 -18.53 19.24 -21.87
CA ASP B 259 -19.33 18.48 -22.84
C ASP B 259 -18.37 17.75 -23.81
N ILE B 260 -18.88 16.74 -24.53
CA ILE B 260 -18.04 15.97 -25.50
C ILE B 260 -17.38 16.90 -26.55
N GLU B 261 -18.09 17.93 -27.01
CA GLU B 261 -17.54 18.80 -28.03
C GLU B 261 -16.35 19.60 -27.50
N ASP B 262 -16.37 19.95 -26.20
CA ASP B 262 -15.24 20.64 -25.50
C ASP B 262 -14.04 19.67 -25.32
N MET B 263 -14.34 18.42 -25.00
CA MET B 263 -13.31 17.37 -24.84
C MET B 263 -12.59 17.00 -26.15
N ALA B 264 -13.30 17.12 -27.28
CA ALA B 264 -12.70 16.84 -28.59
C ALA B 264 -11.72 17.96 -29.06
N VAL B 265 -10.44 17.62 -29.17
CA VAL B 265 -9.44 18.62 -29.63
C VAL B 265 -9.43 18.66 -31.16
N SER B 266 -9.38 17.47 -31.76
CA SER B 266 -9.39 17.33 -33.19
C SER B 266 -9.79 15.90 -33.52
N PHE B 267 -10.07 15.63 -34.79
CA PHE B 267 -10.32 14.28 -35.24
C PHE B 267 -10.25 14.26 -36.75
N ARG B 268 -10.16 13.03 -37.28
CA ARG B 268 -10.04 12.75 -38.70
C ARG B 268 -11.35 12.17 -39.20
N THR B 269 -11.83 12.72 -40.32
CA THR B 269 -13.13 12.32 -40.93
C THR B 269 -12.92 11.86 -42.38
N VAL B 270 -13.28 10.61 -42.65
CA VAL B 270 -13.12 10.08 -44.00
C VAL B 270 -14.44 10.34 -44.72
N THR B 271 -14.38 11.08 -45.83
CA THR B 271 -15.59 11.43 -46.58
C THR B 271 -15.49 10.93 -48.01
N PRO B 272 -16.63 10.87 -48.73
CA PRO B 272 -16.53 10.45 -50.14
C PRO B 272 -15.68 11.39 -51.01
N THR B 273 -15.45 12.62 -50.55
CA THR B 273 -14.64 13.53 -51.36
C THR B 273 -13.23 13.78 -50.81
N GLY B 274 -12.79 12.91 -49.89
CA GLY B 274 -11.48 12.98 -49.29
C GLY B 274 -11.50 13.00 -47.78
N THR B 275 -10.33 12.86 -47.19
CA THR B 275 -10.22 12.85 -45.73
C THR B 275 -10.05 14.28 -45.22
N LEU B 276 -10.88 14.64 -44.24
CA LEU B 276 -10.79 15.97 -43.62
C LEU B 276 -9.99 15.89 -42.32
N GLU B 277 -8.88 16.63 -42.23
CA GLU B 277 -8.01 16.65 -41.04
C GLU B 277 -8.28 17.91 -40.22
N LEU B 278 -8.08 17.83 -38.90
CA LEU B 278 -8.24 19.01 -38.01
C LEU B 278 -6.96 19.29 -37.20
N ARG B 279 -6.75 20.53 -36.79
CA ARG B 279 -5.50 20.87 -36.04
C ARG B 279 -5.68 20.77 -34.53
N ASN B 280 -4.61 20.34 -33.83
CA ASN B 280 -4.61 20.28 -32.36
C ASN B 280 -4.55 21.68 -31.71
N GLY B 285 -10.09 32.45 -32.23
CA GLY B 285 -9.47 33.07 -33.41
C GLY B 285 -10.38 32.96 -34.61
N ALA B 286 -10.06 33.69 -35.68
CA ALA B 286 -11.00 33.78 -36.80
C ALA B 286 -11.04 32.55 -37.70
N GLY B 287 -11.95 32.53 -38.65
CA GLY B 287 -12.24 31.34 -39.43
C GLY B 287 -13.26 30.50 -38.70
N ILE B 288 -13.84 29.55 -39.42
CA ILE B 288 -14.77 28.59 -38.88
C ILE B 288 -14.01 27.56 -38.04
N ASN B 289 -14.56 27.26 -36.87
CA ASN B 289 -14.06 26.15 -36.10
C ASN B 289 -14.71 24.88 -36.65
N TYR B 290 -14.01 24.26 -37.59
CA TYR B 290 -14.55 23.20 -38.45
C TYR B 290 -15.03 21.91 -37.80
N LYS B 291 -14.51 21.59 -36.61
CA LYS B 291 -14.88 20.36 -35.93
C LYS B 291 -16.43 20.36 -35.72
N HIS B 292 -16.98 21.55 -35.52
CA HIS B 292 -18.41 21.72 -35.30
C HIS B 292 -19.28 21.39 -36.53
N ILE B 293 -18.69 21.26 -37.72
CA ILE B 293 -19.45 20.72 -38.87
C ILE B 293 -19.75 19.19 -38.73
N ILE B 294 -18.81 18.45 -38.19
CA ILE B 294 -18.88 17.00 -38.08
C ILE B 294 -19.47 16.53 -36.76
N LEU B 295 -19.18 17.24 -35.66
CA LEU B 295 -19.73 16.82 -34.37
C LEU B 295 -21.27 16.86 -34.47
N GLY B 296 -21.92 15.77 -34.07
CA GLY B 296 -23.41 15.72 -34.11
C GLY B 296 -24.00 15.32 -35.46
N SER B 297 -23.16 15.00 -36.46
CA SER B 297 -23.63 14.75 -37.82
C SER B 297 -24.22 13.35 -38.09
N GLU B 298 -24.14 12.44 -37.11
CA GLU B 298 -24.81 11.10 -37.22
C GLU B 298 -24.46 10.34 -38.52
N GLY B 299 -23.19 10.43 -38.92
CA GLY B 299 -22.66 9.64 -40.04
C GLY B 299 -23.13 10.11 -41.40
N THR B 300 -23.85 11.22 -41.44
CA THR B 300 -24.33 11.78 -42.71
C THR B 300 -23.25 12.60 -43.48
N LEU B 301 -22.10 12.84 -42.84
CA LEU B 301 -21.02 13.66 -43.44
C LEU B 301 -19.65 12.97 -43.44
N GLY B 302 -19.64 11.65 -43.28
CA GLY B 302 -18.43 10.85 -43.30
C GLY B 302 -18.16 10.15 -41.98
N ILE B 303 -17.04 9.43 -41.93
CA ILE B 303 -16.78 8.51 -40.82
C ILE B 303 -15.60 9.07 -40.06
N ILE B 304 -15.79 9.29 -38.76
CA ILE B 304 -14.71 9.68 -37.86
C ILE B 304 -13.92 8.42 -37.51
N THR B 305 -12.60 8.51 -37.57
CA THR B 305 -11.77 7.29 -37.41
C THR B 305 -10.94 7.33 -36.12
N GLU B 306 -10.27 8.45 -35.89
CA GLU B 306 -9.36 8.68 -34.75
C GLU B 306 -9.57 10.10 -34.23
N ALA B 307 -9.57 10.29 -32.91
CA ALA B 307 -9.81 11.61 -32.30
C ALA B 307 -8.73 11.89 -31.28
N VAL B 308 -8.33 13.14 -31.17
CA VAL B 308 -7.49 13.58 -30.05
C VAL B 308 -8.42 14.22 -29.03
N MET B 309 -8.43 13.65 -27.83
CA MET B 309 -9.36 14.01 -26.76
C MET B 309 -8.54 14.61 -25.62
N LYS B 310 -9.07 15.63 -24.94
CA LYS B 310 -8.49 16.15 -23.73
C LYS B 310 -8.76 15.12 -22.64
N VAL B 311 -7.74 14.78 -21.87
CA VAL B 311 -7.87 13.82 -20.78
C VAL B 311 -7.39 14.52 -19.48
N HIS B 312 -7.70 13.92 -18.34
CA HIS B 312 -7.21 14.45 -17.06
C HIS B 312 -6.55 13.33 -16.25
N ALA B 313 -5.68 13.71 -15.31
CA ALA B 313 -5.07 12.72 -14.41
C ALA B 313 -6.13 12.00 -13.60
N VAL B 314 -5.93 10.71 -13.35
CA VAL B 314 -6.79 9.97 -12.40
C VAL B 314 -6.85 10.77 -11.10
N PRO B 315 -8.06 11.16 -10.68
CA PRO B 315 -8.09 12.07 -9.52
C PRO B 315 -7.55 11.49 -8.19
N GLN B 316 -6.97 12.35 -7.35
CA GLN B 316 -6.47 11.88 -6.06
C GLN B 316 -7.60 11.56 -5.05
N ALA B 317 -8.73 12.23 -5.18
CA ALA B 317 -9.93 11.95 -4.36
C ALA B 317 -11.16 11.73 -5.22
N VAL B 318 -11.91 10.68 -4.91
CA VAL B 318 -13.20 10.38 -5.52
C VAL B 318 -14.09 10.02 -4.36
N GLU B 319 -15.08 10.87 -4.07
CA GLU B 319 -16.03 10.61 -2.97
C GLU B 319 -17.49 10.78 -3.41
N TYR B 320 -18.27 9.71 -3.26
CA TYR B 320 -19.70 9.68 -3.60
C TYR B 320 -20.54 9.44 -2.36
N TYR B 321 -21.65 10.18 -2.26
CA TYR B 321 -22.54 10.19 -1.08
C TYR B 321 -24.02 10.07 -1.46
N GLY B 322 -24.80 9.42 -0.61
CA GLY B 322 -26.24 9.48 -0.76
C GLY B 322 -26.90 10.36 0.29
N PHE B 323 -28.02 10.97 -0.09
CA PHE B 323 -28.86 11.81 0.76
C PHE B 323 -30.34 11.56 0.50
N LEU B 324 -31.15 11.66 1.55
CA LEU B 324 -32.59 11.63 1.42
C LEU B 324 -33.12 13.03 1.70
N PHE B 325 -34.18 13.40 0.98
CA PHE B 325 -34.97 14.60 1.26
C PHE B 325 -36.42 14.21 1.56
N PRO B 326 -37.16 15.06 2.32
CA PRO B 326 -38.56 14.73 2.63
C PRO B 326 -39.48 14.78 1.41
N THR B 327 -39.17 15.66 0.45
CA THR B 327 -40.01 15.84 -0.73
C THR B 327 -39.15 16.16 -1.94
N PHE B 328 -39.72 15.93 -3.12
CA PHE B 328 -39.09 16.35 -4.38
C PHE B 328 -38.77 17.85 -4.37
N ALA B 329 -39.75 18.64 -3.88
CA ALA B 329 -39.57 20.08 -3.67
C ALA B 329 -38.29 20.45 -2.93
N HIS B 330 -38.00 19.78 -1.80
CA HIS B 330 -36.76 20.07 -1.01
C HIS B 330 -35.48 19.80 -1.81
N ALA B 331 -35.46 18.66 -2.50
CA ALA B 331 -34.32 18.25 -3.36
C ALA B 331 -34.06 19.27 -4.44
N VAL B 332 -35.15 19.75 -5.06
CA VAL B 332 -35.06 20.75 -6.10
C VAL B 332 -34.49 22.07 -5.58
N SER B 333 -34.90 22.49 -4.39
CA SER B 333 -34.42 23.72 -3.77
C SER B 333 -32.94 23.61 -3.49
N ALA B 334 -32.52 22.42 -3.04
CA ALA B 334 -31.09 22.16 -2.82
C ALA B 334 -30.28 22.27 -4.13
N LEU B 335 -30.82 21.70 -5.22
CA LEU B 335 -30.24 21.78 -6.56
C LEU B 335 -30.00 23.22 -7.02
N GLN B 336 -31.05 24.04 -6.90
CA GLN B 336 -31.00 25.47 -7.18
C GLN B 336 -29.95 26.22 -6.41
N GLN B 337 -29.89 25.99 -5.10
CA GLN B 337 -28.97 26.76 -4.26
C GLN B 337 -27.51 26.32 -4.46
N ILE B 338 -27.32 25.02 -4.72
CA ILE B 338 -25.97 24.52 -5.08
C ILE B 338 -25.46 25.24 -6.32
N ARG B 339 -26.28 25.31 -7.37
CA ARG B 339 -25.83 25.94 -8.59
C ARG B 339 -25.55 27.44 -8.38
N SER B 340 -26.44 28.12 -7.64
CA SER B 340 -26.29 29.54 -7.26
C SER B 340 -25.00 29.85 -6.50
N SER B 341 -24.56 28.88 -5.70
CA SER B 341 -23.34 28.99 -4.90
C SER B 341 -22.10 29.01 -5.76
N GLU B 342 -22.21 28.51 -7.01
CA GLU B 342 -21.09 28.38 -7.96
C GLU B 342 -20.03 27.34 -7.51
N VAL B 343 -20.35 26.55 -6.49
CA VAL B 343 -19.45 25.51 -6.03
C VAL B 343 -20.16 24.18 -6.25
N ILE B 344 -19.86 23.51 -7.35
CA ILE B 344 -20.77 22.45 -7.79
C ILE B 344 -20.16 21.05 -7.76
N PRO B 345 -20.98 20.01 -7.42
CA PRO B 345 -20.41 18.67 -7.44
C PRO B 345 -20.02 18.18 -8.85
N THR B 346 -19.21 17.13 -8.91
CA THR B 346 -18.84 16.47 -10.16
C THR B 346 -20.05 15.83 -10.82
N MET B 347 -20.92 15.27 -9.98
CA MET B 347 -22.14 14.65 -10.43
C MET B 347 -23.21 14.80 -9.35
N ILE B 348 -24.43 14.99 -9.81
CA ILE B 348 -25.61 14.89 -8.96
C ILE B 348 -26.74 14.24 -9.78
N ARG B 349 -27.54 13.43 -9.09
CA ARG B 349 -28.80 12.96 -9.63
C ARG B 349 -29.79 12.98 -8.48
N VAL B 350 -30.99 13.49 -8.75
CA VAL B 350 -32.12 13.42 -7.82
C VAL B 350 -33.20 12.48 -8.41
N TYR B 351 -33.63 11.52 -7.60
CA TYR B 351 -34.65 10.55 -7.98
C TYR B 351 -35.92 10.95 -7.28
N ASP B 352 -37.04 10.94 -8.01
CA ASP B 352 -38.36 11.08 -7.35
C ASP B 352 -38.70 9.84 -6.51
N PRO B 353 -39.79 9.87 -5.71
CA PRO B 353 -40.06 8.79 -4.78
C PRO B 353 -40.17 7.45 -5.49
N GLU B 354 -40.76 7.43 -6.68
CA GLU B 354 -40.96 6.17 -7.39
C GLU B 354 -39.61 5.57 -7.79
N GLU B 355 -38.74 6.40 -8.36
CA GLU B 355 -37.41 5.90 -8.71
C GLU B 355 -36.57 5.58 -7.47
N THR B 356 -36.82 6.29 -6.37
CA THR B 356 -36.12 6.00 -5.10
C THR B 356 -36.47 4.61 -4.57
N GLN B 357 -37.77 4.28 -4.58
CA GLN B 357 -38.22 2.96 -4.17
C GLN B 357 -37.60 1.87 -5.02
N LEU B 358 -37.63 2.07 -6.35
CA LEU B 358 -36.99 1.16 -7.28
C LEU B 358 -35.52 0.94 -6.92
N SER B 359 -34.78 2.05 -6.70
CA SER B 359 -33.37 1.99 -6.24
C SER B 359 -33.15 1.14 -4.98
N PHE B 360 -34.10 1.19 -4.04
CA PHE B 360 -33.93 0.49 -2.76
C PHE B 360 -34.38 -0.97 -2.85
N ALA B 361 -35.17 -1.29 -3.87
CA ALA B 361 -35.55 -2.67 -4.18
C ALA B 361 -34.59 -3.27 -5.22
N TRP B 362 -33.54 -2.52 -5.53
CA TRP B 362 -32.46 -2.98 -6.40
C TRP B 362 -31.36 -3.64 -5.56
N LYS B 363 -31.67 -3.88 -4.29
CA LYS B 363 -30.75 -4.48 -3.32
C LYS B 363 -30.79 -6.01 -3.38
N PRO B 364 -29.66 -6.64 -3.80
CA PRO B 364 -29.47 -8.10 -3.79
C PRO B 364 -30.00 -8.82 -2.55
N SER B 370 -21.24 -3.68 -0.05
CA SER B 370 -22.36 -4.45 0.49
C SER B 370 -22.54 -4.24 2.01
N GLU B 371 -21.43 -4.15 2.74
CA GLU B 371 -21.44 -3.80 4.16
C GLU B 371 -21.90 -2.35 4.30
N PHE B 372 -21.51 -1.52 3.33
CA PHE B 372 -21.87 -0.10 3.30
C PHE B 372 -23.27 0.12 2.78
N THR B 373 -23.74 -0.76 1.89
CA THR B 373 -25.08 -0.61 1.30
C THR B 373 -26.22 -0.93 2.27
N SER B 374 -26.13 -2.07 2.98
CA SER B 374 -27.13 -2.44 3.96
C SER B 374 -27.21 -1.43 5.12
N ALA B 375 -26.09 -0.75 5.39
CA ALA B 375 -26.05 0.29 6.42
C ALA B 375 -26.89 1.48 5.96
N MET B 376 -26.77 1.81 4.68
CA MET B 376 -27.61 2.79 4.02
C MET B 376 -29.10 2.45 4.03
N VAL B 377 -29.42 1.17 3.80
CA VAL B 377 -30.80 0.71 3.76
C VAL B 377 -31.43 0.81 5.15
N LYS B 378 -30.62 0.62 6.18
CA LYS B 378 -31.05 0.83 7.56
C LYS B 378 -31.36 2.30 7.82
N LYS B 379 -30.53 3.19 7.27
CA LYS B 379 -30.73 4.63 7.40
C LYS B 379 -32.03 5.10 6.72
N TYR B 380 -32.37 4.48 5.59
CA TYR B 380 -33.61 4.77 4.86
C TYR B 380 -34.84 4.35 5.70
N LEU B 381 -34.70 3.22 6.37
CA LEU B 381 -35.78 2.67 7.20
C LEU B 381 -36.10 3.64 8.31
N HIS B 382 -35.07 4.02 9.05
CA HIS B 382 -35.18 5.01 10.11
C HIS B 382 -35.88 6.28 9.64
N TYR B 383 -35.39 6.86 8.53
CA TYR B 383 -35.96 8.09 7.99
C TYR B 383 -37.46 8.02 7.67
N ILE B 384 -37.89 6.90 7.04
CA ILE B 384 -39.25 6.83 6.51
C ILE B 384 -40.33 6.50 7.55
N ARG B 385 -39.94 6.37 8.82
CA ARG B 385 -40.95 6.24 9.91
C ARG B 385 -41.63 7.60 10.11
N SER B 386 -40.79 8.64 10.12
CA SER B 386 -41.19 10.04 10.31
C SER B 386 -41.55 10.72 9.00
N PHE B 387 -40.78 10.43 7.96
CA PHE B 387 -41.02 11.01 6.65
C PHE B 387 -41.65 9.94 5.76
N ASP B 388 -42.92 10.16 5.39
CA ASP B 388 -43.68 9.29 4.50
C ASP B 388 -42.90 8.88 3.24
N PHE B 389 -42.78 7.57 3.00
CA PHE B 389 -41.94 7.05 1.89
C PHE B 389 -42.53 7.35 0.52
N LYS B 390 -43.83 7.66 0.48
CA LYS B 390 -44.50 8.09 -0.76
C LYS B 390 -43.93 9.39 -1.32
N ASN B 391 -43.23 10.14 -0.47
CA ASN B 391 -42.70 11.45 -0.85
C ASN B 391 -41.18 11.56 -0.74
N VAL B 392 -40.53 10.60 -0.08
CA VAL B 392 -39.08 10.66 0.13
C VAL B 392 -38.23 10.46 -1.16
N CYS B 393 -37.23 11.33 -1.37
CA CYS B 393 -36.41 11.30 -2.57
C CYS B 393 -34.94 11.07 -2.27
N LEU B 394 -34.29 10.23 -3.08
CA LEU B 394 -32.89 9.91 -2.91
C LEU B 394 -32.11 10.84 -3.84
N SER B 395 -30.98 11.33 -3.36
CA SER B 395 -30.03 12.03 -4.22
C SER B 395 -28.63 11.43 -4.07
N ILE B 396 -27.93 11.27 -5.20
CA ILE B 396 -26.54 10.79 -5.16
C ILE B 396 -25.65 11.93 -5.68
N ILE B 397 -24.58 12.21 -4.94
CA ILE B 397 -23.76 13.41 -5.14
C ILE B 397 -22.31 12.97 -5.08
N GLY B 398 -21.55 13.27 -6.13
CA GLY B 398 -20.14 12.84 -6.22
C GLY B 398 -19.18 14.01 -6.40
N PHE B 399 -17.96 13.83 -5.91
CA PHE B 399 -16.90 14.83 -5.99
C PHE B 399 -15.61 14.11 -6.39
N GLU B 400 -14.92 14.67 -7.39
CA GLU B 400 -13.63 14.14 -7.86
C GLU B 400 -12.64 15.26 -8.02
N GLY B 401 -11.36 14.97 -7.78
CA GLY B 401 -10.33 15.95 -7.93
C GLY B 401 -9.19 15.89 -6.92
N PRO B 402 -8.34 16.95 -6.87
CA PRO B 402 -7.36 17.08 -5.79
C PRO B 402 -8.08 17.12 -4.42
N LYS B 403 -7.54 16.45 -3.41
CA LYS B 403 -8.10 16.50 -2.05
C LYS B 403 -8.54 17.91 -1.61
N LYS B 404 -7.66 18.91 -1.79
CA LYS B 404 -8.02 20.29 -1.38
C LYS B 404 -9.32 20.81 -2.02
N VAL B 405 -9.51 20.51 -3.31
CA VAL B 405 -10.68 20.90 -4.09
C VAL B 405 -11.92 20.12 -3.60
N VAL B 406 -11.80 18.79 -3.51
CA VAL B 406 -12.90 17.93 -3.05
C VAL B 406 -13.39 18.38 -1.69
N ASP B 407 -12.45 18.64 -0.77
CA ASP B 407 -12.80 19.07 0.59
C ASP B 407 -13.62 20.38 0.59
N PHE B 408 -13.19 21.36 -0.19
CA PHE B 408 -13.87 22.67 -0.26
C PHE B 408 -15.26 22.51 -0.87
N HIS B 409 -15.35 21.75 -1.97
CA HIS B 409 -16.66 21.52 -2.63
C HIS B 409 -17.61 20.73 -1.74
N ARG B 410 -17.12 19.64 -1.14
CA ARG B 410 -17.93 18.80 -0.21
C ARG B 410 -18.46 19.62 0.96
N THR B 411 -17.61 20.42 1.60
CA THR B 411 -18.09 21.20 2.75
C THR B 411 -19.13 22.26 2.34
N SER B 412 -18.88 22.95 1.23
CA SER B 412 -19.88 23.85 0.64
C SER B 412 -21.22 23.15 0.34
N VAL B 413 -21.18 22.03 -0.36
CA VAL B 413 -22.41 21.36 -0.78
C VAL B 413 -23.16 20.81 0.44
N PHE B 414 -22.44 20.23 1.41
CA PHE B 414 -23.10 19.70 2.62
C PHE B 414 -23.80 20.76 3.45
N ASP B 415 -23.22 21.95 3.53
CA ASP B 415 -23.84 23.08 4.24
C ASP B 415 -25.22 23.40 3.63
N ILE B 416 -25.27 23.55 2.31
CA ILE B 416 -26.51 23.81 1.58
C ILE B 416 -27.51 22.67 1.75
N LEU B 417 -27.03 21.43 1.64
CA LEU B 417 -27.90 20.26 1.85
C LEU B 417 -28.57 20.25 3.25
N SER B 418 -27.79 20.56 4.28
CA SER B 418 -28.29 20.69 5.67
C SER B 418 -29.39 21.74 5.82
N LYS B 419 -29.22 22.85 5.13
CA LYS B 419 -30.22 23.92 5.06
C LYS B 419 -31.48 23.55 4.27
N ASN B 420 -31.47 22.41 3.59
CA ASN B 420 -32.63 21.94 2.80
C ASN B 420 -33.15 20.58 3.28
N ALA B 421 -32.92 20.30 4.56
CA ALA B 421 -33.51 19.17 5.28
C ALA B 421 -33.04 17.80 4.76
N ALA B 422 -31.84 17.78 4.19
CA ALA B 422 -31.23 16.57 3.64
C ALA B 422 -30.76 15.68 4.77
N PHE B 423 -30.85 14.36 4.57
CA PHE B 423 -30.50 13.40 5.62
C PHE B 423 -29.41 12.55 5.02
N GLY B 424 -28.20 12.64 5.57
CA GLY B 424 -27.07 11.88 5.06
C GLY B 424 -27.27 10.37 5.12
N LEU B 425 -27.05 9.68 4.01
CA LEU B 425 -26.98 8.22 3.98
C LEU B 425 -25.55 7.74 4.08
N GLY B 426 -24.61 8.67 4.13
CA GLY B 426 -23.21 8.35 4.14
C GLY B 426 -22.68 7.94 2.79
N SER B 427 -21.55 7.25 2.79
CA SER B 427 -20.81 6.94 1.59
C SER B 427 -20.45 5.46 1.58
N ALA B 428 -19.99 5.00 0.42
CA ALA B 428 -19.30 3.73 0.30
C ALA B 428 -18.06 4.01 -0.53
N PRO B 429 -17.05 3.11 -0.48
CA PRO B 429 -15.91 3.36 -1.36
C PRO B 429 -16.31 3.17 -2.83
N GLY B 430 -15.60 3.87 -3.72
CA GLY B 430 -15.78 3.70 -5.15
C GLY B 430 -16.77 4.65 -5.78
N LYS B 431 -17.66 4.09 -6.59
CA LYS B 431 -18.44 4.84 -7.55
C LYS B 431 -19.63 4.01 -7.99
N THR B 432 -19.77 2.82 -7.40
CA THR B 432 -20.89 1.90 -7.70
C THR B 432 -22.26 2.56 -7.43
N TRP B 433 -22.26 3.63 -6.63
CA TRP B 433 -23.36 4.58 -6.54
C TRP B 433 -23.78 5.01 -7.94
N ALA B 434 -22.87 5.72 -8.60
CA ALA B 434 -23.09 6.30 -9.92
C ALA B 434 -23.20 5.26 -11.04
N GLU B 435 -22.83 4.01 -10.76
CA GLU B 435 -22.91 2.95 -11.76
C GLU B 435 -24.21 2.09 -11.72
N LYS B 436 -25.20 2.50 -10.94
CA LYS B 436 -26.47 1.74 -10.79
C LYS B 436 -27.46 1.94 -11.96
N ARG B 437 -27.40 3.13 -12.55
CA ARG B 437 -28.11 3.46 -13.76
C ARG B 437 -27.75 2.55 -14.95
N TYR B 438 -26.55 1.97 -14.95
CA TYR B 438 -26.11 1.11 -16.07
C TYR B 438 -26.94 -0.16 -16.17
N ASP B 439 -27.43 -0.63 -15.03
CA ASP B 439 -28.23 -1.84 -14.97
C ASP B 439 -29.69 -1.68 -15.42
N LEU B 440 -30.20 -0.45 -15.50
CA LEU B 440 -31.62 -0.22 -15.82
C LEU B 440 -32.11 -0.88 -17.11
N PRO B 441 -31.36 -0.71 -18.21
CA PRO B 441 -31.75 -1.35 -19.47
C PRO B 441 -31.87 -2.89 -19.41
N TYR B 442 -31.16 -3.52 -18.48
CA TYR B 442 -31.32 -4.96 -18.26
C TYR B 442 -32.70 -5.27 -17.70
N ILE B 443 -33.22 -4.41 -16.82
CA ILE B 443 -34.60 -4.63 -16.29
C ILE B 443 -35.61 -4.51 -17.44
N ARG B 444 -35.33 -3.61 -18.40
CA ARG B 444 -36.23 -3.45 -19.55
C ARG B 444 -36.45 -4.77 -20.30
N ASP B 445 -35.37 -5.52 -20.54
CA ASP B 445 -35.45 -6.85 -21.19
C ASP B 445 -36.30 -7.83 -20.37
N PHE B 446 -36.16 -7.79 -19.05
CA PHE B 446 -36.99 -8.64 -18.16
C PHE B 446 -38.49 -8.31 -18.23
N LEU B 447 -38.82 -7.02 -18.34
CA LEU B 447 -40.24 -6.61 -18.46
C LEU B 447 -40.84 -7.10 -19.79
N LEU B 448 -40.10 -6.89 -20.88
CA LEU B 448 -40.47 -7.31 -22.23
C LEU B 448 -40.65 -8.81 -22.33
N ASP B 449 -39.85 -9.57 -21.57
CA ASP B 449 -40.01 -11.03 -21.47
C ASP B 449 -41.25 -11.47 -20.67
N HIS B 450 -41.80 -10.56 -19.86
CA HIS B 450 -42.97 -10.90 -19.04
C HIS B 450 -44.15 -9.96 -19.22
N ASN B 451 -44.50 -9.69 -20.49
CA ASN B 451 -45.77 -9.06 -20.87
C ASN B 451 -45.89 -7.61 -20.43
N MET B 452 -44.74 -6.94 -20.33
CA MET B 452 -44.67 -5.58 -19.87
C MET B 452 -43.76 -4.81 -20.82
N TRP B 453 -43.82 -3.48 -20.75
CA TRP B 453 -42.99 -2.65 -21.60
C TRP B 453 -42.57 -1.40 -20.82
N VAL B 454 -41.52 -0.73 -21.26
CA VAL B 454 -41.08 0.48 -20.59
C VAL B 454 -40.41 1.39 -21.61
N ASP B 455 -40.75 2.68 -21.56
CA ASP B 455 -40.15 3.66 -22.44
C ASP B 455 -39.77 4.91 -21.64
N VAL B 456 -39.19 5.89 -22.33
CA VAL B 456 -38.62 7.06 -21.67
C VAL B 456 -38.94 8.33 -22.43
N ALA B 457 -38.94 9.46 -21.71
CA ALA B 457 -38.95 10.76 -22.35
C ALA B 457 -38.16 11.73 -21.49
N GLU B 458 -37.42 12.59 -22.15
CA GLU B 458 -36.54 13.51 -21.45
C GLU B 458 -36.91 14.91 -21.94
N THR B 459 -36.92 15.87 -21.02
CA THR B 459 -37.27 17.26 -21.33
C THR B 459 -36.40 18.23 -20.50
N THR B 460 -36.18 19.45 -21.02
CA THR B 460 -35.70 20.59 -20.24
C THR B 460 -36.92 21.44 -19.83
N VAL B 461 -36.99 21.85 -18.57
CA VAL B 461 -38.14 22.62 -18.06
C VAL B 461 -37.62 23.60 -17.02
N SER B 462 -38.21 24.80 -16.95
CA SER B 462 -37.75 25.82 -15.99
C SER B 462 -38.19 25.43 -14.56
N TYR B 463 -37.51 25.99 -13.58
CA TYR B 463 -37.91 25.79 -12.17
C TYR B 463 -39.38 26.20 -11.94
N ALA B 464 -39.83 27.28 -12.56
CA ALA B 464 -41.21 27.74 -12.35
C ALA B 464 -42.24 26.69 -12.76
N ASN B 465 -41.91 25.88 -13.76
CA ASN B 465 -42.86 24.92 -14.33
C ASN B 465 -42.63 23.43 -13.95
N LEU B 466 -41.47 23.16 -13.35
CA LEU B 466 -41.03 21.80 -13.03
C LEU B 466 -42.03 20.99 -12.24
N GLN B 467 -42.41 21.50 -11.08
CA GLN B 467 -43.16 20.67 -10.13
C GLN B 467 -44.58 20.42 -10.59
N THR B 468 -45.20 21.37 -11.31
CA THR B 468 -46.51 21.14 -11.94
C THR B 468 -46.40 20.12 -13.10
N LEU B 469 -45.38 20.26 -13.95
CA LEU B 469 -45.18 19.31 -15.05
C LEU B 469 -44.94 17.90 -14.51
N TRP B 470 -44.05 17.79 -13.53
CA TRP B 470 -43.75 16.51 -12.88
C TRP B 470 -45.02 15.86 -12.31
N LYS B 471 -45.76 16.60 -11.48
CA LYS B 471 -46.99 16.06 -10.85
C LYS B 471 -48.07 15.72 -11.87
N ASP B 472 -48.30 16.64 -12.80
CA ASP B 472 -49.34 16.50 -13.84
C ASP B 472 -49.07 15.32 -14.77
N ALA B 473 -47.82 15.24 -15.27
CA ALA B 473 -47.42 14.15 -16.16
C ALA B 473 -47.64 12.77 -15.50
N LYS B 474 -47.12 12.61 -14.29
CA LYS B 474 -47.30 11.37 -13.52
C LYS B 474 -48.77 11.00 -13.29
N GLN B 475 -49.55 11.96 -12.81
CA GLN B 475 -50.97 11.72 -12.55
C GLN B 475 -51.72 11.39 -13.86
N THR B 476 -51.42 12.11 -14.93
CA THR B 476 -52.09 11.90 -16.22
C THR B 476 -51.79 10.53 -16.86
N PHE B 477 -50.53 10.14 -16.88
CA PHE B 477 -50.12 8.84 -17.42
C PHE B 477 -50.81 7.67 -16.71
N VAL B 478 -50.79 7.69 -15.37
CA VAL B 478 -51.33 6.57 -14.59
C VAL B 478 -52.85 6.46 -14.80
N LYS B 479 -53.55 7.59 -14.66
CA LYS B 479 -55.02 7.66 -14.85
C LYS B 479 -55.46 7.20 -16.25
N HIS B 480 -54.71 7.60 -17.27
CA HIS B 480 -55.01 7.17 -18.63
C HIS B 480 -55.26 5.66 -18.70
N PHE B 481 -54.35 4.88 -18.11
CA PHE B 481 -54.46 3.43 -18.06
C PHE B 481 -55.42 2.92 -16.99
N LYS B 482 -55.36 3.50 -15.80
CA LYS B 482 -56.29 3.17 -14.72
C LYS B 482 -57.73 3.18 -15.22
N ASP B 483 -58.08 4.22 -16.00
CA ASP B 483 -59.43 4.29 -16.60
C ASP B 483 -59.79 3.09 -17.50
N GLN B 484 -58.77 2.49 -18.09
CA GLN B 484 -58.94 1.33 -18.99
C GLN B 484 -58.80 -0.02 -18.25
N GLY B 485 -58.66 0.02 -16.92
CA GLY B 485 -58.41 -1.19 -16.12
C GLY B 485 -57.02 -1.80 -16.27
N ILE B 486 -56.02 -0.97 -16.59
CA ILE B 486 -54.65 -1.43 -16.89
C ILE B 486 -53.65 -0.77 -15.93
N PRO B 487 -52.77 -1.58 -15.30
CA PRO B 487 -51.79 -0.97 -14.42
C PRO B 487 -50.71 -0.23 -15.22
N ALA B 488 -50.16 0.81 -14.62
CA ALA B 488 -49.08 1.55 -15.19
C ALA B 488 -48.33 2.23 -14.06
N TRP B 489 -47.06 2.50 -14.32
CA TRP B 489 -46.12 3.00 -13.33
C TRP B 489 -45.23 4.03 -14.02
N ILE B 490 -44.93 5.09 -13.30
CA ILE B 490 -44.04 6.12 -13.87
C ILE B 490 -43.14 6.72 -12.78
N CYS B 491 -41.87 6.92 -13.12
CA CYS B 491 -40.95 7.61 -12.26
C CYS B 491 -40.17 8.69 -13.00
N ALA B 492 -39.35 9.42 -12.28
CA ALA B 492 -38.57 10.45 -12.92
C ALA B 492 -37.33 10.77 -12.10
N HIS B 493 -36.30 11.29 -12.78
CA HIS B 493 -35.12 11.77 -12.11
C HIS B 493 -34.59 13.04 -12.76
N ILE B 494 -33.76 13.75 -12.02
CA ILE B 494 -33.08 14.95 -12.57
C ILE B 494 -31.59 14.66 -12.68
N SER B 495 -31.02 14.87 -13.85
CA SER B 495 -29.62 14.48 -14.13
C SER B 495 -28.70 15.68 -14.23
N HIS B 496 -29.27 16.84 -14.59
CA HIS B 496 -28.49 18.06 -14.91
C HIS B 496 -29.36 19.26 -14.57
N THR B 497 -28.71 20.36 -14.20
CA THR B 497 -29.44 21.59 -13.95
C THR B 497 -28.77 22.68 -14.78
N TYR B 498 -29.57 23.66 -15.21
CA TYR B 498 -29.10 24.88 -15.85
C TYR B 498 -29.49 26.10 -15.01
N THR B 499 -29.14 27.29 -15.48
CA THR B 499 -29.37 28.50 -14.69
C THR B 499 -30.80 28.59 -14.15
N ASN B 500 -31.80 28.31 -14.99
CA ASN B 500 -33.21 28.54 -14.62
C ASN B 500 -34.03 27.28 -14.78
N GLY B 501 -33.40 26.11 -14.70
CA GLY B 501 -34.19 24.88 -14.77
C GLY B 501 -33.38 23.59 -14.74
N VAL B 502 -34.05 22.51 -15.14
CA VAL B 502 -33.45 21.18 -15.06
C VAL B 502 -33.69 20.33 -16.30
N CYS B 503 -32.88 19.29 -16.44
CA CYS B 503 -33.16 18.18 -17.36
C CYS B 503 -33.94 17.13 -16.57
N LEU B 504 -35.18 16.85 -17.00
CA LEU B 504 -36.06 15.92 -16.28
C LEU B 504 -36.35 14.71 -17.19
N TYR B 505 -36.17 13.52 -16.64
CA TYR B 505 -36.21 12.30 -17.42
C TYR B 505 -37.29 11.41 -16.81
N PHE B 506 -38.27 11.00 -17.60
CA PHE B 506 -39.40 10.18 -17.14
C PHE B 506 -39.15 8.75 -17.58
N ILE B 507 -39.47 7.78 -16.75
CA ILE B 507 -39.43 6.40 -17.17
C ILE B 507 -40.84 5.92 -16.87
N PHE B 508 -41.51 5.32 -17.86
CA PHE B 508 -42.91 4.92 -17.71
C PHE B 508 -43.16 3.55 -18.31
N ALA B 509 -44.04 2.78 -17.69
CA ALA B 509 -44.18 1.36 -17.94
C ALA B 509 -45.62 0.91 -17.76
N SER B 510 -45.98 -0.15 -18.49
CA SER B 510 -47.32 -0.75 -18.40
C SER B 510 -47.33 -2.17 -18.97
N LYS B 511 -48.52 -2.80 -19.03
CA LYS B 511 -48.65 -4.16 -19.58
C LYS B 511 -48.71 -4.12 -21.11
N GLN B 512 -48.21 -5.14 -21.80
CA GLN B 512 -48.48 -5.25 -23.22
C GLN B 512 -49.98 -5.62 -23.46
N ASN B 513 -50.50 -5.29 -24.64
CA ASN B 513 -51.87 -5.65 -25.03
C ASN B 513 -51.93 -6.99 -25.80
N GLU B 514 -53.06 -7.29 -26.45
CA GLU B 514 -53.14 -8.44 -27.36
C GLU B 514 -53.51 -7.99 -28.78
N ASP B 517 -50.80 -4.22 -31.12
CA ASP B 517 -50.02 -3.57 -32.17
C ASP B 517 -48.88 -2.71 -31.58
N MET B 518 -48.22 -1.91 -32.42
CA MET B 518 -47.28 -0.89 -31.97
C MET B 518 -48.02 0.31 -31.38
N ALA B 519 -49.34 0.31 -31.60
CA ALA B 519 -50.24 1.43 -31.30
C ALA B 519 -50.30 1.87 -29.84
N GLN B 520 -50.10 0.94 -28.91
CA GLN B 520 -50.14 1.24 -27.47
C GLN B 520 -48.93 2.07 -26.97
N TYR B 521 -47.76 1.81 -27.55
CA TYR B 521 -46.51 2.53 -27.22
C TYR B 521 -46.49 3.91 -27.89
N ILE B 522 -47.12 3.99 -29.06
CA ILE B 522 -47.26 5.24 -29.79
C ILE B 522 -48.27 6.18 -29.11
N GLU B 523 -49.30 5.60 -28.51
CA GLU B 523 -50.32 6.35 -27.79
C GLU B 523 -49.81 6.89 -26.45
N ALA B 524 -49.01 6.09 -25.75
CA ALA B 524 -48.49 6.46 -24.43
C ALA B 524 -47.46 7.58 -24.57
N LYS B 525 -46.59 7.43 -25.57
CA LYS B 525 -45.63 8.46 -25.93
C LYS B 525 -46.29 9.77 -26.31
N LYS B 526 -47.38 9.67 -27.07
CA LYS B 526 -48.15 10.82 -27.49
C LYS B 526 -48.68 11.57 -26.27
N LEU B 527 -49.23 10.81 -25.30
CA LEU B 527 -49.74 11.38 -24.05
C LEU B 527 -48.63 12.17 -23.35
N MET B 528 -47.48 11.53 -23.21
CA MET B 528 -46.33 12.12 -22.51
C MET B 528 -45.80 13.36 -23.23
N THR B 529 -45.56 13.23 -24.54
CA THR B 529 -45.14 14.34 -25.40
C THR B 529 -46.08 15.57 -25.28
N ASP B 530 -47.38 15.33 -25.34
CA ASP B 530 -48.41 16.38 -25.22
C ASP B 530 -48.36 17.12 -23.88
N ILE B 531 -48.27 16.37 -22.79
CA ILE B 531 -48.23 16.96 -21.44
C ILE B 531 -46.95 17.77 -21.24
N ILE B 532 -45.82 17.25 -21.72
CA ILE B 532 -44.53 17.95 -21.68
C ILE B 532 -44.54 19.29 -22.43
N PHE B 533 -45.02 19.29 -23.67
CA PHE B 533 -45.28 20.52 -24.41
C PHE B 533 -46.21 21.50 -23.65
N LYS B 534 -47.28 20.97 -23.07
CA LYS B 534 -48.22 21.78 -22.28
C LYS B 534 -47.53 22.70 -21.27
N TYR B 535 -46.37 22.28 -20.74
CA TYR B 535 -45.55 23.15 -19.86
C TYR B 535 -44.31 23.76 -20.48
N GLY B 536 -44.27 23.84 -21.80
CA GLY B 536 -43.15 24.48 -22.47
C GLY B 536 -41.85 23.76 -22.17
N GLY B 537 -41.99 22.50 -21.74
CA GLY B 537 -40.87 21.58 -21.67
C GLY B 537 -40.40 21.40 -23.08
N SER B 538 -39.10 21.19 -23.24
CA SER B 538 -38.49 21.06 -24.55
C SER B 538 -38.55 19.64 -25.13
N LEU B 539 -38.89 19.56 -26.40
CA LEU B 539 -38.90 18.30 -27.13
C LEU B 539 -37.88 18.36 -28.27
N SER B 540 -37.02 17.33 -28.36
CA SER B 540 -36.23 16.98 -29.57
C SER B 540 -34.96 16.21 -29.20
N THR B 558 -38.26 29.79 -40.63
CA THR B 558 -38.08 29.60 -42.08
C THR B 558 -36.82 28.79 -42.42
N ARG B 559 -36.05 28.42 -41.38
CA ARG B 559 -34.82 27.63 -41.52
C ARG B 559 -34.00 27.89 -42.79
N GLY B 560 -33.24 28.99 -42.81
CA GLY B 560 -32.24 29.22 -43.86
C GLY B 560 -31.05 28.28 -43.71
N TRP B 561 -30.98 27.64 -42.55
CA TRP B 561 -29.93 26.65 -42.31
C TRP B 561 -30.11 25.34 -43.10
N ILE B 562 -31.31 25.13 -43.65
CA ILE B 562 -31.59 23.95 -44.51
C ILE B 562 -30.75 24.03 -45.78
N ASN B 563 -30.77 25.19 -46.43
CA ASN B 563 -29.94 25.42 -47.60
C ASN B 563 -28.46 25.28 -47.29
N VAL B 564 -28.04 25.71 -46.08
CA VAL B 564 -26.66 25.53 -45.59
C VAL B 564 -26.27 24.06 -45.43
N TYR B 565 -27.13 23.29 -44.78
CA TYR B 565 -26.84 21.87 -44.63
C TYR B 565 -26.79 21.17 -45.99
N ARG B 566 -27.71 21.53 -46.89
CA ARG B 566 -27.78 20.93 -48.23
C ARG B 566 -26.49 21.19 -49.03
N SER B 567 -25.95 22.40 -48.94
CA SER B 567 -24.59 22.76 -49.44
C SER B 567 -23.46 21.88 -48.90
N LEU B 568 -23.37 21.75 -47.58
CA LEU B 568 -22.39 20.90 -46.93
C LEU B 568 -22.54 19.46 -47.45
N LYS B 569 -23.78 18.95 -47.41
CA LYS B 569 -24.03 17.56 -47.80
C LYS B 569 -23.69 17.30 -49.27
N GLU B 570 -24.15 18.18 -50.16
CA GLU B 570 -23.89 18.03 -51.60
C GLU B 570 -22.40 18.18 -52.00
N THR B 571 -21.66 18.97 -51.23
CA THR B 571 -20.24 19.13 -51.45
C THR B 571 -19.41 17.97 -50.94
N ILE B 572 -19.69 17.53 -49.72
CA ILE B 572 -18.92 16.50 -49.05
C ILE B 572 -19.31 15.11 -49.60
N ASP B 573 -20.60 14.97 -49.92
CA ASP B 573 -21.18 13.66 -50.31
C ASP B 573 -22.15 13.83 -51.49
N PRO B 574 -21.61 14.10 -52.70
CA PRO B 574 -22.50 14.38 -53.81
C PRO B 574 -23.44 13.22 -54.29
N LYS B 575 -23.09 11.97 -53.99
CA LYS B 575 -23.89 10.81 -54.40
C LYS B 575 -24.81 10.38 -53.29
N ASP B 576 -24.82 11.16 -52.20
CA ASP B 576 -25.64 10.89 -51.02
C ASP B 576 -25.45 9.44 -50.51
N ILE B 577 -24.20 9.01 -50.35
CA ILE B 577 -23.95 7.64 -49.85
C ILE B 577 -23.86 7.55 -48.32
N CYS B 578 -23.63 8.70 -47.65
CA CYS B 578 -23.38 8.70 -46.22
C CYS B 578 -24.68 8.77 -45.40
N ASN B 579 -25.00 7.64 -44.77
CA ASN B 579 -26.24 7.50 -43.97
C ASN B 579 -27.37 8.38 -44.50
N PRO B 580 -27.84 8.12 -45.74
CA PRO B 580 -28.86 8.99 -46.37
C PRO B 580 -30.19 9.02 -45.61
N ARG B 581 -30.95 10.12 -45.79
CA ARG B 581 -32.36 10.18 -45.38
C ARG B 581 -32.58 10.13 -43.89
N LYS B 582 -31.61 10.66 -43.15
CA LYS B 582 -31.64 10.69 -41.69
C LYS B 582 -31.83 12.14 -41.18
N LEU B 583 -32.69 12.31 -40.17
CA LEU B 583 -32.98 13.66 -39.65
C LEU B 583 -31.89 14.23 -38.72
N HIS C 9 -8.44 5.62 17.98
CA HIS C 9 -7.55 4.42 18.13
C HIS C 9 -7.56 3.54 16.88
N ILE C 10 -6.37 3.12 16.46
CA ILE C 10 -6.13 2.31 15.26
C ILE C 10 -5.43 1.00 15.64
N ASP C 11 -6.02 -0.13 15.28
CA ASP C 11 -5.40 -1.43 15.63
C ASP C 11 -4.31 -1.78 14.66
N LEU C 12 -3.40 -2.66 15.11
CA LEU C 12 -2.25 -3.07 14.30
C LEU C 12 -2.68 -3.72 12.98
N TYR C 13 -3.82 -4.41 12.98
CA TYR C 13 -4.35 -5.05 11.76
C TYR C 13 -4.71 -4.05 10.69
N GLN C 14 -4.94 -2.79 11.11
CA GLN C 14 -5.15 -1.67 10.21
C GLN C 14 -3.86 -0.95 9.79
N GLN C 15 -2.75 -1.24 10.48
CA GLN C 15 -1.45 -0.56 10.23
C GLN C 15 -0.51 -1.46 9.38
N ILE C 16 -0.87 -2.72 9.26
CA ILE C 16 -0.10 -3.77 8.55
C ILE C 16 -0.87 -4.17 7.30
N LYS C 17 -0.17 -4.26 6.16
CA LYS C 17 -0.81 -4.49 4.87
C LYS C 17 -1.68 -5.75 4.87
N TRP C 18 -2.90 -5.60 4.37
CA TRP C 18 -3.83 -6.73 4.36
C TRP C 18 -3.56 -7.64 3.17
N ASN C 19 -2.77 -7.18 2.20
CA ASN C 19 -2.43 -8.05 1.08
C ASN C 19 -0.93 -8.07 0.75
N GLY C 20 -0.13 -7.78 1.76
CA GLY C 20 1.32 -7.72 1.63
C GLY C 20 1.98 -7.73 2.99
N TRP C 21 3.24 -7.31 3.02
CA TRP C 21 4.05 -7.34 4.22
C TRP C 21 4.11 -5.96 4.88
N GLY C 22 4.02 -5.98 6.21
CA GLY C 22 4.55 -4.87 7.01
C GLY C 22 3.76 -3.59 6.94
N ASP C 23 4.46 -2.46 7.11
CA ASP C 23 3.83 -1.14 7.29
C ASP C 23 3.12 -0.71 6.00
N THR C 24 1.85 -0.36 6.12
CA THR C 24 1.09 0.17 4.99
C THR C 24 1.71 1.42 4.37
N ARG C 25 2.53 2.15 5.14
CA ARG C 25 3.17 3.40 4.65
C ARG C 25 4.56 3.16 4.03
N LYS C 26 4.99 1.91 3.96
CA LYS C 26 6.32 1.59 3.41
C LYS C 26 6.20 0.60 2.23
N PHE C 27 6.76 0.97 1.07
CA PHE C 27 6.63 0.10 -0.13
C PHE C 27 7.56 0.48 -1.28
N LEU C 28 7.88 -0.53 -2.09
CA LEU C 28 8.60 -0.32 -3.36
C LEU C 28 7.58 0.06 -4.44
N HIS C 29 7.99 0.91 -5.37
CA HIS C 29 7.13 1.32 -6.48
C HIS C 29 7.90 1.81 -7.72
N GLN C 30 7.27 1.65 -8.89
CA GLN C 30 7.86 2.07 -10.16
C GLN C 30 7.48 3.49 -10.45
N LEU C 31 8.48 4.34 -10.64
CA LEU C 31 8.24 5.74 -10.97
C LEU C 31 7.96 5.91 -12.45
N LYS C 32 7.10 6.89 -12.76
CA LYS C 32 6.73 7.23 -14.12
C LYS C 32 7.11 8.68 -14.38
N PRO C 33 7.58 8.99 -15.60
CA PRO C 33 7.83 8.06 -16.72
C PRO C 33 9.21 7.37 -16.71
N SER C 34 10.06 7.73 -15.75
CA SER C 34 11.45 7.24 -15.71
C SER C 34 11.60 5.71 -15.63
N GLY C 35 10.57 5.03 -15.11
CA GLY C 35 10.61 3.58 -14.97
C GLY C 35 11.44 3.10 -13.79
N THR C 36 12.08 4.04 -13.11
CA THR C 36 12.98 3.77 -11.99
C THR C 36 12.19 3.18 -10.77
N ILE C 37 12.78 2.18 -10.12
CA ILE C 37 12.13 1.63 -8.93
C ILE C 37 12.53 2.49 -7.74
N ALA C 38 11.56 2.77 -6.87
CA ALA C 38 11.79 3.62 -5.71
C ALA C 38 11.22 2.98 -4.43
N MET C 39 11.71 3.44 -3.29
CA MET C 39 11.24 3.01 -1.97
C MET C 39 10.62 4.21 -1.26
N THR C 40 9.37 4.07 -0.81
CA THR C 40 8.72 5.03 0.06
C THR C 40 8.66 4.45 1.47
N THR C 41 8.99 5.27 2.47
CA THR C 41 8.76 4.95 3.89
C THR C 41 7.92 6.07 4.56
N PRO C 42 7.38 5.83 5.78
CA PRO C 42 6.63 6.88 6.46
C PRO C 42 7.39 8.20 6.54
N GLU C 43 8.72 8.12 6.57
CA GLU C 43 9.55 9.30 6.83
C GLU C 43 10.28 9.90 5.62
N VAL C 44 10.62 9.11 4.60
CA VAL C 44 11.10 9.64 3.32
C VAL C 44 10.36 9.06 2.11
N SER C 45 9.78 9.93 1.30
CA SER C 45 9.01 9.52 0.11
C SER C 45 9.85 9.37 -1.18
N SER C 46 9.52 8.32 -1.95
CA SER C 46 9.99 8.12 -3.33
C SER C 46 11.52 8.19 -3.53
N VAL C 47 12.24 7.44 -2.72
CA VAL C 47 13.70 7.39 -2.76
C VAL C 47 14.09 6.46 -3.89
N PRO C 48 14.89 6.96 -4.84
CA PRO C 48 15.21 6.15 -6.02
C PRO C 48 16.19 5.01 -5.70
N LEU C 49 16.02 3.88 -6.36
CA LEU C 49 16.97 2.78 -6.27
C LEU C 49 17.48 2.49 -7.68
N PRO C 50 18.46 3.28 -8.17
CA PRO C 50 18.86 3.28 -9.58
C PRO C 50 19.33 1.92 -10.16
N SER C 51 19.79 1.03 -9.28
CA SER C 51 20.45 -0.21 -9.69
C SER C 51 19.48 -1.39 -9.79
N LEU C 52 18.43 -1.35 -8.97
CA LEU C 52 17.51 -2.48 -8.87
C LEU C 52 16.80 -2.85 -10.17
N ARG C 53 16.36 -1.87 -10.95
CA ARG C 53 15.69 -2.15 -12.21
C ARG C 53 16.62 -2.90 -13.14
N GLY C 54 17.85 -2.41 -13.23
CA GLY C 54 18.91 -3.03 -14.03
C GLY C 54 19.26 -4.43 -13.57
N PHE C 55 19.28 -4.63 -12.24
CA PHE C 55 19.51 -5.95 -11.64
C PHE C 55 18.41 -6.97 -11.98
N ILE C 56 17.15 -6.57 -11.83
CA ILE C 56 15.99 -7.39 -12.23
C ILE C 56 15.99 -7.66 -13.74
N LYS C 57 16.09 -6.60 -14.55
CA LYS C 57 16.26 -6.72 -16.01
C LYS C 57 17.38 -7.71 -16.35
N LYS C 58 18.53 -7.53 -15.73
CA LYS C 58 19.69 -8.41 -15.91
C LYS C 58 19.36 -9.89 -15.61
N GLU C 59 18.77 -10.13 -14.44
CA GLU C 59 18.60 -11.49 -13.90
C GLU C 59 17.37 -12.24 -14.39
N LEU C 60 16.39 -11.53 -14.94
CA LEU C 60 15.18 -12.18 -15.43
C LEU C 60 14.91 -11.91 -16.92
N THR C 61 15.98 -11.55 -17.65
CA THR C 61 15.93 -11.52 -19.11
C THR C 61 16.43 -12.87 -19.61
N LEU C 62 15.59 -13.57 -20.37
CA LEU C 62 15.91 -14.87 -20.94
C LEU C 62 17.05 -14.73 -21.96
N PRO C 63 18.22 -15.35 -21.70
CA PRO C 63 19.38 -15.26 -22.60
C PRO C 63 19.01 -15.56 -24.06
N GLY C 64 19.28 -14.58 -24.93
CA GLY C 64 18.96 -14.69 -26.35
C GLY C 64 17.90 -13.69 -26.77
N GLU C 65 17.24 -13.09 -25.78
CA GLU C 65 16.17 -12.12 -26.01
C GLU C 65 16.54 -10.72 -25.48
N GLU C 66 17.77 -10.29 -25.74
CA GLU C 66 18.26 -8.99 -25.27
C GLU C 66 17.82 -7.83 -26.18
N ASP C 67 17.43 -8.16 -27.40
CA ASP C 67 16.89 -7.19 -28.34
C ASP C 67 15.51 -6.68 -27.92
N LYS C 68 14.76 -7.52 -27.21
CA LYS C 68 13.38 -7.17 -26.82
C LYS C 68 13.30 -6.07 -25.74
N PRO C 69 12.25 -5.22 -25.82
CA PRO C 69 11.97 -4.21 -24.79
C PRO C 69 11.78 -4.80 -23.39
N PHE C 70 12.49 -4.23 -22.42
CA PHE C 70 12.27 -4.58 -21.04
C PHE C 70 11.11 -3.74 -20.51
N VAL C 71 10.12 -4.43 -19.93
CA VAL C 71 8.97 -3.78 -19.32
C VAL C 71 8.54 -4.62 -18.13
N LEU C 72 8.25 -3.93 -17.03
CA LEU C 72 7.61 -4.53 -15.87
C LEU C 72 6.12 -4.66 -16.19
N ASP C 73 5.69 -5.88 -16.49
CA ASP C 73 4.27 -6.13 -16.76
C ASP C 73 3.51 -6.04 -15.43
N GLU C 74 2.57 -5.12 -15.35
CA GLU C 74 1.85 -4.86 -14.10
C GLU C 74 0.72 -5.84 -13.82
N THR C 75 0.71 -6.40 -12.61
CA THR C 75 -0.31 -7.37 -12.15
C THR C 75 -0.81 -6.97 -10.75
N PRO C 76 -1.59 -5.87 -10.70
CA PRO C 76 -2.05 -5.28 -9.44
C PRO C 76 -2.95 -6.25 -8.66
N ALA C 77 -2.92 -6.14 -7.33
CA ALA C 77 -3.85 -6.89 -6.47
C ALA C 77 -5.25 -6.28 -6.60
N LEU C 78 -6.28 -7.06 -6.26
CA LEU C 78 -7.65 -6.55 -6.29
C LEU C 78 -7.82 -5.55 -5.15
N GLN C 79 -8.59 -4.50 -5.39
CA GLN C 79 -8.97 -3.57 -4.33
C GLN C 79 -9.97 -4.29 -3.43
N ILE C 80 -9.96 -3.93 -2.16
CA ILE C 80 -10.78 -4.61 -1.15
C ILE C 80 -12.29 -4.53 -1.42
N GLU C 81 -12.76 -3.38 -1.92
CA GLU C 81 -14.18 -3.19 -2.21
C GLU C 81 -14.69 -4.12 -3.33
N ASN C 82 -13.75 -4.82 -4.00
CA ASN C 82 -14.11 -5.79 -5.02
C ASN C 82 -13.95 -7.26 -4.61
N ILE C 83 -13.44 -7.47 -3.40
CA ILE C 83 -13.23 -8.83 -2.91
C ILE C 83 -14.49 -9.30 -2.20
N HIS C 84 -14.99 -10.48 -2.57
CA HIS C 84 -16.16 -11.11 -1.92
C HIS C 84 -15.72 -12.03 -0.79
N VAL C 85 -16.38 -11.85 0.36
CA VAL C 85 -16.26 -12.78 1.47
C VAL C 85 -17.71 -13.15 1.83
N ASP C 86 -17.96 -14.45 2.03
CA ASP C 86 -19.28 -14.93 2.46
C ASP C 86 -19.63 -14.27 3.78
N PRO C 87 -20.94 -13.99 4.01
CA PRO C 87 -21.29 -13.41 5.31
C PRO C 87 -20.87 -14.27 6.50
N PRO C 88 -20.58 -13.63 7.66
CA PRO C 88 -20.22 -14.46 8.80
C PRO C 88 -21.38 -15.32 9.24
N LYS C 89 -21.06 -16.44 9.87
CA LYS C 89 -22.06 -17.27 10.54
C LYS C 89 -22.69 -16.52 11.69
N GLN C 90 -23.84 -17.00 12.13
CA GLN C 90 -24.56 -16.38 13.22
C GLN C 90 -24.57 -17.31 14.44
N TYR C 91 -24.35 -16.73 15.62
CA TYR C 91 -24.42 -17.45 16.91
C TYR C 91 -24.93 -16.46 17.97
N PRO C 92 -26.21 -16.06 17.88
CA PRO C 92 -26.68 -14.97 18.75
C PRO C 92 -26.50 -15.16 20.26
N GLU C 93 -26.69 -16.38 20.78
CA GLU C 93 -26.56 -16.64 22.22
C GLU C 93 -25.14 -16.46 22.75
N PHE C 94 -24.15 -16.92 21.97
CA PHE C 94 -22.73 -16.71 22.26
C PHE C 94 -22.38 -15.23 22.24
N VAL C 95 -22.77 -14.54 21.17
CA VAL C 95 -22.43 -13.13 20.97
C VAL C 95 -23.12 -12.28 22.05
N ARG C 96 -24.34 -12.67 22.44
CA ARG C 96 -25.04 -11.99 23.54
C ARG C 96 -24.18 -11.92 24.81
N GLU C 97 -23.67 -13.07 25.24
CA GLU C 97 -22.84 -13.13 26.44
C GLU C 97 -21.55 -12.33 26.33
N LEU C 98 -20.89 -12.42 25.18
CA LEU C 98 -19.68 -11.67 24.89
C LEU C 98 -19.92 -10.16 25.03
N LYS C 99 -21.06 -9.70 24.50
CA LYS C 99 -21.39 -8.27 24.53
C LYS C 99 -21.55 -7.72 25.95
N ALA C 100 -21.87 -8.59 26.89
CA ALA C 100 -22.01 -8.19 28.29
C ALA C 100 -20.67 -8.09 29.02
N PHE C 101 -19.60 -8.67 28.45
CA PHE C 101 -18.25 -8.59 29.05
C PHE C 101 -17.23 -7.75 28.28
N PHE C 102 -17.44 -7.55 26.99
CA PHE C 102 -16.45 -6.79 26.21
C PHE C 102 -17.03 -5.50 25.70
N LEU C 103 -16.18 -4.51 25.45
CA LEU C 103 -16.68 -3.24 24.90
C LEU C 103 -16.89 -3.38 23.39
N PRO C 104 -17.76 -2.51 22.81
CA PRO C 104 -18.02 -2.49 21.38
C PRO C 104 -16.77 -2.54 20.49
N ASP C 105 -15.77 -1.68 20.71
CA ASP C 105 -14.59 -1.73 19.83
C ASP C 105 -13.68 -2.95 20.01
N GLN C 106 -14.06 -3.86 20.92
CA GLN C 106 -13.27 -5.09 21.12
C GLN C 106 -13.76 -6.22 20.24
N LEU C 107 -14.94 -6.02 19.63
CA LEU C 107 -15.56 -7.00 18.73
C LEU C 107 -15.70 -6.48 17.29
N LYS C 108 -15.07 -7.15 16.34
CA LYS C 108 -15.07 -6.74 14.91
C LYS C 108 -15.54 -7.88 14.00
N ASP C 109 -16.45 -7.60 13.07
CA ASP C 109 -16.78 -8.59 12.03
C ASP C 109 -16.90 -7.99 10.62
N ASP C 110 -16.25 -6.83 10.41
CA ASP C 110 -16.26 -6.18 9.10
C ASP C 110 -15.26 -6.88 8.16
N LYS C 111 -15.39 -6.61 6.86
CA LYS C 111 -14.59 -7.35 5.85
C LYS C 111 -13.10 -7.21 6.06
N LEU C 112 -12.63 -5.99 6.32
CA LEU C 112 -11.21 -5.77 6.61
C LEU C 112 -10.72 -6.63 7.78
N ALA C 113 -11.38 -6.52 8.94
CA ALA C 113 -11.04 -7.37 10.07
C ALA C 113 -11.03 -8.91 9.76
N ARG C 114 -12.00 -9.37 8.98
CA ARG C 114 -12.11 -10.80 8.66
C ARG C 114 -11.01 -11.26 7.73
N ILE C 115 -10.70 -10.46 6.71
CA ILE C 115 -9.63 -10.79 5.78
C ILE C 115 -8.28 -10.79 6.49
N THR C 116 -8.03 -9.79 7.35
CA THR C 116 -6.72 -9.72 8.04
C THR C 116 -6.53 -10.76 9.15
N HIS C 117 -7.60 -11.50 9.47
CA HIS C 117 -7.48 -12.54 10.50
C HIS C 117 -7.73 -13.90 9.87
N THR C 118 -7.43 -14.00 8.58
CA THR C 118 -7.61 -15.22 7.76
C THR C 118 -6.26 -15.77 7.31
N PHE C 119 -5.46 -14.89 6.74
CA PHE C 119 -4.28 -15.26 5.96
C PHE C 119 -3.00 -14.93 6.74
N GLY C 120 -2.02 -15.82 6.66
CA GLY C 120 -0.68 -15.49 7.13
C GLY C 120 0.11 -14.79 6.03
N LYS C 121 1.42 -14.96 6.04
CA LYS C 121 2.25 -14.22 5.11
C LYS C 121 3.06 -15.14 4.19
N SER C 122 2.53 -16.32 3.92
CA SER C 122 3.13 -17.25 2.96
C SER C 122 2.84 -16.75 1.54
N LEU C 123 3.60 -17.27 0.58
CA LEU C 123 3.37 -16.97 -0.84
C LEU C 123 1.95 -17.34 -1.21
N ARG C 124 1.52 -18.55 -0.84
CA ARG C 124 0.16 -19.03 -1.09
C ARG C 124 -0.90 -18.07 -0.51
N ASP C 125 -0.63 -17.57 0.70
CA ASP C 125 -1.52 -16.58 1.34
C ASP C 125 -1.59 -15.30 0.53
N LEU C 126 -0.44 -14.78 0.09
CA LEU C 126 -0.45 -13.53 -0.64
C LEU C 126 -1.13 -13.67 -2.01
N ILE C 127 -0.87 -14.78 -2.71
CA ILE C 127 -1.45 -15.02 -4.03
C ILE C 127 -2.98 -15.02 -3.91
N ARG C 128 -3.48 -15.75 -2.92
CA ARG C 128 -4.92 -15.93 -2.73
C ARG C 128 -5.65 -14.64 -2.39
N VAL C 129 -5.11 -13.88 -1.44
CA VAL C 129 -5.76 -12.63 -1.05
C VAL C 129 -5.71 -11.60 -2.20
N ARG C 130 -4.60 -11.56 -2.94
CA ARG C 130 -4.45 -10.64 -4.07
C ARG C 130 -5.45 -10.89 -5.23
N ILE C 131 -5.94 -12.12 -5.35
CA ILE C 131 -6.97 -12.43 -6.34
C ILE C 131 -8.38 -12.58 -5.74
N GLY C 132 -8.54 -12.23 -4.45
CA GLY C 132 -9.85 -12.23 -3.80
C GLY C 132 -10.41 -13.60 -3.42
N GLN C 133 -9.54 -14.60 -3.33
CA GLN C 133 -9.97 -15.94 -2.97
C GLN C 133 -9.98 -16.12 -1.43
N VAL C 134 -11.11 -15.79 -0.79
CA VAL C 134 -11.25 -15.85 0.67
C VAL C 134 -12.33 -16.86 1.04
N LYS C 135 -11.94 -18.11 1.21
CA LYS C 135 -12.91 -19.18 1.39
C LYS C 135 -13.28 -19.45 2.85
N ASN C 136 -12.36 -19.28 3.79
CA ASN C 136 -12.71 -19.54 5.19
C ASN C 136 -12.26 -18.41 6.12
N ALA C 137 -13.00 -17.32 6.18
CA ALA C 137 -12.67 -16.24 7.13
C ALA C 137 -13.28 -16.59 8.50
N PRO C 138 -12.70 -16.08 9.60
CA PRO C 138 -13.36 -16.24 10.91
C PRO C 138 -14.65 -15.42 10.93
N ASP C 139 -15.54 -15.76 11.86
CA ASP C 139 -16.84 -15.10 11.92
C ASP C 139 -16.78 -13.84 12.75
N LEU C 140 -15.75 -13.76 13.60
CA LEU C 140 -15.60 -12.66 14.55
C LEU C 140 -14.15 -12.53 15.05
N ILE C 141 -13.77 -11.29 15.30
CA ILE C 141 -12.45 -10.97 15.85
C ILE C 141 -12.69 -10.35 17.22
N VAL C 142 -12.00 -10.85 18.24
CA VAL C 142 -12.05 -10.28 19.59
C VAL C 142 -10.64 -9.80 19.97
N LEU C 143 -10.54 -8.60 20.54
CA LEU C 143 -9.23 -8.04 20.95
C LEU C 143 -9.26 -7.81 22.47
N PRO C 144 -8.84 -8.82 23.29
CA PRO C 144 -8.84 -8.71 24.75
C PRO C 144 -7.79 -7.73 25.26
N HIS C 145 -8.05 -7.13 26.41
CA HIS C 145 -7.12 -6.14 26.99
C HIS C 145 -6.28 -6.66 28.18
N SER C 146 -6.56 -7.87 28.65
CA SER C 146 -5.90 -8.40 29.86
C SER C 146 -6.05 -9.92 29.97
N HIS C 147 -5.20 -10.49 30.82
CA HIS C 147 -5.25 -11.93 31.13
C HIS C 147 -6.69 -12.38 31.51
N GLU C 148 -7.32 -11.62 32.41
CA GLU C 148 -8.64 -11.96 32.95
C GLU C 148 -9.72 -11.96 31.86
N GLU C 149 -9.59 -11.06 30.88
CA GLU C 149 -10.48 -11.04 29.68
C GLU C 149 -10.27 -12.26 28.76
N VAL C 150 -9.01 -12.67 28.57
CA VAL C 150 -8.73 -13.93 27.87
C VAL C 150 -9.36 -15.13 28.58
N GLU C 151 -9.22 -15.18 29.92
CA GLU C 151 -9.91 -16.19 30.74
C GLU C 151 -11.43 -16.23 30.53
N ARG C 152 -12.07 -15.05 30.50
CA ARG C 152 -13.49 -14.97 30.23
C ARG C 152 -13.84 -15.46 28.84
N LEU C 153 -13.08 -15.02 27.84
CA LEU C 153 -13.33 -15.36 26.45
C LEU C 153 -13.24 -16.87 26.21
N VAL C 154 -12.19 -17.46 26.76
CA VAL C 154 -11.96 -18.89 26.61
C VAL C 154 -13.05 -19.71 27.35
N GLN C 155 -13.42 -19.28 28.55
CA GLN C 155 -14.53 -19.92 29.28
C GLN C 155 -15.87 -19.90 28.47
N LEU C 156 -16.18 -18.74 27.90
CA LEU C 156 -17.32 -18.57 27.00
C LEU C 156 -17.23 -19.44 25.76
N ALA C 157 -16.08 -19.44 25.10
CA ALA C 157 -15.92 -20.25 23.91
C ALA C 157 -16.12 -21.72 24.22
N HIS C 158 -15.54 -22.20 25.32
CA HIS C 158 -15.75 -23.59 25.75
C HIS C 158 -17.23 -23.92 26.02
N LYS C 159 -17.92 -23.06 26.76
CA LYS C 159 -19.33 -23.22 27.06
C LYS C 159 -20.21 -23.37 25.80
N TYR C 160 -19.94 -22.54 24.80
CA TYR C 160 -20.76 -22.49 23.59
C TYR C 160 -20.20 -23.32 22.42
N ASN C 161 -19.08 -24.01 22.65
CA ASN C 161 -18.43 -24.81 21.58
C ASN C 161 -18.09 -23.97 20.34
N VAL C 162 -17.33 -22.90 20.59
CA VAL C 162 -16.83 -21.95 19.57
C VAL C 162 -15.31 -22.15 19.35
N VAL C 163 -14.90 -22.36 18.10
CA VAL C 163 -13.47 -22.46 17.75
C VAL C 163 -12.78 -21.12 18.02
N ILE C 164 -11.63 -21.17 18.69
CA ILE C 164 -10.81 -19.96 18.93
C ILE C 164 -9.41 -20.15 18.35
N ILE C 165 -8.91 -19.13 17.64
CA ILE C 165 -7.56 -19.18 17.06
C ILE C 165 -6.85 -17.90 17.48
N PRO C 166 -5.84 -18.02 18.38
CA PRO C 166 -5.08 -16.81 18.76
C PRO C 166 -4.17 -16.35 17.62
N MET C 167 -4.00 -15.03 17.50
CA MET C 167 -3.22 -14.40 16.46
C MET C 167 -2.27 -13.37 17.11
N GLY C 168 -1.01 -13.39 16.69
CA GLY C 168 -0.09 -12.30 17.02
C GLY C 168 0.03 -11.44 15.78
N GLY C 169 1.20 -11.49 15.16
CA GLY C 169 1.45 -10.75 13.90
C GLY C 169 0.83 -11.38 12.65
N GLY C 170 0.37 -12.63 12.74
CA GLY C 170 -0.09 -13.36 11.54
C GLY C 170 1.02 -13.49 10.49
N SER C 171 2.30 -13.54 10.92
CA SER C 171 3.45 -13.62 9.97
C SER C 171 3.85 -15.07 9.63
N ASN C 172 3.24 -16.06 10.28
CA ASN C 172 3.57 -17.46 9.99
C ASN C 172 3.31 -17.81 8.52
N ILE C 173 4.08 -18.76 8.00
CA ILE C 173 4.00 -19.15 6.60
C ILE C 173 3.49 -20.59 6.41
N VAL C 174 2.85 -21.12 7.45
CA VAL C 174 2.37 -22.50 7.45
C VAL C 174 0.83 -22.62 7.55
N GLY C 175 0.12 -21.52 7.38
CA GLY C 175 -1.36 -21.52 7.47
C GLY C 175 -1.85 -21.77 8.90
N ALA C 176 -1.02 -21.43 9.89
CA ALA C 176 -1.32 -21.78 11.31
C ALA C 176 -2.51 -21.02 11.91
N ILE C 177 -2.84 -19.84 11.39
CA ILE C 177 -4.06 -19.11 11.86
C ILE C 177 -5.29 -19.27 10.98
N GLU C 178 -5.17 -19.91 9.83
CA GLU C 178 -6.29 -19.98 8.89
C GLU C 178 -7.33 -20.97 9.40
N PRO C 179 -8.61 -20.54 9.52
CA PRO C 179 -9.64 -21.53 9.86
C PRO C 179 -9.73 -22.67 8.83
N VAL C 180 -10.03 -23.85 9.33
CA VAL C 180 -10.12 -25.05 8.49
C VAL C 180 -11.57 -25.45 8.30
N SER C 181 -12.35 -25.44 9.37
CA SER C 181 -13.77 -25.74 9.22
C SER C 181 -14.55 -24.44 9.09
N ASN C 182 -15.76 -24.57 8.55
CA ASN C 182 -16.78 -23.55 8.67
C ASN C 182 -17.98 -24.16 9.41
N GLU C 183 -17.77 -25.31 10.06
CA GLU C 183 -18.89 -26.03 10.70
C GLU C 183 -19.30 -25.36 12.02
N ARG C 184 -18.32 -24.93 12.80
CA ARG C 184 -18.60 -24.22 14.04
C ARG C 184 -18.33 -22.74 13.84
N PHE C 185 -18.95 -21.91 14.69
CA PHE C 185 -18.67 -20.48 14.74
C PHE C 185 -17.18 -20.34 15.09
N THR C 186 -16.44 -19.48 14.38
CA THR C 186 -15.02 -19.28 14.76
C THR C 186 -14.57 -17.85 15.05
N VAL C 187 -13.77 -17.74 16.11
CA VAL C 187 -13.29 -16.48 16.63
C VAL C 187 -11.78 -16.39 16.51
N SER C 188 -11.31 -15.32 15.90
CA SER C 188 -9.90 -14.97 15.93
C SER C 188 -9.63 -14.05 17.14
N ILE C 189 -8.77 -14.51 18.04
CA ILE C 189 -8.35 -13.75 19.21
C ILE C 189 -7.05 -13.04 18.89
N ASP C 190 -7.18 -11.76 18.56
CA ASP C 190 -6.03 -10.91 18.19
C ASP C 190 -5.44 -10.41 19.52
N MET C 191 -4.24 -10.87 19.83
CA MET C 191 -3.59 -10.53 21.10
C MET C 191 -2.90 -9.14 21.18
N ARG C 192 -2.94 -8.37 20.10
CA ARG C 192 -2.02 -7.20 19.98
C ARG C 192 -2.37 -5.96 20.81
N ARG C 193 -3.57 -5.91 21.40
CA ARG C 193 -3.85 -4.92 22.46
C ARG C 193 -3.18 -5.26 23.81
N MET C 194 -2.75 -6.51 24.02
CA MET C 194 -2.03 -6.84 25.25
C MET C 194 -0.55 -6.74 24.97
N ASN C 195 -0.03 -5.52 25.05
CA ASN C 195 1.32 -5.25 24.58
C ASN C 195 2.20 -4.46 25.52
N LYS C 196 2.01 -4.62 26.82
CA LYS C 196 2.77 -3.86 27.83
C LYS C 196 3.84 -4.73 28.45
N VAL C 197 5.03 -4.18 28.68
CA VAL C 197 5.99 -4.79 29.62
C VAL C 197 5.44 -4.47 31.03
N LEU C 198 5.11 -5.52 31.79
CA LEU C 198 4.53 -5.34 33.14
C LEU C 198 5.57 -4.99 34.23
N TRP C 199 6.74 -5.60 34.17
CA TRP C 199 7.85 -5.23 35.07
C TRP C 199 9.19 -5.75 34.54
N VAL C 200 10.27 -5.12 35.00
CA VAL C 200 11.63 -5.58 34.70
C VAL C 200 12.38 -5.70 36.02
N ASP C 201 13.10 -6.80 36.19
CA ASP C 201 13.87 -7.03 37.41
C ASP C 201 15.32 -7.13 37.00
N ARG C 202 16.08 -6.04 37.19
CA ARG C 202 17.49 -6.01 36.80
C ARG C 202 18.38 -6.84 37.73
N ARG C 203 17.90 -7.21 38.92
CA ARG C 203 18.71 -8.07 39.80
C ARG C 203 18.65 -9.50 39.29
N GLU C 204 17.44 -10.03 39.06
CA GLU C 204 17.25 -11.35 38.47
C GLU C 204 17.52 -11.41 36.97
N MET C 205 17.56 -10.26 36.30
CA MET C 205 17.59 -10.18 34.82
C MET C 205 16.41 -10.92 34.18
N THR C 206 15.21 -10.58 34.63
CA THR C 206 13.98 -11.09 34.02
C THR C 206 13.00 -9.95 33.78
N ALA C 207 12.03 -10.19 32.89
CA ALA C 207 10.96 -9.22 32.63
C ALA C 207 9.66 -9.96 32.39
N CYS C 208 8.59 -9.39 32.93
CA CYS C 208 7.26 -9.94 32.71
C CYS C 208 6.56 -9.10 31.63
N ILE C 209 6.20 -9.77 30.54
CA ILE C 209 5.72 -9.12 29.36
C ILE C 209 4.39 -9.73 28.89
N GLN C 210 3.41 -8.87 28.55
CA GLN C 210 2.20 -9.32 27.80
C GLN C 210 2.60 -9.74 26.38
N VAL C 211 2.20 -10.95 25.97
CA VAL C 211 2.81 -11.61 24.79
C VAL C 211 2.28 -11.15 23.43
N GLY C 212 1.26 -10.29 23.44
CA GLY C 212 0.78 -9.65 22.21
C GLY C 212 1.71 -8.52 21.71
N ILE C 213 2.72 -8.16 22.49
CA ILE C 213 3.70 -7.14 22.09
C ILE C 213 4.46 -7.48 20.79
N MET C 214 4.65 -6.47 19.93
CA MET C 214 5.41 -6.66 18.67
C MET C 214 6.92 -6.48 18.93
N GLY C 215 7.75 -7.16 18.15
CA GLY C 215 9.17 -7.19 18.37
C GLY C 215 9.80 -5.81 18.63
N PRO C 216 9.65 -4.84 17.73
CA PRO C 216 10.31 -3.52 17.96
C PRO C 216 9.76 -2.79 19.20
N GLU C 217 8.46 -2.93 19.48
CA GLU C 217 7.87 -2.36 20.71
C GLU C 217 8.52 -2.98 21.96
N LEU C 218 8.66 -4.32 21.95
CA LEU C 218 9.32 -5.03 23.05
C LEU C 218 10.73 -4.48 23.31
N GLU C 219 11.56 -4.45 22.29
CA GLU C 219 12.96 -4.00 22.48
C GLU C 219 13.02 -2.53 22.92
N LYS C 220 12.10 -1.70 22.40
CA LYS C 220 12.00 -0.30 22.79
C LYS C 220 11.66 -0.07 24.28
N GLN C 221 10.64 -0.77 24.75
CA GLN C 221 10.23 -0.68 26.15
C GLN C 221 11.28 -1.29 27.09
N LEU C 222 11.88 -2.41 26.70
CA LEU C 222 12.98 -2.98 27.48
C LEU C 222 14.20 -2.05 27.57
N HIS C 223 14.56 -1.41 26.46
CA HIS C 223 15.73 -0.49 26.40
C HIS C 223 15.59 0.69 27.38
N LYS C 224 14.38 1.22 27.49
CA LYS C 224 14.06 2.28 28.48
C LYS C 224 14.47 1.83 29.89
N GLN C 225 14.37 0.53 30.15
CA GLN C 225 14.72 0.00 31.47
C GLN C 225 16.12 -0.64 31.46
N GLY C 226 16.91 -0.35 30.44
CA GLY C 226 18.31 -0.75 30.42
C GLY C 226 18.59 -2.20 30.06
N VAL C 227 17.60 -2.87 29.48
CA VAL C 227 17.77 -4.30 29.13
C VAL C 227 17.32 -4.63 27.69
N SER C 228 17.52 -5.90 27.30
CA SER C 228 17.17 -6.38 25.98
C SER C 228 16.86 -7.88 26.05
N LEU C 229 16.00 -8.34 25.16
CA LEU C 229 15.72 -9.80 25.03
C LEU C 229 16.67 -10.52 24.06
N GLY C 230 16.77 -10.02 22.84
CA GLY C 230 17.71 -10.53 21.85
C GLY C 230 17.21 -11.64 20.95
N HIS C 231 15.90 -11.91 20.94
CA HIS C 231 15.34 -12.82 19.96
C HIS C 231 15.06 -12.11 18.65
N ASP C 232 15.63 -12.63 17.57
CA ASP C 232 15.72 -11.86 16.33
C ASP C 232 15.44 -12.72 15.08
N PRO C 233 14.16 -13.18 14.91
CA PRO C 233 13.80 -13.84 13.65
C PRO C 233 13.80 -12.78 12.55
N ASP C 234 13.92 -13.20 11.28
CA ASP C 234 13.90 -12.23 10.16
C ASP C 234 12.53 -11.47 10.06
N SER C 235 11.48 -12.04 10.65
CA SER C 235 10.12 -11.46 10.76
C SER C 235 9.97 -10.63 12.05
N PHE C 236 11.10 -10.34 12.73
CA PHE C 236 11.12 -9.57 13.97
C PHE C 236 10.22 -8.32 14.01
N GLU C 237 10.23 -7.53 12.94
CA GLU C 237 9.49 -6.27 12.95
C GLU C 237 7.98 -6.44 13.05
N PHE C 238 7.47 -7.55 12.53
CA PHE C 238 6.00 -7.73 12.45
C PHE C 238 5.53 -9.06 13.02
N SER C 239 6.19 -9.53 14.07
CA SER C 239 5.72 -10.70 14.79
C SER C 239 5.71 -10.36 16.29
N THR C 240 5.10 -11.25 17.07
CA THR C 240 4.93 -11.04 18.50
C THR C 240 5.63 -12.12 19.36
N LEU C 241 5.88 -11.74 20.62
CA LEU C 241 6.45 -12.64 21.61
C LEU C 241 5.61 -13.90 21.79
N GLY C 242 4.30 -13.74 21.87
CA GLY C 242 3.40 -14.92 21.94
C GLY C 242 3.55 -15.82 20.71
N GLY C 243 3.66 -15.20 19.52
CA GLY C 243 3.96 -15.94 18.33
C GLY C 243 5.25 -16.72 18.43
N TRP C 244 6.32 -16.08 18.90
CA TRP C 244 7.64 -16.73 19.04
C TRP C 244 7.59 -17.94 19.98
N LEU C 245 6.92 -17.78 21.11
CA LEU C 245 6.76 -18.89 22.08
C LEU C 245 5.93 -20.04 21.50
N ALA C 246 4.81 -19.71 20.85
CA ALA C 246 3.87 -20.73 20.32
C ALA C 246 4.41 -21.49 19.12
N THR C 247 5.47 -20.94 18.51
CA THR C 247 6.11 -21.54 17.35
C THR C 247 7.56 -22.02 17.56
N CYS C 248 8.17 -21.70 18.71
CA CYS C 248 9.62 -21.83 18.94
C CYS C 248 10.41 -21.31 17.77
N SER C 249 10.09 -20.09 17.33
CA SER C 249 10.80 -19.54 16.17
C SER C 249 12.30 -19.43 16.45
N SER C 250 13.09 -19.54 15.39
CA SER C 250 14.55 -19.30 15.46
C SER C 250 14.89 -17.79 15.52
N GLY C 251 16.04 -17.47 16.13
CA GLY C 251 16.46 -16.06 16.20
C GLY C 251 17.93 -16.06 15.84
N HIS C 252 18.41 -14.95 15.30
CA HIS C 252 19.74 -14.97 14.70
C HIS C 252 20.89 -14.44 15.59
N GLN C 253 20.59 -14.16 16.86
CA GLN C 253 21.64 -14.04 17.90
C GLN C 253 21.56 -15.17 18.96
N SER C 254 21.01 -16.33 18.57
CA SER C 254 20.77 -17.41 19.53
C SER C 254 22.05 -18.06 20.06
N ASP C 255 23.11 -18.02 19.27
CA ASP C 255 24.45 -18.47 19.67
C ASP C 255 24.96 -17.67 20.87
N LYS C 256 24.47 -16.46 21.03
CA LYS C 256 24.80 -15.68 22.18
C LYS C 256 23.72 -15.75 23.29
N TYR C 257 22.46 -15.48 22.94
CA TYR C 257 21.39 -15.28 23.95
C TYR C 257 20.52 -16.52 24.22
N GLY C 258 20.73 -17.58 23.48
CA GLY C 258 19.94 -18.82 23.62
C GLY C 258 18.75 -18.86 22.68
N ASP C 259 18.11 -20.02 22.61
CA ASP C 259 16.87 -20.23 21.86
C ASP C 259 15.73 -19.67 22.69
N ILE C 260 14.59 -19.43 22.04
CA ILE C 260 13.44 -18.82 22.74
C ILE C 260 12.99 -19.69 23.93
N GLU C 261 13.16 -21.01 23.80
CA GLU C 261 12.76 -21.96 24.87
C GLU C 261 13.64 -21.73 26.09
N ASP C 262 14.92 -21.40 25.87
CA ASP C 262 15.88 -21.13 26.95
C ASP C 262 15.58 -19.75 27.58
N MET C 263 15.10 -18.82 26.77
CA MET C 263 14.79 -17.47 27.23
C MET C 263 13.50 -17.39 28.06
N ALA C 264 12.62 -18.37 27.86
CA ALA C 264 11.33 -18.39 28.54
C ALA C 264 11.51 -19.01 29.93
N VAL C 265 11.41 -18.19 30.96
CA VAL C 265 11.49 -18.68 32.32
C VAL C 265 10.15 -19.34 32.71
N SER C 266 9.06 -18.62 32.51
CA SER C 266 7.71 -19.14 32.72
C SER C 266 6.72 -18.32 31.93
N PHE C 267 5.46 -18.77 31.93
CA PHE C 267 4.38 -18.00 31.36
C PHE C 267 3.03 -18.57 31.84
N ARG C 268 1.98 -17.82 31.60
CA ARG C 268 0.63 -18.27 31.96
C ARG C 268 -0.14 -18.66 30.69
N THR C 269 -0.89 -19.75 30.76
CA THR C 269 -1.59 -20.27 29.59
C THR C 269 -3.05 -20.47 29.93
N VAL C 270 -3.93 -19.80 29.20
CA VAL C 270 -5.38 -19.97 29.43
C VAL C 270 -5.93 -21.07 28.57
N THR C 271 -6.55 -22.07 29.19
CA THR C 271 -7.05 -23.24 28.46
C THR C 271 -8.52 -23.45 28.79
N PRO C 272 -9.23 -24.23 27.95
CA PRO C 272 -10.65 -24.57 28.20
C PRO C 272 -10.90 -25.29 29.53
N THR C 273 -9.85 -25.80 30.16
CA THR C 273 -10.04 -26.50 31.46
C THR C 273 -9.34 -25.74 32.62
N GLY C 274 -8.92 -24.50 32.38
CA GLY C 274 -8.38 -23.70 33.46
C GLY C 274 -7.06 -23.07 33.09
N THR C 275 -6.59 -22.14 33.91
CA THR C 275 -5.35 -21.46 33.59
C THR C 275 -4.16 -22.25 34.13
N LEU C 276 -3.18 -22.50 33.26
CA LEU C 276 -1.99 -23.22 33.71
C LEU C 276 -0.90 -22.24 34.06
N GLU C 277 -0.45 -22.27 35.32
CA GLU C 277 0.61 -21.38 35.80
C GLU C 277 1.96 -22.13 35.91
N LEU C 278 3.05 -21.37 35.76
CA LEU C 278 4.39 -21.92 35.85
C LEU C 278 5.25 -21.05 36.79
N ARG C 279 6.25 -21.64 37.44
CA ARG C 279 7.08 -20.87 38.39
C ARG C 279 8.53 -20.62 37.95
N ASN C 280 9.21 -19.75 38.69
CA ASN C 280 10.67 -19.62 38.56
C ASN C 280 11.36 -20.65 39.48
N GLY C 285 15.49 -30.14 40.77
CA GLY C 285 15.05 -31.52 40.99
C GLY C 285 14.35 -32.12 39.78
N ALA C 286 13.61 -33.22 40.01
CA ALA C 286 12.92 -33.93 38.94
C ALA C 286 11.49 -33.41 38.69
N GLY C 287 10.72 -34.20 37.95
CA GLY C 287 9.42 -33.77 37.48
C GLY C 287 9.56 -33.36 36.04
N ILE C 288 8.47 -33.41 35.32
CA ILE C 288 8.45 -32.93 33.96
C ILE C 288 8.64 -31.38 33.94
N ASN C 289 9.45 -30.89 33.02
CA ASN C 289 9.54 -29.44 32.78
C ASN C 289 8.38 -28.99 31.89
N TYR C 290 7.25 -28.68 32.52
CA TYR C 290 5.96 -28.50 31.83
C TYR C 290 5.88 -27.34 30.82
N LYS C 291 6.76 -26.31 30.91
CA LYS C 291 6.78 -25.28 29.89
C LYS C 291 6.88 -25.86 28.46
N HIS C 292 7.59 -26.98 28.33
CA HIS C 292 7.79 -27.63 27.05
C HIS C 292 6.53 -28.22 26.41
N ILE C 293 5.47 -28.35 27.18
CA ILE C 293 4.19 -28.88 26.66
C ILE C 293 3.52 -27.76 25.81
N ILE C 294 3.71 -26.50 26.19
CA ILE C 294 3.01 -25.41 25.50
C ILE C 294 3.92 -24.72 24.45
N LEU C 295 5.22 -24.61 24.73
CA LEU C 295 6.11 -24.02 23.73
C LEU C 295 5.98 -24.83 22.43
N GLY C 296 5.80 -24.15 21.29
CA GLY C 296 5.70 -24.80 19.99
C GLY C 296 4.31 -25.35 19.70
N SER C 297 3.33 -25.03 20.56
CA SER C 297 2.01 -25.71 20.47
C SER C 297 1.01 -25.02 19.49
N GLU C 298 1.42 -23.87 18.96
CA GLU C 298 0.73 -23.23 17.84
C GLU C 298 -0.77 -23.02 18.13
N GLY C 299 -1.07 -22.61 19.35
CA GLY C 299 -2.45 -22.25 19.74
C GLY C 299 -3.41 -23.42 19.95
N THR C 300 -2.93 -24.65 19.80
CA THR C 300 -3.78 -25.85 19.93
C THR C 300 -4.01 -26.32 21.38
N LEU C 301 -3.27 -25.74 22.33
CA LEU C 301 -3.40 -26.10 23.76
C LEU C 301 -3.69 -24.93 24.71
N GLY C 302 -4.18 -23.82 24.17
CA GLY C 302 -4.53 -22.67 24.99
C GLY C 302 -3.77 -21.42 24.59
N ILE C 303 -4.09 -20.30 25.23
CA ILE C 303 -3.55 -18.99 24.85
C ILE C 303 -2.55 -18.50 25.90
N ILE C 304 -1.33 -18.26 25.46
CA ILE C 304 -0.32 -17.67 26.31
C ILE C 304 -0.67 -16.20 26.46
N THR C 305 -0.69 -15.71 27.69
CA THR C 305 -1.07 -14.30 27.90
C THR C 305 0.11 -13.40 28.35
N GLU C 306 0.85 -13.89 29.34
CA GLU C 306 1.96 -13.14 29.94
C GLU C 306 3.14 -14.06 30.12
N ALA C 307 4.37 -13.57 29.90
CA ALA C 307 5.53 -14.44 30.07
C ALA C 307 6.65 -13.76 30.86
N VAL C 308 7.37 -14.54 31.65
CA VAL C 308 8.59 -14.09 32.33
C VAL C 308 9.75 -14.54 31.44
N MET C 309 10.44 -13.54 30.90
CA MET C 309 11.54 -13.77 29.99
C MET C 309 12.89 -13.39 30.58
N LYS C 310 13.91 -14.20 30.27
CA LYS C 310 15.28 -13.89 30.62
C LYS C 310 15.78 -12.71 29.76
N VAL C 311 16.27 -11.64 30.40
CA VAL C 311 16.78 -10.50 29.63
C VAL C 311 18.26 -10.30 29.93
N HIS C 312 18.88 -9.38 29.22
CA HIS C 312 20.28 -9.01 29.52
C HIS C 312 20.43 -7.51 29.46
N ALA C 313 21.43 -7.03 30.19
CA ALA C 313 21.81 -5.61 30.16
C ALA C 313 22.14 -5.16 28.75
N VAL C 314 21.71 -3.95 28.36
CA VAL C 314 22.14 -3.38 27.10
C VAL C 314 23.70 -3.45 27.09
N PRO C 315 24.32 -4.09 26.05
CA PRO C 315 25.76 -4.39 26.10
C PRO C 315 26.59 -3.12 26.04
N GLN C 316 27.74 -3.13 26.70
CA GLN C 316 28.64 -1.98 26.68
C GLN C 316 29.33 -1.84 25.32
N ALA C 317 29.49 -2.96 24.60
CA ALA C 317 30.04 -2.96 23.25
C ALA C 317 29.15 -3.70 22.25
N VAL C 318 28.88 -3.02 21.14
CA VAL C 318 28.16 -3.58 20.00
C VAL C 318 28.92 -3.23 18.70
N GLU C 319 29.47 -4.24 18.04
CA GLU C 319 30.29 -4.00 16.87
C GLU C 319 29.92 -4.98 15.77
N TYR C 320 29.52 -4.43 14.62
CA TYR C 320 29.05 -5.20 13.47
C TYR C 320 29.92 -4.81 12.28
N TYR C 321 30.40 -5.82 11.56
CA TYR C 321 31.37 -5.65 10.51
C TYR C 321 30.93 -6.37 9.25
N GLY C 322 31.40 -5.89 8.10
CA GLY C 322 31.23 -6.56 6.82
C GLY C 322 32.55 -7.01 6.23
N PHE C 323 32.53 -8.20 5.63
CA PHE C 323 33.70 -8.82 5.02
C PHE C 323 33.35 -9.37 3.65
N LEU C 324 34.32 -9.34 2.74
CA LEU C 324 34.19 -9.97 1.43
C LEU C 324 35.13 -11.16 1.31
N PHE C 325 34.66 -12.23 0.69
CA PHE C 325 35.52 -13.39 0.36
C PHE C 325 35.52 -13.57 -1.16
N PRO C 326 36.67 -14.02 -1.72
CA PRO C 326 36.82 -14.25 -3.17
C PRO C 326 35.87 -15.33 -3.72
N THR C 327 35.44 -16.26 -2.87
CA THR C 327 34.58 -17.37 -3.29
C THR C 327 33.78 -17.83 -2.09
N PHE C 328 32.77 -18.66 -2.36
CA PHE C 328 31.87 -19.23 -1.34
C PHE C 328 32.63 -20.21 -0.47
N ALA C 329 33.50 -20.99 -1.09
CA ALA C 329 34.30 -21.99 -0.37
C ALA C 329 35.15 -21.38 0.72
N HIS C 330 35.74 -20.21 0.45
CA HIS C 330 36.54 -19.49 1.45
C HIS C 330 35.69 -19.11 2.66
N ALA C 331 34.49 -18.61 2.39
CA ALA C 331 33.57 -18.17 3.45
C ALA C 331 33.21 -19.33 4.37
N VAL C 332 32.89 -20.48 3.77
CA VAL C 332 32.40 -21.63 4.53
C VAL C 332 33.54 -22.27 5.32
N SER C 333 34.75 -22.16 4.79
CA SER C 333 35.93 -22.54 5.52
C SER C 333 36.09 -21.69 6.79
N ALA C 334 35.93 -20.38 6.67
CA ALA C 334 36.01 -19.48 7.82
C ALA C 334 34.95 -19.83 8.86
N LEU C 335 33.73 -20.09 8.39
CA LEU C 335 32.63 -20.56 9.27
C LEU C 335 32.98 -21.76 10.15
N GLN C 336 33.51 -22.82 9.53
CA GLN C 336 33.92 -24.05 10.22
C GLN C 336 35.00 -23.80 11.28
N GLN C 337 36.04 -23.08 10.88
CA GLN C 337 37.16 -22.81 11.77
C GLN C 337 36.77 -21.87 12.91
N ILE C 338 35.91 -20.90 12.62
CA ILE C 338 35.38 -20.05 13.68
C ILE C 338 34.66 -20.92 14.74
N ARG C 339 33.75 -21.80 14.33
CA ARG C 339 33.07 -22.65 15.32
C ARG C 339 34.05 -23.55 16.08
N SER C 340 35.00 -24.19 15.38
CA SER C 340 35.98 -25.07 16.03
C SER C 340 36.87 -24.38 17.08
N SER C 341 37.10 -23.08 16.93
CA SER C 341 37.91 -22.32 17.89
C SER C 341 37.20 -22.13 19.24
N GLU C 342 35.87 -22.24 19.20
CA GLU C 342 34.99 -22.12 20.38
C GLU C 342 34.89 -20.67 20.87
N VAL C 343 35.33 -19.73 20.02
CA VAL C 343 35.22 -18.31 20.30
C VAL C 343 34.39 -17.73 19.16
N ILE C 344 33.07 -17.70 19.33
CA ILE C 344 32.18 -17.42 18.20
C ILE C 344 31.52 -16.04 18.30
N PRO C 345 31.22 -15.40 17.16
CA PRO C 345 30.50 -14.14 17.22
C PRO C 345 29.06 -14.28 17.74
N THR C 346 28.45 -13.13 18.03
CA THR C 346 27.09 -13.01 18.44
C THR C 346 26.16 -13.33 17.26
N MET C 347 26.53 -12.83 16.08
CA MET C 347 25.80 -13.11 14.87
C MET C 347 26.73 -13.27 13.67
N ILE C 348 26.33 -14.15 12.76
CA ILE C 348 27.00 -14.30 11.50
C ILE C 348 25.96 -14.61 10.43
N ARG C 349 26.20 -14.10 9.22
CA ARG C 349 25.49 -14.51 8.03
C ARG C 349 26.47 -14.46 6.84
N VAL C 350 26.42 -15.48 6.00
CA VAL C 350 27.23 -15.55 4.75
C VAL C 350 26.25 -15.53 3.60
N TYR C 351 26.41 -14.58 2.68
CA TYR C 351 25.60 -14.54 1.46
C TYR C 351 26.39 -15.14 0.30
N ASP C 352 25.76 -16.02 -0.48
CA ASP C 352 26.38 -16.46 -1.73
C ASP C 352 26.48 -15.30 -2.75
N PRO C 353 27.12 -15.52 -3.92
CA PRO C 353 27.40 -14.39 -4.85
C PRO C 353 26.14 -13.70 -5.36
N GLU C 354 25.07 -14.46 -5.57
CA GLU C 354 23.82 -13.92 -6.07
C GLU C 354 23.12 -13.04 -5.02
N GLU C 355 23.12 -13.46 -3.75
CA GLU C 355 22.53 -12.63 -2.70
C GLU C 355 23.39 -11.42 -2.33
N THR C 356 24.69 -11.56 -2.49
CA THR C 356 25.64 -10.45 -2.37
C THR C 356 25.35 -9.35 -3.40
N GLN C 357 25.20 -9.77 -4.67
CA GLN C 357 24.92 -8.84 -5.78
C GLN C 357 23.60 -8.13 -5.58
N LEU C 358 22.59 -8.87 -5.12
CA LEU C 358 21.30 -8.27 -4.77
C LEU C 358 21.47 -7.23 -3.67
N SER C 359 22.22 -7.58 -2.64
CA SER C 359 22.43 -6.70 -1.50
C SER C 359 23.08 -5.36 -1.87
N PHE C 360 23.94 -5.37 -2.89
CA PHE C 360 24.58 -4.14 -3.33
C PHE C 360 23.75 -3.33 -4.32
N ALA C 361 22.89 -4.02 -5.08
CA ALA C 361 21.99 -3.38 -6.04
C ALA C 361 20.78 -2.77 -5.34
N TRP C 362 20.46 -3.33 -4.17
CA TRP C 362 19.40 -2.86 -3.28
C TRP C 362 20.00 -1.74 -2.44
N LYS C 363 20.02 -0.55 -3.03
CA LYS C 363 20.79 0.59 -2.56
C LYS C 363 20.20 1.88 -3.15
N PRO C 364 19.90 2.88 -2.28
CA PRO C 364 19.37 4.19 -2.68
C PRO C 364 20.27 5.06 -3.57
N SER C 365 21.54 4.68 -3.71
CA SER C 365 22.46 5.42 -4.59
C SER C 365 23.43 4.51 -5.33
N GLU C 371 26.64 7.73 5.56
CA GLU C 371 27.91 7.85 4.85
C GLU C 371 28.68 6.53 4.71
N PHE C 372 28.45 5.60 5.64
CA PHE C 372 29.18 4.33 5.65
C PHE C 372 28.77 3.37 4.54
N THR C 373 27.50 3.42 4.14
CA THR C 373 26.96 2.57 3.06
C THR C 373 27.48 2.87 1.65
N SER C 374 27.64 4.15 1.31
CA SER C 374 28.24 4.53 0.03
C SER C 374 29.71 4.09 -0.01
N ALA C 375 30.39 4.23 1.12
CA ALA C 375 31.78 3.78 1.28
C ALA C 375 31.92 2.28 1.10
N MET C 376 30.93 1.52 1.59
CA MET C 376 30.96 0.06 1.49
C MET C 376 30.75 -0.47 0.06
N VAL C 377 29.91 0.21 -0.72
CA VAL C 377 29.74 -0.14 -2.13
C VAL C 377 30.99 0.20 -2.94
N LYS C 378 31.61 1.33 -2.59
CA LYS C 378 32.87 1.79 -3.16
C LYS C 378 33.99 0.75 -2.95
N LYS C 379 34.06 0.23 -1.72
CA LYS C 379 34.97 -0.85 -1.36
C LYS C 379 34.67 -2.16 -2.09
N TYR C 380 33.37 -2.46 -2.29
CA TYR C 380 32.94 -3.63 -3.06
C TYR C 380 33.33 -3.52 -4.53
N LEU C 381 32.91 -2.44 -5.19
CA LEU C 381 33.26 -2.19 -6.61
C LEU C 381 34.77 -2.19 -6.84
N HIS C 382 35.51 -1.58 -5.91
CA HIS C 382 36.99 -1.60 -5.94
C HIS C 382 37.58 -2.99 -5.70
N TYR C 383 36.83 -3.86 -5.02
CA TYR C 383 37.28 -5.24 -4.73
C TYR C 383 37.07 -6.19 -5.91
N ILE C 384 36.02 -5.93 -6.69
CA ILE C 384 35.65 -6.80 -7.80
C ILE C 384 36.37 -6.40 -9.09
N ARG C 385 37.32 -5.48 -8.96
CA ARG C 385 38.28 -5.16 -10.03
C ARG C 385 39.46 -6.15 -10.06
N SER C 386 39.55 -6.98 -9.02
CA SER C 386 40.57 -8.03 -8.88
C SER C 386 39.98 -9.43 -8.73
N PHE C 387 38.72 -9.52 -8.30
CA PHE C 387 38.04 -10.82 -8.13
C PHE C 387 36.69 -10.78 -8.85
N ASP C 388 36.36 -11.86 -9.56
CA ASP C 388 35.08 -11.94 -10.26
C ASP C 388 33.87 -11.77 -9.32
N PHE C 389 33.01 -10.82 -9.67
CA PHE C 389 31.80 -10.52 -8.90
C PHE C 389 30.81 -11.69 -8.93
N LYS C 390 31.10 -12.68 -9.77
CA LYS C 390 30.24 -13.86 -9.90
C LYS C 390 30.53 -14.92 -8.82
N ASN C 391 31.61 -14.69 -8.07
CA ASN C 391 32.01 -15.59 -6.97
C ASN C 391 32.17 -14.87 -5.63
N VAL C 392 32.25 -13.54 -5.65
CA VAL C 392 32.47 -12.75 -4.43
C VAL C 392 31.26 -12.86 -3.49
N CYS C 393 31.53 -13.25 -2.24
CA CYS C 393 30.52 -13.38 -1.17
C CYS C 393 30.68 -12.33 -0.06
N LEU C 394 29.54 -11.84 0.40
CA LEU C 394 29.46 -10.91 1.53
C LEU C 394 29.22 -11.69 2.82
N SER C 395 29.89 -11.25 3.88
CA SER C 395 29.62 -11.72 5.23
C SER C 395 29.41 -10.57 6.22
N ILE C 396 28.38 -10.70 7.06
CA ILE C 396 28.11 -9.78 8.13
C ILE C 396 28.41 -10.50 9.45
N ILE C 397 29.22 -9.87 10.30
CA ILE C 397 29.61 -10.48 11.58
C ILE C 397 29.40 -9.49 12.72
N GLY C 398 28.80 -9.97 13.80
CA GLY C 398 28.46 -9.12 14.94
C GLY C 398 28.96 -9.65 16.27
N PHE C 399 29.32 -8.72 17.16
CA PHE C 399 29.73 -9.08 18.51
C PHE C 399 29.07 -8.12 19.46
N GLU C 400 28.57 -8.65 20.57
CA GLU C 400 27.96 -7.86 21.61
C GLU C 400 28.44 -8.36 22.97
N GLY C 401 28.57 -7.45 23.91
CA GLY C 401 28.89 -7.82 25.28
C GLY C 401 29.82 -6.83 25.95
N PRO C 402 30.46 -7.25 27.05
CA PRO C 402 31.43 -6.39 27.71
C PRO C 402 32.59 -6.07 26.76
N LYS C 403 33.26 -4.95 26.98
CA LYS C 403 34.33 -4.51 26.09
C LYS C 403 35.44 -5.58 26.00
N LYS C 404 35.85 -6.11 27.15
CA LYS C 404 36.91 -7.11 27.26
C LYS C 404 36.57 -8.41 26.51
N VAL C 405 35.29 -8.81 26.55
CA VAL C 405 34.81 -10.02 25.88
C VAL C 405 34.80 -9.80 24.36
N VAL C 406 34.14 -8.73 23.93
CA VAL C 406 34.02 -8.36 22.52
C VAL C 406 35.40 -8.19 21.88
N ASP C 407 36.33 -7.58 22.60
CA ASP C 407 37.71 -7.43 22.11
C ASP C 407 38.35 -8.79 21.85
N PHE C 408 38.22 -9.71 22.81
CA PHE C 408 38.85 -11.03 22.71
C PHE C 408 38.22 -11.90 21.61
N HIS C 409 36.88 -11.91 21.56
CA HIS C 409 36.14 -12.59 20.47
C HIS C 409 36.44 -12.02 19.07
N ARG C 410 36.51 -10.70 18.95
CA ARG C 410 36.79 -10.04 17.65
C ARG C 410 38.21 -10.29 17.10
N THR C 411 39.22 -10.19 17.96
CA THR C 411 40.59 -10.46 17.46
C THR C 411 40.75 -11.95 17.15
N SER C 412 40.07 -12.83 17.89
CA SER C 412 40.10 -14.25 17.60
C SER C 412 39.45 -14.54 16.24
N VAL C 413 38.20 -14.09 16.05
CA VAL C 413 37.51 -14.24 14.76
C VAL C 413 38.28 -13.58 13.58
N PHE C 414 38.70 -12.33 13.74
CA PHE C 414 39.37 -11.56 12.67
C PHE C 414 40.66 -12.23 12.19
N ASP C 415 41.40 -12.82 13.14
CA ASP C 415 42.61 -13.57 12.79
C ASP C 415 42.26 -14.74 11.87
N ILE C 416 41.23 -15.50 12.26
CA ILE C 416 40.76 -16.64 11.46
C ILE C 416 40.33 -16.21 10.04
N LEU C 417 39.57 -15.13 9.94
CA LEU C 417 39.14 -14.58 8.64
C LEU C 417 40.31 -14.25 7.70
N SER C 418 41.38 -13.73 8.30
CA SER C 418 42.57 -13.35 7.56
C SER C 418 43.32 -14.57 6.99
N LYS C 419 43.08 -15.74 7.57
CA LYS C 419 43.64 -17.02 7.07
C LYS C 419 42.78 -17.65 5.97
N ASN C 420 41.64 -17.03 5.67
CA ASN C 420 40.71 -17.43 4.62
C ASN C 420 40.46 -16.30 3.63
N ALA C 421 41.47 -15.46 3.40
CA ALA C 421 41.35 -14.40 2.41
C ALA C 421 40.19 -13.41 2.56
N ALA C 422 39.63 -13.26 3.77
CA ALA C 422 38.58 -12.26 3.96
C ALA C 422 39.11 -10.83 3.77
N PHE C 423 38.26 -9.94 3.27
CA PHE C 423 38.62 -8.53 3.10
C PHE C 423 37.64 -7.63 3.86
N GLY C 424 38.15 -6.94 4.89
CA GLY C 424 37.32 -6.12 5.78
C GLY C 424 36.71 -4.91 5.13
N LEU C 425 35.41 -4.69 5.37
CA LEU C 425 34.70 -3.52 4.84
C LEU C 425 34.40 -2.48 5.92
N GLY C 426 34.87 -2.74 7.13
CA GLY C 426 34.64 -1.81 8.23
C GLY C 426 33.23 -1.96 8.80
N SER C 427 32.83 -0.99 9.63
CA SER C 427 31.60 -1.08 10.39
C SER C 427 30.71 0.16 10.22
N ALA C 428 29.43 -0.02 10.54
CA ALA C 428 28.44 1.06 10.66
C ALA C 428 27.89 1.02 12.08
N PRO C 429 27.51 2.19 12.65
CA PRO C 429 27.05 2.22 14.04
C PRO C 429 25.86 1.29 14.34
N GLY C 430 25.87 0.69 15.53
CA GLY C 430 24.83 -0.23 15.94
C GLY C 430 24.63 -1.42 15.02
N LYS C 431 23.37 -1.87 14.95
CA LYS C 431 22.99 -3.09 14.22
C LYS C 431 22.55 -2.84 12.79
N THR C 432 22.69 -1.62 12.29
CA THR C 432 22.16 -1.22 10.97
C THR C 432 22.48 -2.23 9.86
N TRP C 433 23.73 -2.72 9.87
CA TRP C 433 24.22 -3.79 8.99
C TRP C 433 23.24 -4.95 8.84
N ALA C 434 22.86 -5.54 9.96
CA ALA C 434 22.01 -6.73 9.95
C ALA C 434 20.52 -6.41 10.12
N GLU C 435 20.11 -5.17 9.84
CA GLU C 435 18.69 -4.82 9.85
C GLU C 435 18.10 -4.84 8.44
N LYS C 436 18.98 -4.76 7.43
CA LYS C 436 18.60 -4.76 6.00
C LYS C 436 17.79 -5.96 5.53
N ARG C 437 18.05 -7.12 6.12
CA ARG C 437 17.26 -8.33 5.85
C ARG C 437 15.76 -8.17 6.15
N TYR C 438 15.40 -7.23 7.05
CA TYR C 438 13.99 -6.99 7.39
C TYR C 438 13.21 -6.40 6.20
N ASP C 439 13.92 -5.87 5.22
CA ASP C 439 13.26 -5.20 4.10
C ASP C 439 12.98 -6.15 2.94
N LEU C 440 13.59 -7.33 2.97
CA LEU C 440 13.45 -8.30 1.89
C LEU C 440 12.00 -8.62 1.51
N PRO C 441 11.13 -8.91 2.50
CA PRO C 441 9.78 -9.22 2.10
C PRO C 441 9.01 -8.08 1.42
N TYR C 442 9.46 -6.83 1.57
CA TYR C 442 8.81 -5.74 0.83
C TYR C 442 9.10 -5.87 -0.68
N ILE C 443 10.23 -6.51 -1.02
CA ILE C 443 10.54 -6.73 -2.41
C ILE C 443 9.67 -7.83 -3.01
N ARG C 444 9.27 -8.82 -2.20
CA ARG C 444 8.34 -9.85 -2.65
C ARG C 444 7.04 -9.23 -3.15
N ASP C 445 6.49 -8.26 -2.40
CA ASP C 445 5.26 -7.56 -2.78
C ASP C 445 5.39 -6.84 -4.12
N PHE C 446 6.52 -6.15 -4.32
CA PHE C 446 6.82 -5.48 -5.60
C PHE C 446 6.92 -6.48 -6.76
N LEU C 447 7.66 -7.56 -6.57
CA LEU C 447 7.72 -8.61 -7.60
C LEU C 447 6.30 -9.10 -7.96
N LEU C 448 5.48 -9.35 -6.94
CA LEU C 448 4.09 -9.79 -7.15
C LEU C 448 3.24 -8.78 -7.92
N ASP C 449 3.50 -7.49 -7.73
CA ASP C 449 2.83 -6.43 -8.50
C ASP C 449 3.30 -6.33 -9.96
N HIS C 450 4.39 -7.02 -10.28
CA HIS C 450 4.99 -6.88 -11.60
C HIS C 450 5.26 -8.21 -12.30
N ASN C 451 4.29 -9.12 -12.20
CA ASN C 451 4.26 -10.38 -12.96
C ASN C 451 5.35 -11.39 -12.56
N MET C 452 5.78 -11.32 -11.31
CA MET C 452 6.85 -12.16 -10.79
C MET C 452 6.42 -12.79 -9.46
N TRP C 453 7.20 -13.77 -9.00
CA TRP C 453 6.99 -14.41 -7.72
C TRP C 453 8.30 -14.85 -7.10
N VAL C 454 8.31 -14.97 -5.78
CA VAL C 454 9.49 -15.45 -5.08
C VAL C 454 9.07 -16.32 -3.89
N ASP C 455 9.83 -17.39 -3.65
CA ASP C 455 9.55 -18.28 -2.52
C ASP C 455 10.85 -18.74 -1.87
N VAL C 456 10.75 -19.45 -0.73
CA VAL C 456 11.96 -19.80 0.03
C VAL C 456 12.01 -21.28 0.42
N ALA C 457 13.23 -21.78 0.60
CA ALA C 457 13.44 -23.13 1.14
C ALA C 457 14.65 -23.11 2.06
N GLU C 458 14.49 -23.67 3.26
CA GLU C 458 15.52 -23.70 4.31
C GLU C 458 15.80 -25.16 4.70
N THR C 459 17.09 -25.50 4.87
CA THR C 459 17.47 -26.84 5.29
C THR C 459 18.74 -26.86 6.15
N THR C 460 18.83 -27.86 7.03
CA THR C 460 20.07 -28.13 7.75
C THR C 460 20.81 -29.21 6.94
N VAL C 461 22.05 -28.92 6.55
CA VAL C 461 22.88 -29.85 5.74
C VAL C 461 24.31 -29.95 6.33
N SER C 462 24.93 -31.13 6.24
CA SER C 462 26.30 -31.34 6.75
C SER C 462 27.33 -30.60 5.91
N TYR C 463 28.51 -30.34 6.47
CA TYR C 463 29.61 -29.71 5.70
C TYR C 463 30.04 -30.52 4.47
N ALA C 464 30.01 -31.85 4.61
CA ALA C 464 30.35 -32.81 3.54
C ALA C 464 29.50 -32.62 2.28
N ASN C 465 28.21 -32.35 2.50
CA ASN C 465 27.22 -32.24 1.44
C ASN C 465 26.80 -30.80 1.12
N LEU C 466 27.34 -29.82 1.83
CA LEU C 466 26.88 -28.43 1.68
C LEU C 466 27.14 -27.80 0.29
N GLN C 467 28.40 -27.79 -0.14
CA GLN C 467 28.78 -27.02 -1.33
C GLN C 467 28.28 -27.69 -2.61
N THR C 468 28.14 -29.03 -2.57
CA THR C 468 27.53 -29.76 -3.68
C THR C 468 26.03 -29.57 -3.73
N LEU C 469 25.35 -29.57 -2.59
CA LEU C 469 23.91 -29.27 -2.57
C LEU C 469 23.65 -27.86 -3.09
N TRP C 470 24.40 -26.88 -2.60
CA TRP C 470 24.28 -25.49 -3.00
C TRP C 470 24.40 -25.30 -4.53
N LYS C 471 25.47 -25.84 -5.12
CA LYS C 471 25.72 -25.77 -6.56
C LYS C 471 24.67 -26.52 -7.40
N ASP C 472 24.41 -27.77 -7.04
CA ASP C 472 23.43 -28.62 -7.74
C ASP C 472 22.03 -28.02 -7.71
N ALA C 473 21.60 -27.56 -6.55
CA ALA C 473 20.26 -27.00 -6.40
C ALA C 473 20.06 -25.76 -7.27
N LYS C 474 21.00 -24.82 -7.19
CA LYS C 474 20.92 -23.62 -8.01
C LYS C 474 20.95 -23.90 -9.52
N GLN C 475 21.82 -24.82 -9.94
CA GLN C 475 21.89 -25.23 -11.36
C GLN C 475 20.62 -25.92 -11.83
N THR C 476 20.12 -26.85 -11.01
CA THR C 476 18.93 -27.62 -11.32
C THR C 476 17.70 -26.72 -11.50
N PHE C 477 17.55 -25.74 -10.60
CA PHE C 477 16.41 -24.86 -10.58
C PHE C 477 16.33 -23.96 -11.83
N VAL C 478 17.45 -23.32 -12.15
CA VAL C 478 17.55 -22.42 -13.30
C VAL C 478 17.41 -23.20 -14.61
N LYS C 479 18.08 -24.34 -14.70
CA LYS C 479 17.99 -25.26 -15.86
C LYS C 479 16.55 -25.70 -16.11
N HIS C 480 15.80 -25.94 -15.04
CA HIS C 480 14.42 -26.42 -15.14
C HIS C 480 13.56 -25.46 -15.92
N PHE C 481 13.58 -24.21 -15.50
CA PHE C 481 12.77 -23.17 -16.12
C PHE C 481 13.30 -22.68 -17.46
N LYS C 482 14.63 -22.63 -17.60
CA LYS C 482 15.26 -22.20 -18.83
C LYS C 482 14.80 -23.07 -20.00
N ASP C 483 14.82 -24.39 -19.80
CA ASP C 483 14.42 -25.36 -20.84
C ASP C 483 12.97 -25.18 -21.28
N GLN C 484 12.19 -24.51 -20.43
CA GLN C 484 10.80 -24.16 -20.73
C GLN C 484 10.66 -22.75 -21.32
N GLY C 485 11.79 -22.07 -21.51
CA GLY C 485 11.82 -20.70 -22.02
C GLY C 485 11.31 -19.68 -21.00
N ILE C 486 11.71 -19.87 -19.75
CA ILE C 486 11.24 -19.02 -18.65
C ILE C 486 12.43 -18.60 -17.78
N PRO C 487 12.54 -17.27 -17.50
CA PRO C 487 13.64 -16.78 -16.68
C PRO C 487 13.42 -17.13 -15.22
N ALA C 488 14.51 -17.41 -14.51
CA ALA C 488 14.45 -17.72 -13.09
C ALA C 488 15.77 -17.37 -12.42
N TRP C 489 15.69 -17.11 -11.12
CA TRP C 489 16.84 -16.62 -10.36
C TRP C 489 16.83 -17.29 -8.98
N ILE C 490 18.00 -17.64 -8.47
CA ILE C 490 18.05 -18.32 -7.16
C ILE C 490 19.30 -17.88 -6.43
N CYS C 491 19.13 -17.54 -5.15
CA CYS C 491 20.25 -17.21 -4.26
C CYS C 491 20.16 -18.00 -2.97
N ALA C 492 21.14 -17.78 -2.07
CA ALA C 492 21.26 -18.51 -0.82
C ALA C 492 22.12 -17.78 0.19
N HIS C 493 21.85 -18.04 1.46
CA HIS C 493 22.66 -17.55 2.55
C HIS C 493 22.71 -18.59 3.65
N ILE C 494 23.73 -18.49 4.47
CA ILE C 494 23.84 -19.33 5.64
C ILE C 494 23.64 -18.41 6.84
N SER C 495 22.65 -18.77 7.67
CA SER C 495 22.24 -18.00 8.87
C SER C 495 22.76 -18.56 10.21
N HIS C 496 22.99 -19.87 10.27
CA HIS C 496 23.43 -20.55 11.48
C HIS C 496 24.40 -21.67 11.15
N THR C 497 25.34 -21.92 12.06
CA THR C 497 26.28 -23.03 11.89
C THR C 497 26.24 -23.94 13.11
N TYR C 498 26.53 -25.22 12.88
CA TYR C 498 26.45 -26.26 13.90
C TYR C 498 27.73 -27.08 13.86
N THR C 499 27.87 -28.05 14.76
CA THR C 499 29.10 -28.83 14.88
C THR C 499 29.58 -29.38 13.52
N ASN C 500 28.64 -29.92 12.76
CA ASN C 500 28.98 -30.63 11.53
C ASN C 500 28.13 -30.15 10.37
N GLY C 501 27.54 -28.97 10.50
CA GLY C 501 26.68 -28.45 9.44
C GLY C 501 26.31 -26.98 9.52
N VAL C 502 25.44 -26.56 8.60
CA VAL C 502 24.95 -25.16 8.57
C VAL C 502 23.46 -25.19 8.27
N CYS C 503 22.76 -24.09 8.56
CA CYS C 503 21.41 -23.89 8.06
C CYS C 503 21.51 -23.08 6.75
N LEU C 504 21.09 -23.68 5.62
CA LEU C 504 21.17 -23.06 4.30
C LEU C 504 19.78 -22.62 3.85
N TYR C 505 19.70 -21.43 3.29
CA TYR C 505 18.42 -20.78 2.99
C TYR C 505 18.46 -20.33 1.55
N PHE C 506 17.58 -20.91 0.75
CA PHE C 506 17.46 -20.60 -0.67
C PHE C 506 16.29 -19.61 -0.89
N ILE C 507 16.55 -18.61 -1.72
CA ILE C 507 15.53 -17.68 -2.19
C ILE C 507 15.49 -17.85 -3.70
N PHE C 508 14.32 -18.24 -4.23
CA PHE C 508 14.17 -18.51 -5.68
C PHE C 508 12.97 -17.80 -6.30
N ALA C 509 13.19 -17.19 -7.46
CA ALA C 509 12.21 -16.31 -8.09
C ALA C 509 12.04 -16.59 -9.59
N SER C 510 10.83 -16.34 -10.09
CA SER C 510 10.54 -16.48 -11.51
C SER C 510 9.36 -15.60 -11.95
N LYS C 511 8.90 -15.78 -13.18
CA LYS C 511 7.71 -15.09 -13.72
C LYS C 511 6.45 -15.90 -13.40
N GLN C 512 5.34 -15.19 -13.14
CA GLN C 512 4.02 -15.83 -13.08
C GLN C 512 3.59 -16.25 -14.50
N ASN C 513 2.82 -17.34 -14.62
CA ASN C 513 2.22 -17.70 -15.93
C ASN C 513 0.97 -16.86 -16.31
N GLU C 514 0.20 -17.30 -17.30
CA GLU C 514 -0.98 -16.52 -17.74
C GLU C 514 -2.32 -17.19 -17.45
N TYR C 521 4.43 -22.64 -8.70
CA TYR C 521 4.91 -22.58 -7.32
C TYR C 521 5.05 -24.00 -6.77
N ILE C 522 3.97 -24.78 -6.93
CA ILE C 522 3.92 -26.19 -6.53
C ILE C 522 5.09 -27.04 -7.09
N GLU C 523 5.33 -26.96 -8.39
CA GLU C 523 6.40 -27.73 -9.03
C GLU C 523 7.82 -27.20 -8.77
N ALA C 524 7.95 -25.89 -8.54
CA ALA C 524 9.23 -25.29 -8.20
C ALA C 524 9.64 -25.72 -6.80
N LYS C 525 8.67 -25.70 -5.89
CA LYS C 525 8.87 -26.11 -4.50
C LYS C 525 9.18 -27.59 -4.43
N LYS C 526 8.54 -28.38 -5.29
CA LYS C 526 8.81 -29.80 -5.35
C LYS C 526 10.24 -30.06 -5.78
N LEU C 527 10.65 -29.41 -6.86
CA LEU C 527 12.02 -29.51 -7.36
C LEU C 527 13.04 -29.27 -6.23
N MET C 528 12.90 -28.17 -5.50
CA MET C 528 13.82 -27.81 -4.41
C MET C 528 13.83 -28.87 -3.29
N THR C 529 12.65 -29.38 -2.96
CA THR C 529 12.49 -30.43 -1.97
C THR C 529 13.20 -31.71 -2.33
N ASP C 530 13.03 -32.16 -3.57
CA ASP C 530 13.59 -33.43 -4.02
C ASP C 530 15.12 -33.45 -3.95
N ILE C 531 15.75 -32.34 -4.31
CA ILE C 531 17.23 -32.21 -4.29
C ILE C 531 17.79 -32.12 -2.88
N ILE C 532 17.06 -31.46 -1.99
CA ILE C 532 17.44 -31.36 -0.59
C ILE C 532 17.43 -32.75 0.08
N PHE C 533 16.35 -33.52 -0.12
CA PHE C 533 16.28 -34.92 0.33
C PHE C 533 17.43 -35.78 -0.21
N LYS C 534 17.79 -35.53 -1.47
CA LYS C 534 18.88 -36.21 -2.17
C LYS C 534 20.17 -36.05 -1.38
N TYR C 535 20.43 -34.83 -0.94
CA TYR C 535 21.66 -34.51 -0.23
C TYR C 535 21.55 -34.64 1.29
N GLY C 536 20.44 -35.23 1.77
CA GLY C 536 20.27 -35.49 3.19
C GLY C 536 20.02 -34.24 4.03
N GLY C 537 19.57 -33.16 3.40
CA GLY C 537 19.14 -31.98 4.13
C GLY C 537 17.83 -32.25 4.86
N SER C 538 17.70 -31.74 6.08
CA SER C 538 16.46 -31.85 6.86
C SER C 538 15.33 -31.17 6.10
N LEU C 539 14.13 -31.73 6.17
CA LEU C 539 12.98 -31.18 5.46
C LEU C 539 12.19 -30.31 6.43
N SER C 540 12.28 -29.00 6.21
CA SER C 540 11.94 -28.01 7.23
C SER C 540 11.42 -26.72 6.60
N ARG C 559 6.91 -42.12 15.91
CA ARG C 559 5.87 -41.12 16.22
C ARG C 559 4.63 -41.78 16.85
N GLY C 560 4.87 -42.53 17.93
CA GLY C 560 3.80 -42.99 18.84
C GLY C 560 3.44 -41.82 19.76
N TRP C 561 4.08 -40.69 19.48
CA TRP C 561 3.82 -39.45 20.19
C TRP C 561 2.46 -38.83 19.80
N ILE C 562 1.90 -39.25 18.66
CA ILE C 562 0.54 -38.81 18.24
C ILE C 562 -0.48 -39.08 19.30
N ASN C 563 -0.45 -40.28 19.86
CA ASN C 563 -1.35 -40.65 20.94
C ASN C 563 -1.11 -39.90 22.22
N VAL C 564 0.14 -39.57 22.48
CA VAL C 564 0.47 -38.76 23.64
C VAL C 564 -0.14 -37.35 23.42
N TYR C 565 0.08 -36.75 22.27
CA TYR C 565 -0.45 -35.39 22.01
C TYR C 565 -1.98 -35.37 22.01
N ARG C 566 -2.60 -36.32 21.29
CA ARG C 566 -4.06 -36.44 21.24
C ARG C 566 -4.67 -36.54 22.64
N SER C 567 -3.98 -37.27 23.52
CA SER C 567 -4.38 -37.38 24.94
C SER C 567 -4.28 -36.08 25.70
N LEU C 568 -3.13 -35.39 25.60
CA LEU C 568 -2.97 -34.04 26.15
C LEU C 568 -4.09 -33.14 25.62
N LYS C 569 -4.29 -33.15 24.31
CA LYS C 569 -5.27 -32.32 23.61
C LYS C 569 -6.69 -32.63 24.12
N GLU C 570 -7.02 -33.92 24.24
CA GLU C 570 -8.33 -34.35 24.75
C GLU C 570 -8.55 -33.95 26.20
N THR C 571 -7.49 -33.94 27.01
CA THR C 571 -7.59 -33.52 28.40
C THR C 571 -7.69 -32.01 28.57
N ILE C 572 -6.79 -31.28 27.91
CA ILE C 572 -6.74 -29.83 28.08
C ILE C 572 -7.92 -29.16 27.36
N ASP C 573 -8.31 -29.72 26.22
CA ASP C 573 -9.30 -29.11 25.28
C ASP C 573 -10.32 -30.16 24.80
N PRO C 574 -11.19 -30.61 25.71
CA PRO C 574 -12.12 -31.73 25.41
C PRO C 574 -13.06 -31.50 24.21
N LYS C 575 -13.55 -30.28 24.02
CA LYS C 575 -14.36 -29.93 22.85
C LYS C 575 -13.57 -29.58 21.57
N ASP C 576 -12.23 -29.59 21.67
CA ASP C 576 -11.39 -29.36 20.51
C ASP C 576 -11.67 -27.97 19.92
N ILE C 577 -11.79 -26.97 20.77
CA ILE C 577 -12.06 -25.60 20.28
C ILE C 577 -10.75 -24.81 19.98
N CYS C 578 -9.62 -25.30 20.48
CA CYS C 578 -8.34 -24.53 20.35
C CYS C 578 -7.64 -24.90 19.07
N ASN C 579 -7.75 -24.00 18.09
CA ASN C 579 -7.11 -24.11 16.77
C ASN C 579 -7.05 -25.57 16.19
N PRO C 580 -8.24 -26.21 15.99
CA PRO C 580 -8.29 -27.61 15.51
C PRO C 580 -7.67 -27.81 14.13
N ARG C 581 -7.05 -28.95 13.89
CA ARG C 581 -6.63 -29.20 12.51
C ARG C 581 -7.77 -29.71 11.64
N LYS C 582 -8.82 -30.22 12.29
CA LYS C 582 -10.10 -30.59 11.66
C LYS C 582 -10.65 -29.51 10.72
N GLY D 1 16.47 -67.67 25.39
CA GLY D 1 16.76 -66.96 24.11
C GLY D 1 17.99 -66.04 24.24
N ALA D 2 18.18 -65.46 25.44
CA ALA D 2 19.28 -64.56 25.73
C ALA D 2 20.63 -65.31 25.79
N MET D 3 21.73 -64.54 25.80
CA MET D 3 23.08 -65.06 26.03
C MET D 3 23.52 -64.78 27.46
N GLY D 4 24.33 -65.67 28.03
CA GLY D 4 24.82 -65.47 29.38
C GLY D 4 25.81 -64.30 29.45
N SER D 5 25.96 -63.75 30.64
CA SER D 5 27.03 -62.78 30.97
C SER D 5 28.42 -63.45 30.82
N PRO D 6 29.47 -62.67 30.47
CA PRO D 6 30.80 -63.31 30.32
C PRO D 6 31.24 -64.20 31.49
N LYS D 7 32.17 -65.12 31.21
CA LYS D 7 32.80 -65.93 32.25
C LYS D 7 33.32 -65.02 33.39
N GLU D 8 33.06 -65.42 34.64
CA GLU D 8 33.41 -64.67 35.88
C GLU D 8 32.86 -63.24 36.05
N HIS D 9 31.92 -62.82 35.20
CA HIS D 9 31.14 -61.59 35.46
C HIS D 9 30.59 -61.59 36.88
N ILE D 10 30.69 -60.44 37.54
CA ILE D 10 30.08 -60.22 38.84
C ILE D 10 29.17 -58.98 38.69
N ASP D 11 27.95 -59.06 39.19
CA ASP D 11 27.02 -57.94 39.02
C ASP D 11 27.38 -56.80 39.97
N LEU D 12 27.10 -55.57 39.56
CA LEU D 12 27.36 -54.40 40.40
C LEU D 12 26.66 -54.35 41.73
N TYR D 13 25.46 -54.91 41.83
CA TYR D 13 24.78 -54.90 43.12
C TYR D 13 25.53 -55.72 44.16
N GLN D 14 26.46 -56.57 43.69
CA GLN D 14 27.32 -57.37 44.57
C GLN D 14 28.61 -56.64 44.93
N GLN D 15 28.94 -55.61 44.15
CA GLN D 15 30.22 -54.87 44.28
C GLN D 15 30.05 -53.55 45.06
N ILE D 16 28.79 -53.16 45.30
CA ILE D 16 28.40 -51.91 46.00
C ILE D 16 27.79 -52.28 47.32
N LYS D 17 28.14 -51.57 48.40
CA LYS D 17 27.69 -51.96 49.74
C LYS D 17 26.17 -51.99 49.85
N TRP D 18 25.65 -53.05 50.48
CA TRP D 18 24.19 -53.21 50.55
C TRP D 18 23.63 -52.38 51.71
N ASN D 19 24.50 -51.95 52.62
CA ASN D 19 24.08 -51.13 53.74
C ASN D 19 24.97 -49.90 53.96
N GLY D 20 25.63 -49.47 52.87
CA GLY D 20 26.42 -48.25 52.85
C GLY D 20 26.63 -47.78 51.44
N TRP D 21 27.74 -47.06 51.23
CA TRP D 21 28.02 -46.42 49.97
C TRP D 21 29.15 -47.12 49.22
N GLY D 22 29.03 -47.21 47.89
CA GLY D 22 30.18 -47.39 47.01
C GLY D 22 30.88 -48.74 47.15
N ASP D 23 32.14 -48.79 46.74
CA ASP D 23 32.91 -50.02 46.61
C ASP D 23 32.93 -50.80 47.93
N THR D 24 32.56 -52.08 47.90
CA THR D 24 32.67 -52.90 49.14
C THR D 24 34.10 -53.01 49.72
N ARG D 25 35.10 -52.80 48.87
CA ARG D 25 36.52 -52.94 49.26
C ARG D 25 37.15 -51.63 49.74
N LYS D 26 36.35 -50.58 49.79
CA LYS D 26 36.80 -49.25 50.24
C LYS D 26 35.99 -48.78 51.44
N PHE D 27 36.69 -48.36 52.52
CA PHE D 27 36.04 -47.97 53.77
C PHE D 27 37.00 -47.34 54.77
N LEU D 28 36.45 -46.48 55.63
CA LEU D 28 37.14 -46.03 56.82
C LEU D 28 36.91 -47.00 57.96
N HIS D 29 37.92 -47.11 58.83
CA HIS D 29 37.91 -48.02 59.98
C HIS D 29 38.86 -47.55 61.08
N GLN D 30 38.61 -47.99 62.30
CA GLN D 30 39.36 -47.60 63.47
C GLN D 30 40.43 -48.68 63.70
N LEU D 31 41.68 -48.27 63.75
CA LEU D 31 42.81 -49.20 63.99
C LEU D 31 43.22 -49.25 65.44
N LYS D 32 43.48 -50.45 65.94
CA LYS D 32 44.27 -50.61 67.16
C LYS D 32 45.77 -50.53 66.82
N PRO D 33 46.61 -50.09 67.77
CA PRO D 33 46.25 -49.68 69.14
C PRO D 33 45.94 -48.18 69.32
N SER D 34 46.14 -47.38 68.28
CA SER D 34 46.09 -45.92 68.44
C SER D 34 44.67 -45.35 68.45
N GLY D 35 43.74 -46.08 67.82
CA GLY D 35 42.42 -45.53 67.57
C GLY D 35 42.44 -44.59 66.37
N THR D 36 43.57 -44.50 65.69
CA THR D 36 43.65 -43.66 64.51
C THR D 36 42.64 -44.21 63.50
N ILE D 37 42.03 -43.31 62.76
CA ILE D 37 41.10 -43.71 61.74
C ILE D 37 41.93 -43.90 60.44
N ALA D 38 41.64 -44.98 59.72
CA ALA D 38 42.37 -45.34 58.52
C ALA D 38 41.42 -45.44 57.34
N MET D 39 41.96 -45.25 56.12
CA MET D 39 41.22 -45.56 54.90
C MET D 39 41.85 -46.75 54.17
N THR D 40 41.02 -47.77 53.95
CA THR D 40 41.38 -48.91 53.13
C THR D 40 40.71 -48.73 51.76
N THR D 41 41.50 -48.89 50.69
CA THR D 41 40.97 -48.98 49.33
C THR D 41 41.46 -50.29 48.69
N PRO D 42 40.89 -50.68 47.52
CA PRO D 42 41.40 -51.86 46.82
C PRO D 42 42.90 -51.77 46.45
N GLU D 43 43.41 -50.56 46.24
CA GLU D 43 44.81 -50.41 45.87
C GLU D 43 45.81 -50.14 47.03
N VAL D 44 45.32 -49.66 48.17
CA VAL D 44 46.16 -49.40 49.35
C VAL D 44 45.43 -49.73 50.66
N SER D 45 45.98 -50.67 51.43
CA SER D 45 45.34 -51.04 52.69
C SER D 45 45.70 -50.10 53.86
N SER D 46 44.71 -49.82 54.71
CA SER D 46 44.92 -49.24 56.05
C SER D 46 45.74 -47.94 56.13
N VAL D 47 45.46 -46.95 55.27
CA VAL D 47 46.19 -45.67 55.30
C VAL D 47 45.74 -44.80 56.46
N PRO D 48 46.67 -44.50 57.41
CA PRO D 48 46.30 -43.66 58.56
C PRO D 48 45.80 -42.27 58.13
N LEU D 49 44.80 -41.76 58.86
CA LEU D 49 44.26 -40.43 58.66
C LEU D 49 44.30 -39.72 60.02
N PRO D 50 45.49 -39.28 60.44
CA PRO D 50 45.81 -38.84 61.81
C PRO D 50 45.02 -37.61 62.29
N SER D 51 44.75 -36.69 61.37
CA SER D 51 43.99 -35.48 61.67
C SER D 51 42.49 -35.74 61.86
N LEU D 52 41.98 -36.81 61.25
CA LEU D 52 40.53 -37.07 61.22
C LEU D 52 39.99 -37.40 62.61
N ARG D 53 40.68 -38.28 63.35
CA ARG D 53 40.21 -38.62 64.70
C ARG D 53 40.10 -37.37 65.57
N GLY D 54 41.08 -36.47 65.46
CA GLY D 54 41.09 -35.20 66.19
C GLY D 54 39.95 -34.26 65.85
N PHE D 55 39.69 -34.07 64.55
CA PHE D 55 38.53 -33.32 64.07
C PHE D 55 37.23 -33.82 64.71
N ILE D 56 37.05 -35.15 64.72
CA ILE D 56 35.87 -35.78 65.31
C ILE D 56 35.87 -35.62 66.84
N LYS D 57 37.02 -35.83 67.47
CA LYS D 57 37.17 -35.62 68.92
C LYS D 57 36.80 -34.21 69.36
N LYS D 58 37.32 -33.21 68.62
CA LYS D 58 37.02 -31.79 68.86
C LYS D 58 35.51 -31.56 69.01
N GLU D 59 34.73 -32.20 68.15
CA GLU D 59 33.28 -32.10 68.18
C GLU D 59 32.65 -33.05 69.21
N PHE D 70 39.95 -40.34 74.11
CA PHE D 70 38.53 -40.73 74.09
C PHE D 70 38.28 -42.04 73.33
N VAL D 71 37.03 -42.52 73.41
CA VAL D 71 36.63 -43.79 72.82
C VAL D 71 35.28 -43.60 72.11
N LEU D 72 35.21 -43.96 70.83
CA LEU D 72 33.97 -43.89 70.08
C LEU D 72 32.97 -44.94 70.59
N ASP D 73 31.71 -44.55 70.74
CA ASP D 73 30.66 -45.54 70.98
C ASP D 73 30.32 -46.17 69.64
N GLU D 74 29.82 -47.40 69.64
CA GLU D 74 29.59 -48.10 68.39
C GLU D 74 28.11 -48.46 68.21
N THR D 75 27.66 -48.41 66.98
CA THR D 75 26.28 -48.76 66.60
C THR D 75 26.36 -49.60 65.33
N PRO D 76 26.77 -50.89 65.46
CA PRO D 76 26.98 -51.80 64.34
C PRO D 76 25.66 -52.13 63.62
N ALA D 77 25.75 -52.53 62.35
CA ALA D 77 24.58 -52.82 61.51
C ALA D 77 24.18 -54.32 61.60
N LEU D 78 22.89 -54.61 61.46
CA LEU D 78 22.43 -56.00 61.39
C LEU D 78 23.10 -56.72 60.20
N GLN D 79 23.64 -57.91 60.45
CA GLN D 79 24.22 -58.73 59.39
C GLN D 79 23.11 -59.31 58.52
N ILE D 80 23.38 -59.52 57.23
CA ILE D 80 22.29 -59.83 56.29
C ILE D 80 21.55 -61.11 56.66
N GLU D 81 22.28 -62.09 57.20
CA GLU D 81 21.65 -63.34 57.60
C GLU D 81 20.69 -63.18 58.80
N ASN D 82 20.77 -62.04 59.50
CA ASN D 82 19.90 -61.77 60.65
C ASN D 82 18.79 -60.74 60.37
N ILE D 83 18.67 -60.34 59.12
CA ILE D 83 17.60 -59.43 58.69
C ILE D 83 16.37 -60.21 58.21
N HIS D 84 15.20 -59.83 58.74
CA HIS D 84 13.93 -60.35 58.28
C HIS D 84 13.44 -59.68 57.00
N VAL D 85 13.18 -60.48 55.97
CA VAL D 85 12.46 -60.02 54.78
C VAL D 85 11.31 -61.01 54.51
N ASP D 86 10.09 -60.51 54.38
CA ASP D 86 8.91 -61.37 54.04
C ASP D 86 9.19 -62.18 52.76
N PRO D 87 8.74 -63.45 52.69
CA PRO D 87 9.02 -64.16 51.43
C PRO D 87 8.44 -63.43 50.19
N PRO D 88 9.08 -63.60 49.00
CA PRO D 88 8.52 -62.94 47.83
C PRO D 88 7.17 -63.53 47.43
N LYS D 89 6.38 -62.73 46.73
CA LYS D 89 5.17 -63.23 46.07
C LYS D 89 5.61 -64.15 44.96
N GLN D 90 4.70 -65.02 44.54
CA GLN D 90 4.98 -65.93 43.46
C GLN D 90 4.02 -65.64 42.32
N TYR D 91 4.53 -65.78 41.11
CA TYR D 91 3.71 -65.58 39.93
C TYR D 91 4.20 -66.53 38.86
N PRO D 92 3.80 -67.81 39.00
CA PRO D 92 4.34 -68.93 38.24
C PRO D 92 4.19 -68.75 36.76
N GLU D 93 3.02 -68.32 36.29
CA GLU D 93 2.84 -68.24 34.87
C GLU D 93 3.65 -67.07 34.26
N PHE D 94 3.83 -65.96 34.98
CA PHE D 94 4.68 -64.85 34.49
C PHE D 94 6.14 -65.31 34.41
N VAL D 95 6.60 -66.01 35.43
CA VAL D 95 8.03 -66.39 35.53
C VAL D 95 8.36 -67.48 34.50
N ARG D 96 7.43 -68.42 34.27
CA ARG D 96 7.63 -69.40 33.19
C ARG D 96 7.74 -68.78 31.80
N GLU D 97 6.94 -67.75 31.54
CA GLU D 97 7.03 -67.04 30.27
C GLU D 97 8.38 -66.26 30.18
N LEU D 98 8.77 -65.61 31.27
CA LEU D 98 10.06 -64.90 31.34
C LEU D 98 11.24 -65.88 30.97
N LYS D 99 11.15 -67.09 31.47
CA LYS D 99 12.17 -68.14 31.27
C LYS D 99 12.29 -68.68 29.84
N ALA D 100 11.29 -68.38 29.00
CA ALA D 100 11.38 -68.73 27.59
C ALA D 100 12.26 -67.74 26.83
N PHE D 101 12.61 -66.60 27.45
CA PHE D 101 13.37 -65.51 26.81
C PHE D 101 14.56 -65.00 27.62
N PHE D 102 14.51 -65.12 28.95
CA PHE D 102 15.60 -64.74 29.82
C PHE D 102 16.24 -65.93 30.48
N LEU D 103 17.54 -65.81 30.72
CA LEU D 103 18.27 -66.90 31.40
C LEU D 103 18.14 -66.81 32.92
N PRO D 104 18.26 -67.95 33.63
CA PRO D 104 18.41 -67.88 35.08
C PRO D 104 19.54 -66.94 35.52
N ASP D 105 20.56 -66.81 34.68
CA ASP D 105 21.68 -65.91 34.96
C ASP D 105 21.21 -64.45 35.08
N GLN D 106 20.09 -64.11 34.44
CA GLN D 106 19.52 -62.74 34.48
C GLN D 106 18.42 -62.51 35.52
N LEU D 107 18.11 -63.54 36.30
CA LEU D 107 16.96 -63.52 37.21
C LEU D 107 17.44 -63.80 38.65
N LYS D 108 17.15 -62.88 39.57
CA LYS D 108 17.67 -62.98 40.94
C LYS D 108 16.52 -62.74 41.96
N ASP D 109 16.42 -63.59 42.97
CA ASP D 109 15.42 -63.39 44.03
C ASP D 109 15.87 -63.73 45.45
N ASP D 110 17.17 -63.86 45.62
CA ASP D 110 17.77 -64.13 46.92
C ASP D 110 17.68 -62.86 47.77
N LYS D 111 17.98 -62.98 49.06
CA LYS D 111 17.88 -61.84 49.99
C LYS D 111 18.77 -60.64 49.65
N LEU D 112 20.03 -60.90 49.29
CA LEU D 112 20.92 -59.79 48.92
C LEU D 112 20.33 -59.00 47.76
N ALA D 113 19.94 -59.72 46.70
CA ALA D 113 19.34 -59.08 45.52
C ALA D 113 18.10 -58.28 45.88
N ARG D 114 17.21 -58.85 46.70
CA ARG D 114 16.01 -58.12 47.09
C ARG D 114 16.29 -56.82 47.87
N ILE D 115 17.07 -56.92 48.94
CA ILE D 115 17.53 -55.73 49.72
C ILE D 115 18.25 -54.65 48.91
N THR D 116 19.18 -55.05 48.03
CA THR D 116 19.94 -54.07 47.22
C THR D 116 19.09 -53.40 46.14
N HIS D 117 17.88 -53.93 45.92
CA HIS D 117 16.95 -53.33 44.95
C HIS D 117 15.69 -52.80 45.65
N THR D 118 15.83 -52.51 46.95
CA THR D 118 14.74 -51.91 47.76
C THR D 118 15.10 -50.46 48.14
N PHE D 119 16.33 -50.27 48.59
CA PHE D 119 16.73 -49.03 49.24
C PHE D 119 17.59 -48.19 48.30
N GLY D 120 17.43 -46.87 48.39
CA GLY D 120 18.40 -45.91 47.85
C GLY D 120 19.50 -45.62 48.86
N LYS D 121 20.10 -44.44 48.72
CA LYS D 121 21.24 -44.08 49.59
C LYS D 121 21.03 -42.79 50.37
N SER D 122 19.78 -42.47 50.70
CA SER D 122 19.52 -41.41 51.65
C SER D 122 19.87 -41.85 53.08
N LEU D 123 20.00 -40.86 53.98
CA LEU D 123 20.14 -41.18 55.41
C LEU D 123 19.07 -42.13 55.93
N ARG D 124 17.79 -41.80 55.68
CA ARG D 124 16.67 -42.68 56.02
C ARG D 124 16.83 -44.10 55.48
N ASP D 125 17.32 -44.23 54.25
CA ASP D 125 17.50 -45.56 53.66
C ASP D 125 18.55 -46.33 54.44
N LEU D 126 19.65 -45.67 54.78
CA LEU D 126 20.74 -46.35 55.46
C LEU D 126 20.34 -46.73 56.89
N ILE D 127 19.61 -45.85 57.57
CA ILE D 127 19.16 -46.12 58.94
C ILE D 127 18.27 -47.35 59.00
N ARG D 128 17.34 -47.42 58.07
CA ARG D 128 16.41 -48.56 58.05
C ARG D 128 17.10 -49.90 57.72
N VAL D 129 17.95 -49.93 56.72
CA VAL D 129 18.62 -51.19 56.33
C VAL D 129 19.58 -51.68 57.46
N ARG D 130 20.21 -50.74 58.17
CA ARG D 130 21.11 -51.00 59.30
C ARG D 130 20.41 -51.65 60.51
N ILE D 131 19.12 -51.38 60.69
CA ILE D 131 18.32 -52.04 61.75
C ILE D 131 17.46 -53.19 61.23
N GLY D 132 17.51 -53.45 59.92
CA GLY D 132 16.83 -54.60 59.33
C GLY D 132 15.36 -54.38 59.09
N GLN D 133 14.97 -53.11 58.90
CA GLN D 133 13.58 -52.75 58.60
C GLN D 133 13.35 -52.74 57.07
N VAL D 134 12.85 -53.87 56.56
CA VAL D 134 12.72 -54.04 55.11
C VAL D 134 11.27 -54.36 54.77
N LYS D 135 10.45 -53.31 54.62
CA LYS D 135 9.00 -53.48 54.53
C LYS D 135 8.48 -53.85 53.14
N ASN D 136 8.99 -53.20 52.11
CA ASN D 136 8.50 -53.49 50.76
C ASN D 136 9.59 -53.84 49.77
N ALA D 137 9.96 -55.11 49.66
CA ALA D 137 10.99 -55.46 48.69
C ALA D 137 10.38 -55.89 47.35
N PRO D 138 11.14 -55.73 46.24
CA PRO D 138 10.62 -56.32 44.98
C PRO D 138 10.65 -57.86 45.12
N ASP D 139 9.87 -58.56 44.31
CA ASP D 139 9.81 -60.02 44.36
C ASP D 139 10.86 -60.68 43.48
N LEU D 140 11.38 -59.91 42.52
CA LEU D 140 12.25 -60.46 41.48
C LEU D 140 13.09 -59.36 40.86
N ILE D 141 14.35 -59.68 40.57
CA ILE D 141 15.23 -58.72 39.89
C ILE D 141 15.53 -59.34 38.53
N VAL D 142 15.33 -58.55 37.47
CA VAL D 142 15.75 -58.93 36.11
C VAL D 142 16.84 -57.97 35.60
N LEU D 143 17.86 -58.53 34.94
CA LEU D 143 18.96 -57.73 34.36
C LEU D 143 19.04 -58.00 32.84
N PRO D 144 18.30 -57.19 32.03
CA PRO D 144 18.23 -57.27 30.58
C PRO D 144 19.59 -56.91 29.96
N HIS D 145 19.87 -57.47 28.79
CA HIS D 145 21.14 -57.31 28.12
C HIS D 145 21.08 -56.36 26.93
N SER D 146 19.87 -55.94 26.54
CA SER D 146 19.70 -55.10 25.37
C SER D 146 18.34 -54.43 25.30
N HIS D 147 18.27 -53.39 24.48
CA HIS D 147 17.01 -52.71 24.20
C HIS D 147 15.90 -53.72 23.90
N GLU D 148 16.17 -54.71 23.04
CA GLU D 148 15.16 -55.65 22.60
C GLU D 148 14.62 -56.51 23.76
N GLU D 149 15.52 -56.87 24.69
CA GLU D 149 15.10 -57.61 25.88
C GLU D 149 14.24 -56.77 26.81
N VAL D 150 14.57 -55.47 26.91
CA VAL D 150 13.71 -54.54 27.67
C VAL D 150 12.31 -54.48 27.04
N GLU D 151 12.23 -54.39 25.70
CA GLU D 151 10.91 -54.41 25.01
C GLU D 151 10.13 -55.67 25.35
N ARG D 152 10.81 -56.82 25.32
CA ARG D 152 10.19 -58.09 25.70
C ARG D 152 9.66 -58.07 27.14
N LEU D 153 10.51 -57.62 28.08
CA LEU D 153 10.16 -57.58 29.50
C LEU D 153 8.97 -56.65 29.78
N VAL D 154 9.02 -55.42 29.25
CA VAL D 154 7.89 -54.47 29.46
C VAL D 154 6.57 -54.97 28.84
N GLN D 155 6.61 -55.55 27.64
CA GLN D 155 5.44 -56.17 27.04
C GLN D 155 4.86 -57.25 27.96
N LEU D 156 5.72 -58.12 28.48
CA LEU D 156 5.24 -59.20 29.34
C LEU D 156 4.65 -58.70 30.68
N ALA D 157 5.30 -57.72 31.29
CA ALA D 157 4.81 -57.10 32.51
C ALA D 157 3.46 -56.42 32.31
N HIS D 158 3.26 -55.79 31.15
CA HIS D 158 1.98 -55.16 30.85
C HIS D 158 0.92 -56.27 30.67
N LYS D 159 1.26 -57.28 29.88
CA LYS D 159 0.30 -58.40 29.64
C LYS D 159 -0.09 -59.07 30.95
N TYR D 160 0.88 -59.28 31.84
CA TYR D 160 0.63 -60.01 33.09
C TYR D 160 0.26 -59.12 34.28
N ASN D 161 0.29 -57.79 34.10
CA ASN D 161 -0.02 -56.82 35.16
C ASN D 161 0.99 -56.87 36.33
N VAL D 162 2.27 -56.73 35.97
CA VAL D 162 3.35 -56.82 36.91
C VAL D 162 3.99 -55.42 37.01
N VAL D 163 4.13 -54.93 38.23
CA VAL D 163 4.84 -53.64 38.52
C VAL D 163 6.31 -53.75 38.18
N ILE D 164 6.81 -52.72 37.48
CA ILE D 164 8.20 -52.68 37.09
C ILE D 164 8.83 -51.38 37.56
N ILE D 165 10.00 -51.51 38.18
CA ILE D 165 10.76 -50.31 38.66
C ILE D 165 12.20 -50.38 38.12
N PRO D 166 12.55 -49.47 37.21
CA PRO D 166 13.95 -49.48 36.74
C PRO D 166 14.92 -48.95 37.80
N MET D 167 16.14 -49.49 37.78
CA MET D 167 17.20 -49.20 38.76
C MET D 167 18.49 -48.96 37.95
N GLY D 168 19.20 -47.88 38.28
CA GLY D 168 20.57 -47.69 37.81
C GLY D 168 21.48 -47.94 38.99
N GLY D 169 22.10 -46.87 39.53
CA GLY D 169 23.01 -47.05 40.67
C GLY D 169 22.30 -47.17 42.01
N GLY D 170 20.99 -46.85 42.06
CA GLY D 170 20.24 -46.88 43.33
C GLY D 170 20.73 -45.78 44.29
N SER D 171 21.36 -44.74 43.75
CA SER D 171 21.95 -43.65 44.57
C SER D 171 20.98 -42.49 44.93
N ASN D 172 19.78 -42.46 44.34
CA ASN D 172 18.80 -41.44 44.69
C ASN D 172 18.48 -41.38 46.19
N ILE D 173 18.15 -40.18 46.64
CA ILE D 173 17.90 -39.95 48.05
C ILE D 173 16.40 -39.63 48.35
N VAL D 174 15.53 -39.97 47.42
CA VAL D 174 14.13 -39.56 47.50
C VAL D 174 13.15 -40.74 47.59
N GLY D 175 13.69 -41.95 47.77
CA GLY D 175 12.88 -43.16 47.84
C GLY D 175 12.34 -43.58 46.47
N ALA D 176 13.01 -43.13 45.39
CA ALA D 176 12.45 -43.25 44.02
C ALA D 176 12.39 -44.67 43.45
N ILE D 177 13.17 -45.59 44.03
CA ILE D 177 13.11 -47.00 43.60
C ILE D 177 12.40 -47.92 44.62
N GLU D 178 11.96 -47.38 45.76
CA GLU D 178 11.41 -48.23 46.80
C GLU D 178 9.94 -48.52 46.49
N PRO D 179 9.58 -49.81 46.33
CA PRO D 179 8.18 -50.11 46.04
C PRO D 179 7.29 -49.47 47.11
N VAL D 180 6.12 -49.01 46.68
CA VAL D 180 5.22 -48.21 47.53
C VAL D 180 4.13 -49.11 48.10
N SER D 181 3.88 -50.23 47.45
CA SER D 181 2.99 -51.25 48.02
C SER D 181 3.40 -52.67 47.66
N ASN D 182 2.68 -53.62 48.22
CA ASN D 182 2.87 -55.04 47.92
C ASN D 182 1.66 -55.71 47.25
N GLU D 183 0.80 -54.94 46.59
CA GLU D 183 -0.45 -55.50 46.01
C GLU D 183 -0.20 -56.41 44.83
N ARG D 184 0.81 -56.10 44.03
CA ARG D 184 1.07 -56.86 42.81
C ARG D 184 2.50 -57.44 42.80
N PHE D 185 2.73 -58.48 42.00
CA PHE D 185 4.09 -58.98 41.81
C PHE D 185 4.93 -57.81 41.28
N THR D 186 6.10 -57.56 41.88
CA THR D 186 6.95 -56.43 41.44
C THR D 186 8.39 -56.81 41.13
N VAL D 187 8.80 -56.32 39.97
CA VAL D 187 10.11 -56.58 39.38
C VAL D 187 10.95 -55.31 39.42
N SER D 188 12.15 -55.43 39.96
CA SER D 188 13.15 -54.39 39.80
C SER D 188 13.91 -54.73 38.52
N ILE D 189 13.87 -53.80 37.55
CA ILE D 189 14.70 -53.95 36.36
C ILE D 189 16.06 -53.23 36.54
N ASP D 190 17.08 -54.00 36.92
CA ASP D 190 18.45 -53.44 37.14
C ASP D 190 19.10 -53.29 35.77
N MET D 191 19.32 -52.04 35.36
CA MET D 191 19.85 -51.71 34.01
C MET D 191 21.37 -51.91 33.77
N ARG D 192 22.11 -52.30 34.80
CA ARG D 192 23.55 -52.09 34.76
C ARG D 192 24.34 -53.08 33.92
N ARG D 193 23.68 -54.13 33.39
CA ARG D 193 24.36 -54.97 32.39
C ARG D 193 24.32 -54.31 30.98
N MET D 194 23.52 -53.25 30.81
CA MET D 194 23.44 -52.53 29.52
C MET D 194 24.35 -51.34 29.69
N ASN D 195 25.65 -51.58 29.54
CA ASN D 195 26.65 -50.60 29.89
C ASN D 195 27.68 -50.32 28.81
N LYS D 196 27.27 -50.46 27.56
CA LYS D 196 28.18 -50.26 26.43
C LYS D 196 27.94 -48.92 25.71
N VAL D 197 29.03 -48.23 25.37
CA VAL D 197 28.95 -47.15 24.36
C VAL D 197 28.75 -47.83 22.98
N LEU D 198 27.63 -47.55 22.32
CA LEU D 198 27.27 -48.21 21.06
C LEU D 198 27.99 -47.63 19.84
N TRP D 199 28.07 -46.30 19.78
CA TRP D 199 28.94 -45.60 18.81
C TRP D 199 29.30 -44.18 19.24
N VAL D 200 30.38 -43.64 18.66
CA VAL D 200 30.73 -42.24 18.81
C VAL D 200 30.85 -41.63 17.43
N ASP D 201 30.20 -40.49 17.22
CA ASP D 201 30.34 -39.77 15.97
C ASP D 201 31.17 -38.50 16.22
N ARG D 202 32.45 -38.54 15.85
CA ARG D 202 33.32 -37.42 16.13
C ARG D 202 33.01 -36.22 15.25
N ARG D 203 32.34 -36.43 14.12
CA ARG D 203 31.99 -35.27 13.27
C ARG D 203 30.84 -34.48 13.88
N GLU D 204 29.82 -35.21 14.35
CA GLU D 204 28.62 -34.61 14.97
C GLU D 204 28.85 -34.28 16.43
N MET D 205 29.88 -34.90 17.02
CA MET D 205 30.16 -34.80 18.46
C MET D 205 28.98 -35.30 19.24
N THR D 206 28.58 -36.53 18.92
CA THR D 206 27.52 -37.21 19.65
C THR D 206 27.95 -38.64 19.91
N ALA D 207 27.29 -39.30 20.87
CA ALA D 207 27.60 -40.71 21.11
C ALA D 207 26.34 -41.42 21.57
N CYS D 208 26.16 -42.66 21.12
CA CYS D 208 24.99 -43.44 21.52
C CYS D 208 25.42 -44.42 22.61
N ILE D 209 24.74 -44.37 23.75
CA ILE D 209 25.19 -45.04 24.95
C ILE D 209 24.05 -45.82 25.61
N GLN D 210 24.28 -47.09 25.98
CA GLN D 210 23.31 -47.80 26.83
C GLN D 210 23.31 -47.19 28.21
N VAL D 211 22.12 -46.91 28.74
CA VAL D 211 22.00 -45.99 29.87
C VAL D 211 22.23 -46.62 31.26
N GLY D 212 22.47 -47.92 31.31
CA GLY D 212 22.83 -48.58 32.58
C GLY D 212 24.28 -48.40 32.94
N ILE D 213 25.02 -47.77 32.03
CA ILE D 213 26.47 -47.54 32.24
C ILE D 213 26.75 -46.60 33.44
N MET D 214 27.75 -46.95 34.26
CA MET D 214 28.19 -46.10 35.40
C MET D 214 29.05 -44.92 34.96
N GLY D 215 29.01 -43.83 35.74
CA GLY D 215 29.75 -42.61 35.39
C GLY D 215 31.21 -42.88 35.03
N PRO D 216 31.99 -43.48 35.94
CA PRO D 216 33.41 -43.63 35.55
C PRO D 216 33.67 -44.54 34.33
N GLU D 217 32.86 -45.59 34.12
CA GLU D 217 32.94 -46.44 32.91
C GLU D 217 32.62 -45.61 31.66
N LEU D 218 31.59 -44.77 31.75
CA LEU D 218 31.21 -43.93 30.64
C LEU D 218 32.36 -43.01 30.25
N GLU D 219 32.98 -42.35 31.21
CA GLU D 219 34.09 -41.42 30.86
C GLU D 219 35.31 -42.18 30.33
N LYS D 220 35.62 -43.32 30.94
CA LYS D 220 36.67 -44.21 30.45
C LYS D 220 36.48 -44.62 28.98
N GLN D 221 35.27 -45.07 28.63
CA GLN D 221 35.02 -45.55 27.26
C GLN D 221 34.97 -44.42 26.25
N LEU D 222 34.39 -43.29 26.63
CA LEU D 222 34.42 -42.11 25.77
C LEU D 222 35.85 -41.58 25.57
N HIS D 223 36.66 -41.58 26.60
CA HIS D 223 38.06 -41.11 26.50
C HIS D 223 38.91 -41.90 25.44
N LYS D 224 38.67 -43.20 25.36
CA LYS D 224 39.30 -44.05 24.35
C LYS D 224 39.06 -43.54 22.93
N GLN D 225 37.95 -42.85 22.74
CA GLN D 225 37.57 -42.29 21.43
C GLN D 225 37.75 -40.76 21.33
N GLY D 226 38.59 -40.20 22.20
CA GLY D 226 38.93 -38.77 22.18
C GLY D 226 37.86 -37.78 22.64
N VAL D 227 36.84 -38.26 23.36
CA VAL D 227 35.72 -37.39 23.78
C VAL D 227 35.32 -37.57 25.25
N SER D 228 34.43 -36.70 25.73
CA SER D 228 33.95 -36.72 27.12
C SER D 228 32.50 -36.18 27.19
N LEU D 229 31.73 -36.56 28.21
CA LEU D 229 30.36 -36.05 28.41
C LEU D 229 30.36 -34.83 29.35
N GLY D 230 30.95 -34.99 30.52
CA GLY D 230 31.17 -33.85 31.41
C GLY D 230 30.12 -33.66 32.50
N HIS D 231 29.13 -34.55 32.56
CA HIS D 231 28.13 -34.49 33.65
C HIS D 231 28.70 -35.07 34.93
N ASP D 232 28.74 -34.25 35.99
CA ASP D 232 29.52 -34.60 37.17
C ASP D 232 28.80 -34.34 38.50
N PRO D 233 27.70 -35.09 38.78
CA PRO D 233 27.10 -34.96 40.11
C PRO D 233 28.07 -35.50 41.17
N ASP D 234 27.82 -35.17 42.43
CA ASP D 234 28.70 -35.62 43.50
C ASP D 234 28.65 -37.15 43.67
N SER D 235 27.58 -37.76 43.16
CA SER D 235 27.42 -39.22 43.13
C SER D 235 27.88 -39.90 41.83
N PHE D 236 28.62 -39.16 41.01
CA PHE D 236 29.22 -39.61 39.74
C PHE D 236 29.74 -41.05 39.73
N GLU D 237 30.53 -41.43 40.75
CA GLU D 237 31.14 -42.74 40.81
C GLU D 237 30.14 -43.92 40.84
N PHE D 238 28.94 -43.70 41.41
CA PHE D 238 28.00 -44.78 41.66
C PHE D 238 26.57 -44.51 41.20
N SER D 239 26.47 -43.76 40.12
CA SER D 239 25.21 -43.49 39.48
C SER D 239 25.36 -43.75 37.98
N THR D 240 24.23 -43.82 37.27
CA THR D 240 24.22 -44.26 35.86
C THR D 240 23.67 -43.14 34.97
N LEU D 241 23.96 -43.18 33.66
CA LEU D 241 23.42 -42.22 32.70
C LEU D 241 21.90 -42.25 32.71
N GLY D 242 21.32 -43.45 32.78
CA GLY D 242 19.84 -43.57 32.86
C GLY D 242 19.26 -42.84 34.05
N GLY D 243 19.90 -43.01 35.20
CA GLY D 243 19.46 -42.34 36.42
C GLY D 243 19.55 -40.84 36.26
N TRP D 244 20.62 -40.37 35.62
CA TRP D 244 20.78 -38.90 35.47
C TRP D 244 19.65 -38.33 34.61
N LEU D 245 19.32 -39.04 33.52
CA LEU D 245 18.21 -38.63 32.60
C LEU D 245 16.86 -38.70 33.29
N ALA D 246 16.64 -39.79 34.00
CA ALA D 246 15.31 -39.98 34.68
C ALA D 246 15.07 -39.02 35.89
N THR D 247 16.15 -38.42 36.42
CA THR D 247 16.05 -37.50 37.56
C THR D 247 16.43 -36.03 37.23
N CYS D 248 16.85 -35.78 36.00
CA CYS D 248 17.46 -34.50 35.64
C CYS D 248 18.48 -34.03 36.65
N SER D 249 19.44 -34.88 37.00
CA SER D 249 20.39 -34.57 38.04
C SER D 249 21.27 -33.36 37.67
N SER D 250 21.75 -32.67 38.71
CA SER D 250 22.65 -31.54 38.55
C SER D 250 24.08 -32.03 38.41
N GLY D 251 24.91 -31.23 37.73
CA GLY D 251 26.24 -31.64 37.31
C GLY D 251 27.10 -30.40 37.52
N HIS D 252 28.31 -30.62 37.99
CA HIS D 252 29.08 -29.48 38.50
C HIS D 252 29.97 -28.74 37.51
N GLN D 253 29.92 -29.16 36.25
CA GLN D 253 30.59 -28.44 35.16
C GLN D 253 29.52 -27.98 34.18
N SER D 254 28.31 -27.76 34.69
CA SER D 254 27.15 -27.42 33.85
C SER D 254 27.31 -26.08 33.11
N ASP D 255 28.08 -25.17 33.70
CA ASP D 255 28.36 -23.85 33.14
C ASP D 255 29.03 -23.96 31.74
N LYS D 256 29.96 -24.91 31.60
CA LYS D 256 30.64 -25.14 30.31
C LYS D 256 29.84 -26.07 29.37
N TYR D 257 29.40 -27.21 29.90
CA TYR D 257 28.89 -28.34 29.09
C TYR D 257 27.37 -28.46 29.04
N GLY D 258 26.69 -27.69 29.88
CA GLY D 258 25.20 -27.69 29.86
C GLY D 258 24.60 -28.61 30.91
N ASP D 259 23.30 -28.43 31.17
CA ASP D 259 22.55 -29.31 32.03
C ASP D 259 22.36 -30.65 31.31
N ILE D 260 22.00 -31.69 32.03
CA ILE D 260 21.86 -33.01 31.40
C ILE D 260 20.78 -32.99 30.27
N GLU D 261 19.72 -32.21 30.47
CA GLU D 261 18.64 -32.09 29.48
C GLU D 261 19.15 -31.46 28.17
N ASP D 262 20.15 -30.59 28.26
CA ASP D 262 20.73 -30.01 27.05
C ASP D 262 21.75 -30.98 26.42
N MET D 263 22.36 -31.84 27.22
CA MET D 263 23.30 -32.84 26.66
C MET D 263 22.54 -33.96 25.95
N ALA D 264 21.28 -34.15 26.33
CA ALA D 264 20.51 -35.26 25.78
C ALA D 264 19.89 -34.87 24.44
N VAL D 265 20.40 -35.46 23.37
CA VAL D 265 19.95 -35.15 22.02
C VAL D 265 18.64 -35.92 21.68
N SER D 266 18.64 -37.21 21.98
CA SER D 266 17.47 -38.05 21.80
C SER D 266 17.71 -39.32 22.62
N PHE D 267 16.65 -40.12 22.82
CA PHE D 267 16.78 -41.40 23.50
C PHE D 267 15.54 -42.23 23.21
N ARG D 268 15.66 -43.54 23.45
CA ARG D 268 14.56 -44.51 23.24
C ARG D 268 13.95 -44.86 24.59
N THR D 269 12.63 -44.88 24.67
CA THR D 269 11.94 -45.14 25.91
C THR D 269 10.98 -46.29 25.65
N VAL D 270 11.12 -47.39 26.41
CA VAL D 270 10.23 -48.53 26.26
C VAL D 270 9.06 -48.37 27.23
N THR D 271 7.84 -48.35 26.72
CA THR D 271 6.68 -48.14 27.57
C THR D 271 5.67 -49.28 27.40
N PRO D 272 4.69 -49.39 28.33
CA PRO D 272 3.67 -50.44 28.22
C PRO D 272 2.79 -50.37 26.96
N THR D 273 2.85 -49.25 26.23
CA THR D 273 2.04 -49.12 25.01
C THR D 273 2.91 -48.92 23.77
N GLY D 274 4.21 -49.24 23.88
CA GLY D 274 5.11 -49.28 22.73
C GLY D 274 6.39 -48.51 22.97
N THR D 275 7.32 -48.57 22.02
CA THR D 275 8.60 -47.87 22.23
C THR D 275 8.46 -46.46 21.63
N LEU D 276 8.84 -45.45 22.39
CA LEU D 276 8.82 -44.07 21.92
C LEU D 276 10.23 -43.70 21.48
N GLU D 277 10.37 -43.34 20.21
CA GLU D 277 11.66 -42.94 19.59
C GLU D 277 11.68 -41.44 19.44
N LEU D 278 12.86 -40.82 19.61
CA LEU D 278 13.01 -39.37 19.44
C LEU D 278 13.96 -39.06 18.28
N ARG D 279 13.63 -37.99 17.54
CA ARG D 279 14.17 -37.76 16.20
C ARG D 279 15.61 -37.25 16.19
N ALA D 286 6.87 -26.58 13.94
CA ALA D 286 7.88 -27.57 14.37
C ALA D 286 7.37 -28.46 15.51
N GLY D 287 6.43 -27.96 16.30
CA GLY D 287 5.71 -28.77 17.30
C GLY D 287 6.36 -28.86 18.67
N ILE D 288 5.80 -29.74 19.51
CA ILE D 288 6.26 -29.92 20.87
C ILE D 288 7.52 -30.78 20.97
N ASN D 289 8.46 -30.33 21.80
CA ASN D 289 9.71 -31.06 22.05
C ASN D 289 9.50 -32.17 23.08
N TYR D 290 9.15 -33.36 22.60
CA TYR D 290 8.71 -34.49 23.44
C TYR D 290 9.72 -35.05 24.44
N LYS D 291 11.02 -34.84 24.25
CA LYS D 291 12.00 -35.40 25.18
C LYS D 291 11.78 -34.92 26.61
N HIS D 292 11.24 -33.70 26.77
CA HIS D 292 10.98 -33.19 28.10
C HIS D 292 9.85 -33.91 28.85
N ILE D 293 9.08 -34.74 28.14
CA ILE D 293 8.07 -35.59 28.80
C ILE D 293 8.73 -36.69 29.63
N ILE D 294 9.80 -37.28 29.12
CA ILE D 294 10.44 -38.41 29.81
C ILE D 294 11.58 -38.00 30.76
N LEU D 295 12.33 -36.96 30.40
CA LEU D 295 13.41 -36.49 31.29
C LEU D 295 12.80 -36.10 32.62
N GLY D 296 13.41 -36.50 33.71
CA GLY D 296 12.85 -36.24 35.03
C GLY D 296 11.68 -37.11 35.51
N SER D 297 11.26 -38.07 34.68
CA SER D 297 10.07 -38.88 34.94
C SER D 297 10.25 -40.01 36.00
N GLU D 298 11.48 -40.23 36.49
CA GLU D 298 11.69 -41.17 37.61
C GLU D 298 11.02 -42.57 37.45
N GLY D 299 11.12 -43.16 36.28
CA GLY D 299 10.65 -44.52 36.03
C GLY D 299 9.12 -44.64 35.82
N THR D 300 8.37 -43.57 36.00
CA THR D 300 6.89 -43.59 35.96
C THR D 300 6.27 -43.58 34.56
N LEU D 301 7.07 -43.32 33.53
CA LEU D 301 6.57 -43.25 32.16
C LEU D 301 7.31 -44.19 31.20
N GLY D 302 7.99 -45.22 31.74
CA GLY D 302 8.71 -46.21 30.91
C GLY D 302 10.21 -46.20 31.14
N ILE D 303 10.90 -47.09 30.41
CA ILE D 303 12.31 -47.37 30.64
C ILE D 303 13.17 -46.81 29.49
N ILE D 304 14.06 -45.88 29.83
CA ILE D 304 15.05 -45.38 28.88
C ILE D 304 16.10 -46.46 28.64
N THR D 305 16.46 -46.75 27.41
CA THR D 305 17.39 -47.82 27.17
C THR D 305 18.72 -47.34 26.59
N GLU D 306 18.62 -46.56 25.51
CA GLU D 306 19.81 -46.03 24.81
C GLU D 306 19.62 -44.52 24.62
N ALA D 307 20.68 -43.73 24.82
CA ALA D 307 20.57 -42.32 24.58
C ALA D 307 21.67 -41.80 23.65
N VAL D 308 21.27 -40.88 22.78
CA VAL D 308 22.22 -40.10 21.99
C VAL D 308 22.55 -38.82 22.79
N MET D 309 23.81 -38.71 23.23
CA MET D 309 24.29 -37.60 24.07
C MET D 309 25.27 -36.72 23.32
N LYS D 310 25.16 -35.41 23.52
CA LYS D 310 26.16 -34.46 23.04
C LYS D 310 27.48 -34.66 23.83
N VAL D 311 28.58 -34.87 23.11
CA VAL D 311 29.91 -34.98 23.72
C VAL D 311 30.85 -33.87 23.22
N HIS D 312 32.02 -33.77 23.82
CA HIS D 312 33.04 -32.78 23.41
C HIS D 312 34.43 -33.42 23.39
N ALA D 313 35.31 -32.86 22.56
CA ALA D 313 36.69 -33.31 22.54
C ALA D 313 37.33 -33.16 23.93
N VAL D 314 38.15 -34.13 24.33
CA VAL D 314 38.99 -34.01 25.52
C VAL D 314 39.74 -32.66 25.37
N PRO D 315 39.67 -31.77 26.37
CA PRO D 315 40.25 -30.44 26.15
C PRO D 315 41.77 -30.43 26.03
N GLN D 316 42.26 -29.39 25.34
CA GLN D 316 43.70 -29.18 25.15
C GLN D 316 44.39 -28.76 26.45
N ALA D 317 43.67 -28.01 27.29
CA ALA D 317 44.18 -27.54 28.59
C ALA D 317 43.18 -27.81 29.73
N VAL D 318 43.71 -28.31 30.85
CA VAL D 318 42.96 -28.53 32.08
C VAL D 318 43.77 -27.99 33.26
N GLU D 319 43.19 -27.01 33.96
CA GLU D 319 43.90 -26.32 35.03
C GLU D 319 42.98 -26.09 36.23
N TYR D 320 43.39 -26.62 37.39
CA TYR D 320 42.59 -26.49 38.61
C TYR D 320 43.43 -25.85 39.70
N TYR D 321 42.85 -24.89 40.41
CA TYR D 321 43.58 -24.10 41.40
C TYR D 321 42.82 -24.02 42.73
N GLY D 322 43.57 -23.80 43.80
CA GLY D 322 43.01 -23.54 45.11
C GLY D 322 43.28 -22.12 45.56
N PHE D 323 42.31 -21.54 46.25
CA PHE D 323 42.47 -20.22 46.88
C PHE D 323 41.90 -20.19 48.30
N LEU D 324 42.47 -19.34 49.15
CA LEU D 324 41.90 -19.05 50.47
C LEU D 324 41.33 -17.63 50.52
N PHE D 325 40.23 -17.45 51.24
CA PHE D 325 39.64 -16.12 51.47
C PHE D 325 39.57 -15.87 52.98
N PRO D 326 39.75 -14.61 53.42
CA PRO D 326 39.70 -14.27 54.84
C PRO D 326 38.34 -14.55 55.50
N THR D 327 37.27 -14.35 54.75
CA THR D 327 35.91 -14.57 55.23
C THR D 327 35.05 -15.13 54.10
N PHE D 328 33.88 -15.63 54.46
CA PHE D 328 32.87 -16.17 53.54
C PHE D 328 32.37 -15.05 52.66
N ALA D 329 32.19 -13.87 53.25
CA ALA D 329 31.73 -12.70 52.54
C ALA D 329 32.67 -12.31 51.39
N HIS D 330 33.99 -12.43 51.62
CA HIS D 330 34.99 -12.19 50.56
C HIS D 330 34.83 -13.21 49.43
N ALA D 331 34.78 -14.48 49.79
CA ALA D 331 34.52 -15.55 48.82
C ALA D 331 33.26 -15.26 47.99
N VAL D 332 32.16 -14.96 48.67
CA VAL D 332 30.89 -14.69 47.98
C VAL D 332 30.98 -13.46 47.06
N SER D 333 31.67 -12.41 47.50
CA SER D 333 31.88 -11.25 46.64
C SER D 333 32.57 -11.64 45.33
N ALA D 334 33.60 -12.47 45.44
CA ALA D 334 34.31 -13.00 44.29
C ALA D 334 33.36 -13.71 43.34
N LEU D 335 32.54 -14.60 43.88
CA LEU D 335 31.49 -15.29 43.12
C LEU D 335 30.63 -14.36 42.29
N GLN D 336 30.13 -13.31 42.94
CA GLN D 336 29.27 -12.31 42.31
C GLN D 336 29.95 -11.62 41.14
N GLN D 337 31.17 -11.15 41.38
CA GLN D 337 31.89 -10.38 40.38
C GLN D 337 32.30 -11.21 39.17
N ILE D 338 32.68 -12.47 39.42
CA ILE D 338 33.00 -13.42 38.36
C ILE D 338 31.81 -13.53 37.41
N ARG D 339 30.62 -13.81 37.92
CA ARG D 339 29.43 -13.97 37.05
C ARG D 339 29.09 -12.70 36.24
N SER D 340 29.16 -11.55 36.91
CA SER D 340 28.96 -10.23 36.28
C SER D 340 29.90 -9.99 35.10
N SER D 341 31.15 -10.45 35.23
CA SER D 341 32.16 -10.26 34.19
C SER D 341 31.85 -11.09 32.93
N GLU D 342 30.97 -12.07 33.09
CA GLU D 342 30.53 -12.96 32.00
C GLU D 342 31.62 -13.92 31.47
N VAL D 343 32.72 -14.00 32.22
CA VAL D 343 33.84 -14.86 31.89
C VAL D 343 34.05 -15.83 33.06
N ILE D 344 33.51 -17.02 32.94
CA ILE D 344 33.30 -17.85 34.10
C ILE D 344 34.06 -19.16 33.99
N PRO D 345 34.52 -19.72 35.13
CA PRO D 345 35.26 -20.98 35.07
C PRO D 345 34.35 -22.15 34.77
N THR D 346 34.97 -23.27 34.38
CA THR D 346 34.27 -24.52 34.11
C THR D 346 33.68 -25.10 35.41
N MET D 347 34.45 -25.02 36.49
CA MET D 347 34.02 -25.47 37.81
C MET D 347 34.43 -24.46 38.85
N ILE D 348 33.57 -24.28 39.84
CA ILE D 348 33.93 -23.55 41.07
C ILE D 348 33.20 -24.17 42.25
N ARG D 349 33.91 -24.30 43.36
CA ARG D 349 33.27 -24.62 44.64
C ARG D 349 33.85 -23.69 45.70
N VAL D 350 32.97 -23.22 46.58
CA VAL D 350 33.36 -22.40 47.71
C VAL D 350 32.92 -23.12 48.98
N TYR D 351 33.88 -23.42 49.85
CA TYR D 351 33.63 -24.09 51.11
C TYR D 351 33.56 -23.10 52.27
N ASP D 352 32.61 -23.27 53.18
CA ASP D 352 32.62 -22.41 54.39
C ASP D 352 33.71 -22.86 55.38
N PRO D 353 33.93 -22.11 56.48
CA PRO D 353 35.10 -22.46 57.31
C PRO D 353 35.07 -23.87 57.90
N GLU D 354 33.88 -24.35 58.32
CA GLU D 354 33.74 -25.70 58.85
C GLU D 354 34.04 -26.76 57.79
N GLU D 355 33.55 -26.59 56.56
CA GLU D 355 33.89 -27.56 55.50
C GLU D 355 35.35 -27.43 55.06
N THR D 356 35.89 -26.21 55.12
CA THR D 356 37.32 -25.97 54.87
C THR D 356 38.16 -26.71 55.90
N GLN D 357 37.80 -26.58 57.18
CA GLN D 357 38.47 -27.28 58.26
C GLN D 357 38.38 -28.81 58.08
N LEU D 358 37.22 -29.31 57.65
CA LEU D 358 37.08 -30.74 57.33
C LEU D 358 37.98 -31.15 56.16
N SER D 359 37.92 -30.40 55.07
CA SER D 359 38.78 -30.61 53.88
C SER D 359 40.28 -30.76 54.21
N PHE D 360 40.78 -30.00 55.18
CA PHE D 360 42.20 -30.10 55.55
C PHE D 360 42.50 -31.22 56.53
N ALA D 361 41.57 -31.50 57.44
CA ALA D 361 41.68 -32.62 58.38
C ALA D 361 41.50 -33.98 57.68
N TRP D 362 41.08 -33.92 56.42
CA TRP D 362 40.85 -35.09 55.59
C TRP D 362 42.15 -35.40 54.81
N LYS D 363 43.27 -35.43 55.54
CA LYS D 363 44.58 -35.66 54.93
C LYS D 363 45.14 -37.03 55.33
N PRO D 364 45.51 -37.86 54.32
CA PRO D 364 46.00 -39.22 54.51
C PRO D 364 47.47 -39.35 54.90
N SER D 365 48.03 -40.53 54.64
CA SER D 365 49.45 -40.82 54.88
C SER D 365 50.02 -41.57 53.70
N SER D 370 50.35 -35.73 46.12
CA SER D 370 51.26 -36.15 47.19
C SER D 370 52.18 -35.02 47.66
N GLU D 371 53.09 -34.59 46.78
CA GLU D 371 54.00 -33.47 47.05
C GLU D 371 53.23 -32.14 47.02
N PHE D 372 52.15 -32.11 46.24
CA PHE D 372 51.29 -30.94 46.08
C PHE D 372 50.37 -30.72 47.29
N THR D 373 49.68 -31.77 47.72
CA THR D 373 48.76 -31.69 48.86
C THR D 373 49.45 -31.29 50.17
N SER D 374 50.69 -31.75 50.38
CA SER D 374 51.45 -31.37 51.57
C SER D 374 51.94 -29.91 51.50
N ALA D 375 52.21 -29.44 50.29
CA ALA D 375 52.65 -28.05 50.06
C ALA D 375 51.50 -27.05 50.24
N MET D 376 50.27 -27.50 49.98
CA MET D 376 49.07 -26.67 50.15
C MET D 376 48.69 -26.49 51.62
N VAL D 377 48.85 -27.55 52.42
CA VAL D 377 48.56 -27.50 53.87
C VAL D 377 49.51 -26.53 54.60
N LYS D 378 50.76 -26.46 54.15
CA LYS D 378 51.75 -25.52 54.69
C LYS D 378 51.24 -24.08 54.58
N LYS D 379 50.80 -23.71 53.38
CA LYS D 379 50.26 -22.39 53.09
C LYS D 379 48.98 -22.08 53.89
N TYR D 380 48.20 -23.12 54.17
CA TYR D 380 46.98 -23.01 54.98
C TYR D 380 47.31 -22.67 56.43
N LEU D 381 48.23 -23.44 57.02
CA LEU D 381 48.75 -23.14 58.36
C LEU D 381 49.50 -21.82 58.40
N HIS D 382 50.16 -21.47 57.29
CA HIS D 382 50.81 -20.17 57.14
C HIS D 382 49.80 -19.04 57.12
N TYR D 383 48.65 -19.29 56.50
CA TYR D 383 47.59 -18.30 56.37
C TYR D 383 46.83 -18.11 57.69
N ILE D 384 46.48 -19.21 58.35
CA ILE D 384 45.71 -19.14 59.61
C ILE D 384 46.53 -18.60 60.80
N ARG D 385 47.80 -18.26 60.53
CA ARG D 385 48.65 -17.54 61.48
C ARG D 385 48.40 -16.03 61.39
N SER D 386 47.76 -15.60 60.29
CA SER D 386 47.44 -14.19 60.04
C SER D 386 45.93 -13.91 60.10
N PHE D 387 45.14 -14.94 59.80
CA PHE D 387 43.67 -14.84 59.77
C PHE D 387 43.06 -15.99 60.58
N ASP D 388 41.91 -15.73 61.19
CA ASP D 388 41.21 -16.72 62.02
C ASP D 388 40.77 -17.92 61.18
N PHE D 389 41.16 -19.12 61.62
CA PHE D 389 40.73 -20.36 60.96
C PHE D 389 39.22 -20.51 61.04
N LYS D 390 38.62 -19.82 62.02
CA LYS D 390 37.17 -19.79 62.22
C LYS D 390 36.47 -19.04 61.08
N ASN D 391 37.24 -18.21 60.38
CA ASN D 391 36.75 -17.40 59.27
C ASN D 391 37.23 -17.79 57.87
N VAL D 392 38.37 -18.48 57.78
CA VAL D 392 39.01 -18.77 56.48
C VAL D 392 38.22 -19.79 55.65
N CYS D 393 37.92 -19.39 54.41
CA CYS D 393 37.24 -20.22 53.42
C CYS D 393 38.14 -20.62 52.25
N LEU D 394 37.96 -21.86 51.80
CA LEU D 394 38.64 -22.40 50.63
C LEU D 394 37.77 -22.36 49.37
N SER D 395 38.41 -22.06 48.25
CA SER D 395 37.75 -22.24 46.96
C SER D 395 38.63 -23.01 45.98
N ILE D 396 38.02 -24.01 45.33
CA ILE D 396 38.66 -24.74 44.24
C ILE D 396 38.07 -24.21 42.92
N ILE D 397 38.93 -23.93 41.94
CA ILE D 397 38.50 -23.32 40.68
C ILE D 397 39.16 -24.00 39.47
N GLY D 398 38.34 -24.44 38.52
CA GLY D 398 38.81 -25.22 37.35
C GLY D 398 38.48 -24.61 36.00
N PHE D 399 39.45 -24.72 35.08
CA PHE D 399 39.32 -24.29 33.68
C PHE D 399 39.67 -25.37 32.67
N GLU D 400 38.77 -25.57 31.70
CA GLU D 400 38.97 -26.52 30.59
C GLU D 400 38.63 -25.89 29.23
N GLY D 401 39.37 -26.28 28.19
CA GLY D 401 39.14 -25.82 26.82
C GLY D 401 40.44 -25.74 26.02
N PRO D 402 40.40 -25.08 24.85
CA PRO D 402 41.63 -24.78 24.11
C PRO D 402 42.54 -23.87 24.92
N LYS D 403 43.84 -23.99 24.70
CA LYS D 403 44.81 -23.14 25.40
C LYS D 403 44.38 -21.68 25.40
N LYS D 404 44.01 -21.16 24.22
CA LYS D 404 43.68 -19.75 24.07
C LYS D 404 42.49 -19.32 24.94
N VAL D 405 41.51 -20.21 25.09
CA VAL D 405 40.32 -19.93 25.90
C VAL D 405 40.60 -19.98 27.41
N VAL D 406 41.23 -21.07 27.84
CA VAL D 406 41.68 -21.23 29.23
C VAL D 406 42.55 -20.04 29.68
N ASP D 407 43.49 -19.63 28.85
CA ASP D 407 44.31 -18.46 29.15
C ASP D 407 43.46 -17.23 29.45
N PHE D 408 42.55 -16.89 28.55
CA PHE D 408 41.70 -15.71 28.72
C PHE D 408 40.82 -15.76 29.99
N HIS D 409 40.22 -16.94 30.24
CA HIS D 409 39.34 -17.10 31.39
C HIS D 409 40.11 -17.05 32.70
N ARG D 410 41.27 -17.74 32.76
CA ARG D 410 42.12 -17.77 33.96
C ARG D 410 42.58 -16.36 34.37
N THR D 411 43.16 -15.61 33.42
CA THR D 411 43.58 -14.25 33.72
C THR D 411 42.43 -13.36 34.22
N SER D 412 41.25 -13.50 33.61
CA SER D 412 40.10 -12.71 34.01
C SER D 412 39.67 -13.07 35.47
N VAL D 413 39.47 -14.36 35.73
CA VAL D 413 39.06 -14.79 37.06
C VAL D 413 40.08 -14.41 38.16
N PHE D 414 41.36 -14.65 37.90
CA PHE D 414 42.43 -14.33 38.84
C PHE D 414 42.48 -12.83 39.20
N ASP D 415 42.27 -11.98 38.21
CA ASP D 415 42.14 -10.54 38.47
C ASP D 415 41.00 -10.22 39.46
N ILE D 416 39.82 -10.76 39.20
CA ILE D 416 38.72 -10.62 40.14
C ILE D 416 39.06 -11.18 41.55
N LEU D 417 39.67 -12.36 41.61
CA LEU D 417 40.08 -12.95 42.88
C LEU D 417 40.98 -12.00 43.70
N SER D 418 42.00 -11.42 43.05
CA SER D 418 42.93 -10.51 43.72
C SER D 418 42.26 -9.26 44.31
N LYS D 419 41.13 -8.88 43.74
CA LYS D 419 40.37 -7.72 44.22
C LYS D 419 39.44 -8.06 45.39
N ASN D 420 39.43 -9.33 45.78
CA ASN D 420 38.58 -9.80 46.88
C ASN D 420 39.36 -10.55 47.95
N ALA D 421 40.66 -10.24 48.03
CA ALA D 421 41.58 -10.77 49.05
C ALA D 421 41.84 -12.28 48.95
N ALA D 422 41.80 -12.81 47.73
CA ALA D 422 42.10 -14.22 47.49
C ALA D 422 43.58 -14.50 47.67
N PHE D 423 43.89 -15.62 48.33
CA PHE D 423 45.27 -16.07 48.50
C PHE D 423 45.52 -17.39 47.78
N GLY D 424 46.39 -17.34 46.77
CA GLY D 424 46.69 -18.49 45.92
C GLY D 424 47.42 -19.65 46.59
N LEU D 425 46.89 -20.85 46.40
CA LEU D 425 47.55 -22.07 46.92
C LEU D 425 48.29 -22.82 45.81
N GLY D 426 48.25 -22.29 44.60
CA GLY D 426 48.79 -22.97 43.41
C GLY D 426 47.83 -23.98 42.81
N SER D 427 48.31 -24.73 41.81
CA SER D 427 47.51 -25.75 41.12
C SER D 427 47.63 -27.12 41.79
N ALA D 428 47.15 -28.17 41.09
CA ALA D 428 47.35 -29.57 41.48
C ALA D 428 46.93 -30.50 40.33
N PRO D 429 47.75 -31.55 40.04
CA PRO D 429 47.52 -32.58 39.01
C PRO D 429 46.08 -33.10 38.89
N GLY D 430 45.51 -32.96 37.68
CA GLY D 430 44.14 -33.40 37.39
C GLY D 430 43.08 -32.63 38.14
N LYS D 431 41.86 -33.19 38.16
CA LYS D 431 40.73 -32.56 38.83
C LYS D 431 40.59 -33.13 40.25
N THR D 432 41.67 -33.66 40.79
CA THR D 432 41.59 -34.57 41.96
C THR D 432 41.30 -33.90 43.31
N TRP D 433 41.70 -32.64 43.49
CA TRP D 433 41.34 -31.90 44.69
C TRP D 433 39.84 -31.64 44.73
N ALA D 434 39.29 -31.31 43.56
CA ALA D 434 37.85 -31.18 43.39
C ALA D 434 37.16 -32.55 43.38
N GLU D 435 37.91 -33.63 43.52
CA GLU D 435 37.29 -34.96 43.45
C GLU D 435 37.12 -35.63 44.82
N LYS D 436 37.73 -35.03 45.85
CA LYS D 436 37.58 -35.41 47.25
C LYS D 436 36.10 -35.45 47.70
N ARG D 437 35.27 -34.69 47.00
CA ARG D 437 33.83 -34.73 47.24
C ARG D 437 33.27 -36.15 47.10
N TYR D 438 33.86 -36.96 46.22
CA TYR D 438 33.38 -38.34 46.00
C TYR D 438 33.56 -39.23 47.23
N ASP D 439 34.47 -38.84 48.12
CA ASP D 439 34.77 -39.61 49.31
C ASP D 439 33.85 -39.33 50.50
N LEU D 440 33.16 -38.19 50.49
CA LEU D 440 32.31 -37.81 51.66
C LEU D 440 31.32 -38.90 52.14
N PRO D 441 30.62 -39.57 51.21
CA PRO D 441 29.67 -40.62 51.68
C PRO D 441 30.30 -41.81 52.37
N TYR D 442 31.61 -42.02 52.17
CA TYR D 442 32.32 -43.08 52.86
C TYR D 442 32.49 -42.64 54.32
N ILE D 443 32.69 -41.34 54.55
CA ILE D 443 32.76 -40.84 55.91
C ILE D 443 31.39 -41.00 56.62
N ARG D 444 30.29 -40.77 55.91
CA ARG D 444 28.98 -40.96 56.52
C ARG D 444 28.77 -42.37 57.11
N ASP D 445 29.18 -43.39 56.35
CA ASP D 445 29.13 -44.77 56.81
C ASP D 445 29.91 -44.98 58.11
N PHE D 446 31.09 -44.34 58.25
CA PHE D 446 31.88 -44.42 59.47
C PHE D 446 31.17 -43.75 60.65
N LEU D 447 30.55 -42.60 60.42
CA LEU D 447 29.77 -41.93 61.47
C LEU D 447 28.61 -42.80 61.94
N LEU D 448 27.95 -43.43 60.97
CA LEU D 448 26.83 -44.32 61.23
C LEU D 448 27.23 -45.56 62.01
N ASP D 449 28.49 -46.02 61.84
CA ASP D 449 29.06 -47.13 62.61
C ASP D 449 29.35 -46.71 64.07
N HIS D 450 29.41 -45.40 64.33
CA HIS D 450 29.84 -44.87 65.62
C HIS D 450 28.92 -43.84 66.29
N ASN D 451 27.63 -44.14 66.31
CA ASN D 451 26.64 -43.39 67.12
C ASN D 451 26.36 -41.98 66.61
N MET D 452 26.65 -41.75 65.35
CA MET D 452 26.47 -40.45 64.72
C MET D 452 25.62 -40.56 63.45
N TRP D 453 25.12 -39.41 62.99
CA TRP D 453 24.42 -39.32 61.74
C TRP D 453 24.72 -38.01 61.04
N VAL D 454 24.52 -38.01 59.72
CA VAL D 454 24.71 -36.83 58.90
C VAL D 454 23.69 -36.78 57.75
N ASP D 455 23.11 -35.60 57.56
CA ASP D 455 22.17 -35.39 56.51
C ASP D 455 22.51 -34.11 55.77
N VAL D 456 21.78 -33.85 54.70
CA VAL D 456 22.03 -32.74 53.79
C VAL D 456 20.78 -31.93 53.49
N ALA D 457 20.97 -30.65 53.13
CA ALA D 457 19.88 -29.83 52.62
C ALA D 457 20.45 -28.88 51.60
N GLU D 458 19.77 -28.79 50.47
CA GLU D 458 20.18 -27.94 49.35
C GLU D 458 19.10 -26.90 49.06
N THR D 459 19.51 -25.69 48.69
CA THR D 459 18.55 -24.61 48.41
C THR D 459 19.17 -23.49 47.60
N THR D 460 18.31 -22.75 46.89
CA THR D 460 18.72 -21.58 46.13
C THR D 460 18.34 -20.39 46.99
N VAL D 461 19.26 -19.43 47.11
CA VAL D 461 19.04 -18.25 47.90
C VAL D 461 19.70 -17.04 47.19
N SER D 462 19.04 -15.89 47.26
CA SER D 462 19.58 -14.67 46.64
C SER D 462 20.83 -14.19 47.40
N TYR D 463 21.64 -13.33 46.77
CA TYR D 463 22.85 -12.87 47.44
C TYR D 463 22.51 -12.00 48.65
N ALA D 464 21.36 -11.33 48.59
CA ALA D 464 20.96 -10.45 49.67
C ALA D 464 20.48 -11.19 50.93
N ASN D 465 20.02 -12.42 50.77
CA ASN D 465 19.63 -13.25 51.90
C ASN D 465 20.71 -14.25 52.31
N LEU D 466 21.62 -14.54 51.38
CA LEU D 466 22.59 -15.63 51.49
C LEU D 466 23.33 -15.70 52.83
N GLN D 467 23.97 -14.62 53.20
CA GLN D 467 24.86 -14.64 54.37
C GLN D 467 24.09 -14.70 55.69
N THR D 468 22.88 -14.14 55.73
CA THR D 468 22.02 -14.27 56.92
C THR D 468 21.33 -15.64 57.03
N LEU D 469 20.99 -16.26 55.89
CA LEU D 469 20.49 -17.66 55.89
C LEU D 469 21.61 -18.58 56.38
N TRP D 470 22.77 -18.46 55.76
CA TRP D 470 23.98 -19.20 56.16
C TRP D 470 24.25 -19.11 57.67
N LYS D 471 24.39 -17.89 58.19
CA LYS D 471 24.66 -17.69 59.63
C LYS D 471 23.54 -18.18 60.56
N ASP D 472 22.28 -17.89 60.20
CA ASP D 472 21.12 -18.22 61.02
C ASP D 472 20.89 -19.74 61.09
N ALA D 473 20.90 -20.40 59.92
CA ALA D 473 20.76 -21.86 59.87
C ALA D 473 21.83 -22.57 60.72
N LYS D 474 23.09 -22.14 60.59
CA LYS D 474 24.22 -22.72 61.30
C LYS D 474 24.11 -22.56 62.83
N GLN D 475 23.80 -21.33 63.27
CA GLN D 475 23.65 -21.01 64.68
C GLN D 475 22.45 -21.75 65.25
N THR D 476 21.32 -21.68 64.56
CA THR D 476 20.07 -22.36 64.96
C THR D 476 20.21 -23.89 65.12
N PHE D 477 20.89 -24.53 64.18
CA PHE D 477 21.10 -25.98 64.23
C PHE D 477 21.91 -26.42 65.47
N VAL D 478 23.06 -25.77 65.67
CA VAL D 478 23.94 -26.07 66.80
C VAL D 478 23.26 -25.77 68.16
N LYS D 479 22.60 -24.62 68.27
CA LYS D 479 21.89 -24.27 69.51
C LYS D 479 20.77 -25.28 69.85
N HIS D 480 19.99 -25.67 68.83
CA HIS D 480 18.92 -26.68 69.00
C HIS D 480 19.40 -27.88 69.82
N PHE D 481 20.61 -28.35 69.50
CA PHE D 481 21.19 -29.52 70.15
C PHE D 481 22.02 -29.20 71.40
N LYS D 482 22.82 -28.14 71.33
CA LYS D 482 23.66 -27.73 72.48
C LYS D 482 22.79 -27.43 73.70
N ASP D 483 21.61 -26.85 73.47
CA ASP D 483 20.63 -26.58 74.54
C ASP D 483 19.96 -27.84 75.08
N GLN D 484 20.18 -28.97 74.42
CA GLN D 484 19.77 -30.29 74.93
C GLN D 484 20.97 -31.04 75.50
N GLY D 485 22.13 -30.36 75.53
CA GLY D 485 23.42 -30.97 75.91
C GLY D 485 23.95 -31.95 74.88
N ILE D 486 23.38 -31.92 73.68
CA ILE D 486 23.74 -32.84 72.59
C ILE D 486 24.68 -32.14 71.60
N PRO D 487 25.84 -32.77 71.29
CA PRO D 487 26.76 -32.15 70.33
C PRO D 487 26.21 -32.17 68.88
N ALA D 488 26.49 -31.10 68.15
CA ALA D 488 26.11 -30.98 66.74
C ALA D 488 27.15 -30.18 65.95
N TRP D 489 27.31 -30.52 64.67
CA TRP D 489 28.26 -29.87 63.76
C TRP D 489 27.55 -29.64 62.43
N ILE D 490 27.76 -28.45 61.84
CA ILE D 490 27.17 -28.12 60.54
C ILE D 490 28.18 -27.37 59.66
N CYS D 491 28.16 -27.65 58.35
CA CYS D 491 28.99 -26.90 57.39
C CYS D 491 28.23 -26.63 56.09
N ALA D 492 28.87 -25.90 55.18
CA ALA D 492 28.20 -25.49 53.94
C ALA D 492 29.19 -25.22 52.82
N HIS D 493 28.76 -25.54 51.61
CA HIS D 493 29.48 -25.13 50.41
C HIS D 493 28.53 -24.54 49.38
N ILE D 494 29.12 -23.79 48.46
CA ILE D 494 28.43 -23.31 47.26
C ILE D 494 29.04 -23.96 46.00
N SER D 495 28.19 -24.66 45.24
CA SER D 495 28.65 -25.36 44.03
C SER D 495 28.22 -24.72 42.70
N HIS D 496 27.18 -23.88 42.73
CA HIS D 496 26.74 -23.16 41.52
C HIS D 496 26.35 -21.74 41.87
N THR D 497 26.45 -20.86 40.89
CA THR D 497 25.98 -19.48 41.03
C THR D 497 25.00 -19.12 39.91
N TYR D 498 24.16 -18.13 40.19
CA TYR D 498 23.22 -17.61 39.21
C TYR D 498 23.29 -16.07 39.19
N THR D 499 22.48 -15.43 38.36
CA THR D 499 22.53 -13.97 38.20
C THR D 499 22.36 -13.23 39.53
N ASN D 500 21.38 -13.65 40.33
CA ASN D 500 21.09 -12.99 41.60
C ASN D 500 21.24 -13.88 42.84
N GLY D 501 21.97 -14.99 42.73
CA GLY D 501 22.06 -15.92 43.86
C GLY D 501 22.94 -17.14 43.71
N VAL D 502 22.85 -18.03 44.70
CA VAL D 502 23.67 -19.27 44.67
C VAL D 502 22.86 -20.48 45.08
N CYS D 503 23.42 -21.65 44.78
CA CYS D 503 22.98 -22.89 45.38
C CYS D 503 23.83 -23.15 46.63
N LEU D 504 23.17 -23.05 47.79
CA LEU D 504 23.81 -23.30 49.08
C LEU D 504 23.47 -24.71 49.61
N TYR D 505 24.54 -25.45 49.95
CA TYR D 505 24.49 -26.86 50.32
C TYR D 505 24.97 -27.01 51.77
N PHE D 506 24.05 -27.39 52.64
CA PHE D 506 24.39 -27.67 54.03
C PHE D 506 24.62 -29.17 54.23
N ILE D 507 25.63 -29.47 55.05
CA ILE D 507 25.87 -30.81 55.59
C ILE D 507 25.78 -30.71 57.11
N PHE D 508 24.89 -31.50 57.72
CA PHE D 508 24.68 -31.37 59.16
C PHE D 508 24.66 -32.69 59.91
N ALA D 509 25.31 -32.70 61.08
CA ALA D 509 25.55 -33.94 61.82
C ALA D 509 25.25 -33.80 63.31
N SER D 510 24.87 -34.92 63.94
CA SER D 510 24.68 -35.00 65.39
C SER D 510 24.85 -36.44 65.88
N LYS D 511 24.51 -36.67 67.15
CA LYS D 511 24.59 -38.01 67.71
C LYS D 511 23.27 -38.73 67.51
N GLN D 512 23.31 -40.05 67.39
CA GLN D 512 22.08 -40.84 67.46
C GLN D 512 21.65 -40.83 68.93
N ASN D 513 20.34 -40.67 69.17
CA ASN D 513 19.86 -40.46 70.53
C ASN D 513 19.75 -41.76 71.33
N ALA D 519 12.71 -40.71 63.35
CA ALA D 519 11.89 -39.94 64.28
C ALA D 519 12.59 -38.65 64.74
N GLN D 520 13.88 -38.77 65.04
CA GLN D 520 14.74 -37.64 65.43
C GLN D 520 15.33 -36.96 64.19
N TYR D 521 15.43 -37.74 63.11
CA TYR D 521 16.08 -37.30 61.87
C TYR D 521 15.17 -36.38 61.07
N ILE D 522 13.86 -36.64 61.14
CA ILE D 522 12.85 -35.75 60.57
C ILE D 522 12.78 -34.41 61.33
N GLU D 523 12.96 -34.46 62.64
CA GLU D 523 12.99 -33.26 63.50
C GLU D 523 14.18 -32.33 63.21
N ALA D 524 15.32 -32.90 62.84
CA ALA D 524 16.49 -32.11 62.46
C ALA D 524 16.35 -31.61 61.02
N LYS D 525 15.71 -32.41 60.17
CA LYS D 525 15.45 -32.04 58.79
C LYS D 525 14.39 -30.93 58.72
N LYS D 526 13.38 -31.01 59.58
CA LYS D 526 12.33 -29.97 59.64
C LYS D 526 12.88 -28.63 60.14
N LEU D 527 13.81 -28.67 61.10
CA LEU D 527 14.46 -27.44 61.56
C LEU D 527 15.16 -26.73 60.41
N MET D 528 15.92 -27.48 59.62
CA MET D 528 16.62 -26.94 58.46
C MET D 528 15.65 -26.51 57.37
N THR D 529 14.58 -27.29 57.21
CA THR D 529 13.49 -27.00 56.26
C THR D 529 12.75 -25.71 56.61
N ASP D 530 12.46 -25.52 57.89
CA ASP D 530 11.78 -24.31 58.37
C ASP D 530 12.65 -23.07 58.17
N ILE D 531 13.91 -23.14 58.60
CA ILE D 531 14.82 -21.99 58.50
C ILE D 531 15.21 -21.64 57.06
N ILE D 532 15.21 -22.62 56.15
CA ILE D 532 15.45 -22.36 54.72
C ILE D 532 14.28 -21.59 54.08
N PHE D 533 13.06 -22.10 54.29
CA PHE D 533 11.81 -21.43 53.85
C PHE D 533 11.75 -19.98 54.32
N LYS D 534 12.04 -19.76 55.60
CA LYS D 534 12.13 -18.44 56.23
C LYS D 534 13.08 -17.46 55.51
N TYR D 535 13.70 -17.89 54.41
CA TYR D 535 14.59 -17.02 53.60
C TYR D 535 14.37 -17.15 52.09
N GLY D 536 13.27 -17.80 51.71
CA GLY D 536 12.87 -17.92 50.31
C GLY D 536 13.76 -18.78 49.44
N GLY D 537 14.14 -19.96 49.94
CA GLY D 537 14.93 -20.91 49.16
C GLY D 537 14.11 -22.00 48.47
N SER D 538 14.62 -22.50 47.34
CA SER D 538 13.99 -23.63 46.64
C SER D 538 13.90 -24.88 47.50
N LEU D 539 13.04 -25.81 47.11
CA LEU D 539 12.77 -27.03 47.89
C LEU D 539 12.84 -28.27 47.00
N GLY D 560 -2.60 -27.00 37.84
CA GLY D 560 -3.44 -27.71 36.85
C GLY D 560 -2.67 -28.75 36.06
N TRP D 561 -1.37 -28.78 36.33
CA TRP D 561 -0.48 -29.72 35.65
C TRP D 561 -0.68 -31.16 36.13
N ILE D 562 -1.28 -31.33 37.31
CA ILE D 562 -1.59 -32.72 37.77
C ILE D 562 -2.48 -33.48 36.79
N ASN D 563 -3.51 -32.81 36.25
CA ASN D 563 -4.37 -33.42 35.25
C ASN D 563 -3.69 -33.70 33.93
N VAL D 564 -2.73 -32.84 33.57
CA VAL D 564 -1.90 -33.06 32.39
C VAL D 564 -0.98 -34.29 32.60
N TYR D 565 -0.30 -34.34 33.74
CA TYR D 565 0.51 -35.55 34.07
C TYR D 565 -0.36 -36.83 34.13
N ARG D 566 -1.50 -36.74 34.79
CA ARG D 566 -2.46 -37.88 34.84
C ARG D 566 -2.80 -38.40 33.47
N SER D 567 -3.02 -37.48 32.53
CA SER D 567 -3.32 -37.77 31.13
C SER D 567 -2.22 -38.56 30.41
N LEU D 568 -0.97 -38.09 30.54
CA LEU D 568 0.17 -38.76 30.00
C LEU D 568 0.30 -40.18 30.60
N LYS D 569 0.26 -40.24 31.92
CA LYS D 569 0.42 -41.49 32.68
C LYS D 569 -0.61 -42.55 32.22
N GLU D 570 -1.87 -42.12 32.08
CA GLU D 570 -2.98 -43.04 31.69
C GLU D 570 -2.93 -43.50 30.24
N THR D 571 -2.37 -42.68 29.35
CA THR D 571 -2.22 -43.01 27.95
C THR D 571 -1.02 -43.92 27.72
N ILE D 572 0.08 -43.58 28.38
CA ILE D 572 1.33 -44.32 28.19
C ILE D 572 1.35 -45.65 28.98
N ASP D 573 0.79 -45.63 30.18
CA ASP D 573 0.86 -46.73 31.18
C ASP D 573 -0.57 -46.96 31.74
N PRO D 574 -1.49 -47.48 30.92
CA PRO D 574 -2.91 -47.64 31.36
C PRO D 574 -3.11 -48.51 32.58
N LYS D 575 -2.29 -49.56 32.74
CA LYS D 575 -2.39 -50.44 33.93
C LYS D 575 -1.59 -49.96 35.16
N ASP D 576 -0.94 -48.80 35.04
CA ASP D 576 -0.14 -48.24 36.14
C ASP D 576 0.94 -49.22 36.66
N ILE D 577 1.67 -49.86 35.76
CA ILE D 577 2.76 -50.81 36.15
C ILE D 577 4.15 -50.11 36.30
N CYS D 578 4.27 -48.93 35.75
CA CYS D 578 5.59 -48.22 35.78
C CYS D 578 5.73 -47.40 37.03
N ASN D 579 6.51 -47.93 37.97
CA ASN D 579 6.78 -47.27 39.25
C ASN D 579 5.57 -46.51 39.86
N PRO D 580 4.47 -47.24 40.17
CA PRO D 580 3.27 -46.56 40.66
C PRO D 580 3.54 -45.80 41.95
N ARG D 581 2.84 -44.67 42.09
CA ARG D 581 3.00 -43.74 43.22
C ARG D 581 1.61 -43.13 43.48
N LYS D 582 1.37 -42.68 44.71
CA LYS D 582 0.09 -42.04 45.08
C LYS D 582 0.09 -40.50 45.15
PA FAD E . -13.73 45.57 -36.74
O1A FAD E . -12.20 45.80 -36.78
O2A FAD E . -14.64 46.73 -36.98
O5B FAD E . -14.06 44.37 -37.72
C5B FAD E . -13.42 43.07 -37.54
C4B FAD E . -14.06 42.07 -38.51
O4B FAD E . -15.40 41.80 -38.05
C3B FAD E . -14.18 42.61 -39.90
O3B FAD E . -14.06 41.59 -40.88
C2B FAD E . -15.60 43.08 -39.97
O2B FAD E . -16.02 43.17 -41.31
C1B FAD E . -16.32 42.03 -39.10
N9A FAD E . -17.49 42.58 -38.39
C8A FAD E . -17.57 43.63 -37.53
N7A FAD E . -18.84 43.77 -37.11
C5A FAD E . -19.60 42.81 -37.72
C6A FAD E . -20.96 42.46 -37.69
N6A FAD E . -21.82 43.03 -36.84
N1A FAD E . -21.36 41.38 -38.43
C2A FAD E . -20.52 40.68 -39.23
N3A FAD E . -19.16 40.99 -39.25
C4A FAD E . -18.73 42.04 -38.49
N1 FAD E . -7.82 40.92 -30.31
C2 FAD E . -7.95 39.89 -29.41
O2 FAD E . -8.44 38.83 -29.81
N3 FAD E . -7.56 40.04 -28.12
C4 FAD E . -6.93 41.20 -27.70
O4 FAD E . -6.60 41.27 -26.53
C4X FAD E . -6.76 42.27 -28.60
N5 FAD E . -6.17 43.47 -28.18
C5X FAD E . -5.98 44.48 -29.12
C6 FAD E . -5.32 45.68 -28.71
C7 FAD E . -5.16 46.72 -29.66
C7M FAD E . -4.48 48.00 -29.14
C8 FAD E . -5.62 46.56 -30.98
C8M FAD E . -5.47 47.60 -32.06
C9 FAD E . -6.27 45.35 -31.38
C9A FAD E . -6.42 44.33 -30.42
N10 FAD E . -7.07 43.13 -30.82
C10 FAD E . -7.21 42.12 -29.90
C1' FAD E . -7.71 43.03 -32.17
C2' FAD E . -9.17 43.55 -32.43
O2' FAD E . -9.45 44.59 -31.50
C3' FAD E . -10.21 42.43 -32.12
O3' FAD E . -10.19 41.50 -33.20
C4' FAD E . -11.68 42.94 -31.98
O4' FAD E . -12.52 41.77 -31.86
C5' FAD E . -12.17 43.68 -33.22
O5' FAD E . -13.43 44.30 -32.93
P FAD E . -14.00 45.50 -33.76
O1P FAD E . -15.39 45.94 -33.32
O2P FAD E . -13.01 46.71 -33.63
O3P FAD E . -14.01 44.99 -35.26
C1 PL3 F . -1.69 45.59 -32.30
O1 PL3 F . -2.25 45.27 -31.24
C2 PL3 F . -1.06 46.95 -32.42
C3 PL3 F . -0.31 47.30 -31.13
C4 PL3 F . -0.89 48.54 -30.49
C5 PL3 F . -0.51 48.59 -29.02
C6 PL3 F . 1.00 48.56 -28.89
C7 PL3 F . 1.43 49.56 -27.85
C8 PL3 F . 2.58 49.02 -27.02
C9 PL3 F . 3.21 50.17 -26.27
CA PL3 F . 4.61 49.88 -25.78
CB PL3 F . 5.51 51.04 -26.17
CC PL3 F . 6.60 51.21 -25.13
CD PL3 F . 7.39 52.49 -25.38
CE PL3 F . 8.82 52.19 -25.80
CF PL3 F . 9.77 52.89 -24.84
CG PL3 F . 11.21 52.54 -25.11
PA FAD G . -24.53 4.27 -32.74
O1A FAD G . -25.93 3.98 -32.18
O2A FAD G . -23.80 3.02 -33.24
O5B FAD G . -24.53 5.38 -33.82
C5B FAD G . -25.18 6.62 -33.48
C4B FAD G . -25.01 7.53 -34.69
O4B FAD G . -23.59 7.86 -34.84
C3B FAD G . -25.43 6.88 -35.96
O3B FAD G . -25.94 7.84 -36.86
C2B FAD G . -24.12 6.34 -36.51
O2B FAD G . -24.24 6.24 -37.89
C1B FAD G . -23.17 7.48 -36.12
N9A FAD G . -21.80 7.00 -35.89
C8A FAD G . -21.34 6.05 -35.04
N7A FAD G . -19.99 5.92 -35.16
C5A FAD G . -19.58 6.83 -36.10
C6A FAD G . -18.32 7.19 -36.62
N6A FAD G . -17.16 6.68 -36.16
N1A FAD G . -18.28 8.18 -37.55
C2A FAD G . -19.40 8.83 -38.01
N3A FAD G . -20.66 8.49 -37.48
C4A FAD G . -20.71 7.52 -36.54
N1 FAD G . -27.55 9.45 -24.93
C2 FAD G . -27.06 10.55 -24.25
O2 FAD G . -26.77 11.55 -24.91
N3 FAD G . -26.92 10.53 -22.90
C4 FAD G . -27.28 9.43 -22.15
O4 FAD G . -27.10 9.50 -20.93
C4X FAD G . -27.80 8.30 -22.85
N5 FAD G . -28.17 7.14 -22.18
C5X FAD G . -28.68 6.07 -22.86
C6 FAD G . -29.08 4.91 -22.12
C7 FAD G . -29.60 3.81 -22.80
C7M FAD G . -30.02 2.58 -21.96
C8 FAD G . -29.72 3.87 -24.19
C8M FAD G . -30.26 2.77 -25.04
C9 FAD G . -29.33 5.02 -24.91
C9A FAD G . -28.82 6.13 -24.24
N10 FAD G . -28.37 7.26 -24.98
C10 FAD G . -27.91 8.34 -24.24
C1' FAD G . -28.28 7.22 -26.47
C2' FAD G . -26.98 6.63 -27.16
O2' FAD G . -26.38 5.66 -26.31
C3' FAD G . -25.91 7.75 -27.35
O3' FAD G . -26.37 8.66 -28.33
C4' FAD G . -24.54 7.26 -27.91
O4' FAD G . -23.81 8.44 -28.31
C5' FAD G . -24.59 6.44 -29.21
O5' FAD G . -23.33 5.77 -29.28
P FAD G . -23.12 4.46 -30.12
O1P FAD G . -21.67 4.11 -30.15
O2P FAD G . -23.92 3.27 -29.46
O3P FAD G . -23.68 4.90 -31.53
C1 PL3 H . -32.64 5.43 -22.87
O1 PL3 H . -32.73 6.64 -22.82
C2 PL3 H . -33.65 4.63 -23.67
C3 PL3 H . -33.88 3.25 -23.06
C4 PL3 H . -33.86 3.30 -21.53
C5 PL3 H . -33.91 1.91 -20.92
C6 PL3 H . -35.13 1.77 -20.03
C7 PL3 H . -34.81 1.79 -18.54
C8 PL3 H . -35.67 0.77 -17.80
C9 PL3 H . -36.15 1.22 -16.42
CA PL3 H . -36.95 0.06 -15.82
CB PL3 H . -37.84 0.42 -14.64
CC PL3 H . -38.76 -0.76 -14.36
CD PL3 H . -39.10 -0.92 -12.88
CE PL3 H . -40.28 -1.88 -12.67
CF PL3 H . -41.54 -1.15 -12.23
CG PL3 H . -42.80 -1.93 -12.58
PA FAD I . 1.18 -15.77 14.18
O1A FAD I . 1.43 -15.99 12.72
O2A FAD I . 0.12 -14.73 14.57
O5B FAD I . 0.72 -17.17 14.85
C5B FAD I . 1.61 -18.32 14.82
C4B FAD I . 1.06 -19.51 15.62
O4B FAD I . 1.15 -19.23 16.99
C3B FAD I . -0.39 -19.79 15.32
O3B FAD I . -0.72 -21.19 15.55
C2B FAD I . -1.10 -18.98 16.40
O2B FAD I . -2.39 -19.53 16.70
C1B FAD I . -0.12 -19.11 17.56
N9A FAD I . -0.14 -18.02 18.55
C8A FAD I . 0.11 -16.68 18.35
N7A FAD I . 0.00 -16.03 19.54
C5A FAD I . -0.32 -16.97 20.47
C6A FAD I . -0.59 -16.90 21.84
N6A FAD I . -0.40 -15.79 22.54
N1A FAD I . -0.90 -18.05 22.53
C2A FAD I . -0.96 -19.27 21.91
N3A FAD I . -0.76 -19.35 20.56
C4A FAD I . -0.42 -18.21 19.86
N1 FAD I . 10.32 -18.01 11.59
C2 FAD I . 11.44 -18.34 12.29
O2 FAD I . 11.39 -19.27 13.10
N3 FAD I . 12.64 -17.66 12.07
C4 FAD I . 12.69 -16.66 11.13
O4 FAD I . 13.78 -16.09 10.95
C4X FAD I . 11.56 -16.30 10.42
N5 FAD I . 11.57 -15.27 9.46
C5X FAD I . 10.46 -14.98 8.75
C6 FAD I . 10.51 -13.97 7.81
C7 FAD I . 9.39 -13.63 7.10
C7M FAD I . 9.47 -12.54 6.07
C8 FAD I . 8.18 -14.31 7.32
C8M FAD I . 6.97 -13.93 6.52
C9 FAD I . 8.12 -15.31 8.29
C9A FAD I . 9.25 -15.65 9.02
N10 FAD I . 9.22 -16.64 9.98
C10 FAD I . 10.36 -16.98 10.66
C1' FAD I . 7.88 -17.25 10.43
C2' FAD I . 7.12 -16.51 11.56
O2' FAD I . 7.35 -15.09 11.49
C3' FAD I . 7.41 -17.03 12.99
O3' FAD I . 6.91 -18.35 13.15
C4' FAD I . 6.86 -16.18 14.16
O4' FAD I . 7.23 -16.75 15.40
C5' FAD I . 5.32 -16.07 14.18
O5' FAD I . 4.94 -15.05 15.09
P FAD I . 3.55 -14.26 14.88
O1P FAD I . 3.39 -13.32 16.02
O2P FAD I . 3.36 -13.66 13.56
O3P FAD I . 2.52 -15.52 15.06
C1 PL3 J . 9.87 -16.93 5.68
O1 PL3 J . 10.88 -17.61 5.85
C2 PL3 J . 9.32 -16.58 4.31
C3 PL3 J . 10.16 -15.46 3.71
C4 PL3 J . 9.61 -15.05 2.35
C5 PL3 J . 9.80 -13.56 2.08
C6 PL3 J . 11.22 -13.31 1.60
C7 PL3 J . 11.19 -12.56 0.28
C8 PL3 J . 12.49 -12.75 -0.48
C9 PL3 J . 12.63 -11.61 -1.48
CA PL3 J . 13.97 -11.64 -2.18
CB PL3 J . 13.99 -10.64 -3.35
CC PL3 J . 14.71 -11.26 -4.55
CD PL3 J . 14.68 -10.33 -5.77
CE PL3 J . 14.81 -11.13 -7.06
CF PL3 J . 15.17 -10.24 -8.24
CG PL3 J . 15.57 -11.08 -9.44
PA FAD K . 18.61 -44.55 40.76
O1A FAD K . 18.64 -44.19 42.19
O2A FAD K . 18.90 -46.01 40.42
O5B FAD K . 17.16 -44.20 40.15
C5B FAD K . 16.65 -42.86 40.14
C4B FAD K . 15.25 -42.73 39.48
O4B FAD K . 15.40 -42.89 38.10
C3B FAD K . 14.27 -43.80 39.94
O3B FAD K . 12.92 -43.30 39.83
C2B FAD K . 14.42 -44.90 38.90
O2B FAD K . 13.20 -45.66 38.81
C1B FAD K . 14.70 -44.07 37.66
N9A FAD K . 15.47 -44.70 36.58
C8A FAD K . 16.74 -45.21 36.73
N7A FAD K . 17.13 -45.67 35.54
C5A FAD K . 16.15 -45.47 34.65
C6A FAD K . 16.01 -45.79 33.31
N6A FAD K . 16.94 -46.44 32.64
N1A FAD K . 14.85 -45.45 32.69
C2A FAD K . 13.80 -44.79 33.33
N3A FAD K . 13.92 -44.52 34.67
C4A FAD K . 15.08 -44.85 35.30
N1 FAD K . 21.98 -35.63 42.61
C2 FAD K . 22.26 -34.50 41.83
O2 FAD K . 21.40 -34.07 41.05
N3 FAD K . 23.48 -33.85 41.98
C4 FAD K . 24.43 -34.27 42.88
O4 FAD K . 25.51 -33.63 42.93
C4X FAD K . 24.15 -35.40 43.67
N5 FAD K . 25.06 -35.87 44.59
C5X FAD K . 24.76 -36.98 45.39
C6 FAD K . 25.68 -37.45 46.33
C7 FAD K . 25.38 -38.56 47.11
C7M FAD K . 26.40 -39.04 48.13
C8 FAD K . 24.13 -39.21 46.96
C8M FAD K . 23.72 -40.41 47.77
C9 FAD K . 23.25 -38.74 46.01
C9A FAD K . 23.54 -37.65 45.21
N10 FAD K . 22.62 -37.20 44.25
C10 FAD K . 22.90 -36.06 43.52
C1' FAD K . 21.35 -38.00 43.92
C2' FAD K . 21.48 -39.07 42.80
O2' FAD K . 22.78 -39.65 42.76
C3' FAD K . 21.06 -38.59 41.40
O3' FAD K . 19.63 -38.32 41.40
C4' FAD K . 21.37 -39.57 40.28
O4' FAD K . 20.98 -38.99 39.07
C5' FAD K . 20.70 -40.98 40.46
O5' FAD K . 21.12 -41.87 39.41
P FAD K . 21.12 -43.46 39.75
O1P FAD K . 21.63 -44.11 38.54
O2P FAD K . 21.58 -43.98 41.05
O3P FAD K . 19.49 -43.63 39.78
C1 PL3 L . 25.39 -37.18 51.42
O1 PL3 L . 25.41 -36.47 50.42
C2 PL3 L . 26.67 -37.61 52.09
C3 PL3 L . 26.98 -36.65 53.22
C4 PL3 L . 28.29 -37.02 53.90
C5 PL3 L . 29.12 -35.78 54.14
C6 PL3 L . 30.41 -36.15 54.88
C7 PL3 L . 30.70 -35.15 55.99
C8 PL3 L . 31.26 -35.89 57.21
C9 PL3 L . 31.16 -35.04 58.46
CA PL3 L . 32.42 -35.20 59.32
CB PL3 L . 32.26 -34.43 60.62
CC PL3 L . 32.42 -35.32 61.84
CD PL3 L . 32.04 -34.58 63.13
CE PL3 L . 30.58 -34.84 63.53
CF PL3 L . 30.41 -34.88 65.04
CG PL3 L . 28.97 -34.66 65.45
#